data_1HCV
# 
_entry.id   1HCV 
# 
_audit_conform.dict_name       mmcif_pdbx.dic 
_audit_conform.dict_version    5.397 
_audit_conform.dict_location   http://mmcif.pdb.org/dictionaries/ascii/mmcif_pdbx.dic 
# 
loop_
_database_2.database_id 
_database_2.database_code 
_database_2.pdbx_database_accession 
_database_2.pdbx_DOI 
PDB   1HCV         pdb_00001hcv 10.2210/pdb1hcv/pdb 
WWPDB D_1000173786 ?            ?                   
# 
loop_
_pdbx_audit_revision_history.ordinal 
_pdbx_audit_revision_history.data_content_type 
_pdbx_audit_revision_history.major_revision 
_pdbx_audit_revision_history.minor_revision 
_pdbx_audit_revision_history.revision_date 
1 'Structure model' 1 0 1997-07-23 
2 'Structure model' 1 1 2008-03-24 
3 'Structure model' 1 2 2011-07-13 
4 'Structure model' 1 3 2024-04-03 
5 'Structure model' 1 4 2024-10-09 
# 
_pdbx_audit_revision_details.ordinal             1 
_pdbx_audit_revision_details.revision_ordinal    1 
_pdbx_audit_revision_details.data_content_type   'Structure model' 
_pdbx_audit_revision_details.provider            repository 
_pdbx_audit_revision_details.type                'Initial release' 
_pdbx_audit_revision_details.description         ? 
_pdbx_audit_revision_details.details             ? 
# 
loop_
_pdbx_audit_revision_group.ordinal 
_pdbx_audit_revision_group.revision_ordinal 
_pdbx_audit_revision_group.data_content_type 
_pdbx_audit_revision_group.group 
1 2 'Structure model' 'Version format compliance' 
2 3 'Structure model' 'Version format compliance' 
3 4 'Structure model' 'Data collection'           
4 4 'Structure model' 'Database references'       
5 4 'Structure model' 'Refinement description'    
6 5 'Structure model' 'Structure summary'         
# 
loop_
_pdbx_audit_revision_category.ordinal 
_pdbx_audit_revision_category.revision_ordinal 
_pdbx_audit_revision_category.data_content_type 
_pdbx_audit_revision_category.category 
1 4 'Structure model' chem_comp_atom                
2 4 'Structure model' chem_comp_bond                
3 4 'Structure model' database_2                    
4 4 'Structure model' pdbx_initial_refinement_model 
5 5 'Structure model' pdbx_entry_details            
6 5 'Structure model' pdbx_modification_feature     
# 
loop_
_pdbx_audit_revision_item.ordinal 
_pdbx_audit_revision_item.revision_ordinal 
_pdbx_audit_revision_item.data_content_type 
_pdbx_audit_revision_item.item 
1 4 'Structure model' '_database_2.pdbx_DOI'                
2 4 'Structure model' '_database_2.pdbx_database_accession' 
# 
_pdbx_database_status.status_code                     REL 
_pdbx_database_status.entry_id                        1HCV 
_pdbx_database_status.recvd_initial_deposition_date   1996-07-13 
_pdbx_database_status.deposit_site                    ? 
_pdbx_database_status.process_site                    BNL 
_pdbx_database_status.SG_entry                        . 
_pdbx_database_status.pdb_format_compatible           Y 
_pdbx_database_status.status_code_mr                  ? 
_pdbx_database_status.status_code_sf                  ? 
_pdbx_database_status.status_code_cs                  ? 
_pdbx_database_status.status_code_nmr_data            ? 
_pdbx_database_status.methods_development_category    ? 
# 
loop_
_audit_author.name 
_audit_author.pdbx_ordinal 
'Spinelli, S.'  1 
'Cambillau, C.' 2 
'Tegoni, M.'    3 
# 
loop_
_citation.id 
_citation.title 
_citation.journal_abbrev 
_citation.journal_volume 
_citation.page_first 
_citation.page_last 
_citation.year 
_citation.journal_id_ASTM 
_citation.country 
_citation.journal_id_ISSN 
_citation.journal_id_CSD 
_citation.book_publisher 
_citation.pdbx_database_id_PubMed 
_citation.pdbx_database_id_DOI 
primary 'The crystal structure of a llama heavy chain variable domain.'                                                       
Nat.Struct.Biol. 3   752  757 1996 NSBIEW US 1072-8368 2024 ? 8784347 10.1038/nsb0996-752 
1       'Crystal Structure of a Camel Single-Domain Vh Antibody Fragment in Complex with Lysozyme'                            
Nat.Struct.Biol. 3   803  ?   1996 NSBIEW US 1072-8368 2024 ? ?       ?                   
2       'Redefining the Minimal Antigen-Binding Fragment'                                                                     
Nat.Struct.Biol. 3   733  ?   1996 NSBIEW US 1072-8368 2024 ? ?       ?                   
3       'Sequence and Structure of Vh Domain from Naturally Occurring Camel Heavy Chain Immunoglobulins Lacking Light Chains' 
'Protein Eng.'   7   1129 ?   1994 PRENE9 UK 0269-2139 0859 ? ?       ?                   
4       'Naturally Occurring Antibodies Devoid of Light Chains'                                                               
Nature           363 446  ?   1993 NATUAS UK 0028-0836 0006 ? ?       ?                   
# 
loop_
_citation_author.citation_id 
_citation_author.name 
_citation_author.ordinal 
_citation_author.identifier_ORCID 
primary 'Spinelli, S.'         1  ? 
primary 'Frenken, L.'          2  ? 
primary 'Bourgeois, D.'        3  ? 
primary 'de Ron, L.'           4  ? 
primary 'Bos, W.'              5  ? 
primary 'Verrips, T.'          6  ? 
primary 'Anguille, C.'         7  ? 
primary 'Cambillau, C.'        8  ? 
primary 'Tegoni, M.'           9  ? 
1       'Desmyter, A.'         10 ? 
1       'Transue, T.R.'        11 ? 
1       'Ghahroudi, M.A.'      12 ? 
1       'Thi, M.H.'            13 ? 
1       'Poortmans, F.'        14 ? 
1       'Hamers, R.'           15 ? 
1       'Muyldermans, S.'      16 ? 
1       'Wyns, L.'             17 ? 
2       'Sheriff, S.'          18 ? 
2       'Constantine, K.L.'    19 ? 
3       'Muyldermans, S.'      20 ? 
3       'Atarhouch, T.'        21 ? 
3       'Saldanha, J.'         22 ? 
3       'Barbosa, J.A.'        23 ? 
3       'Hamers, R.'           24 ? 
4       'Hamers-Casterman, C.' 25 ? 
4       'Atarhouch, T.'        26 ? 
4       'Muyldermans, S.'      27 ? 
4       'Robinson, G.'         28 ? 
4       'Hamers, C.'           29 ? 
4       'Songa, E.B.'          30 ? 
4       'Bendahman, N.'        31 ? 
4       'Hamers, R.'           32 ? 
# 
loop_
_entity.id 
_entity.type 
_entity.src_method 
_entity.pdbx_description 
_entity.formula_weight 
_entity.pdbx_number_of_molecules 
_entity.pdbx_ec 
_entity.pdbx_mutation 
_entity.pdbx_fragment 
_entity.details 
1 polymer man 'IMMUNOGLOBULIN G' 12508.674 1   ? ? 'HEAVY CHAIN VARIABLE DOMAIN FROM LLAMA' 'FROM IMMUNIZED LLAMA' 
2 water   nat water              18.015    103 ? ? ?                                        ?                      
# 
_entity_name_com.entity_id   1 
_entity_name_com.name        'HC-V LLAMA' 
# 
_entity_poly.entity_id                      1 
_entity_poly.type                           'polypeptide(L)' 
_entity_poly.nstd_linkage                   no 
_entity_poly.nstd_monomer                   no 
_entity_poly.pdbx_seq_one_letter_code       
;DVQLQESGGGLVQAGGSLRLSCAASGRTGSTYDMGWFRQAPGKERESVAAINWDSARTYYASSVRGRFTISRDNAKKTVY
LQMNSLKPEDTAVYTCGAGEGGTWDSWGQGTQVTVSS
;
_entity_poly.pdbx_seq_one_letter_code_can   
;DVQLQESGGGLVQAGGSLRLSCAASGRTGSTYDMGWFRQAPGKERESVAAINWDSARTYYASSVRGRFTISRDNAKKTVY
LQMNSLKPEDTAVYTCGAGEGGTWDSWGQGTQVTVSS
;
_entity_poly.pdbx_strand_id                 A 
_entity_poly.pdbx_target_identifier         ? 
# 
_pdbx_entity_nonpoly.entity_id   2 
_pdbx_entity_nonpoly.name        water 
_pdbx_entity_nonpoly.comp_id     HOH 
# 
loop_
_entity_poly_seq.entity_id 
_entity_poly_seq.num 
_entity_poly_seq.mon_id 
_entity_poly_seq.hetero 
1 1   ASP n 
1 2   VAL n 
1 3   GLN n 
1 4   LEU n 
1 5   GLN n 
1 6   GLU n 
1 7   SER n 
1 8   GLY n 
1 9   GLY n 
1 10  GLY n 
1 11  LEU n 
1 12  VAL n 
1 13  GLN n 
1 14  ALA n 
1 15  GLY n 
1 16  GLY n 
1 17  SER n 
1 18  LEU n 
1 19  ARG n 
1 20  LEU n 
1 21  SER n 
1 22  CYS n 
1 23  ALA n 
1 24  ALA n 
1 25  SER n 
1 26  GLY n 
1 27  ARG n 
1 28  THR n 
1 29  GLY n 
1 30  SER n 
1 31  THR n 
1 32  TYR n 
1 33  ASP n 
1 34  MET n 
1 35  GLY n 
1 36  TRP n 
1 37  PHE n 
1 38  ARG n 
1 39  GLN n 
1 40  ALA n 
1 41  PRO n 
1 42  GLY n 
1 43  LYS n 
1 44  GLU n 
1 45  ARG n 
1 46  GLU n 
1 47  SER n 
1 48  VAL n 
1 49  ALA n 
1 50  ALA n 
1 51  ILE n 
1 52  ASN n 
1 53  TRP n 
1 54  ASP n 
1 55  SER n 
1 56  ALA n 
1 57  ARG n 
1 58  THR n 
1 59  TYR n 
1 60  TYR n 
1 61  ALA n 
1 62  SER n 
1 63  SER n 
1 64  VAL n 
1 65  ARG n 
1 66  GLY n 
1 67  ARG n 
1 68  PHE n 
1 69  THR n 
1 70  ILE n 
1 71  SER n 
1 72  ARG n 
1 73  ASP n 
1 74  ASN n 
1 75  ALA n 
1 76  LYS n 
1 77  LYS n 
1 78  THR n 
1 79  VAL n 
1 80  TYR n 
1 81  LEU n 
1 82  GLN n 
1 83  MET n 
1 84  ASN n 
1 85  SER n 
1 86  LEU n 
1 87  LYS n 
1 88  PRO n 
1 89  GLU n 
1 90  ASP n 
1 91  THR n 
1 92  ALA n 
1 93  VAL n 
1 94  TYR n 
1 95  THR n 
1 96  CYS n 
1 97  GLY n 
1 98  ALA n 
1 99  GLY n 
1 100 GLU n 
1 101 GLY n 
1 102 GLY n 
1 103 THR n 
1 104 TRP n 
1 105 ASP n 
1 106 SER n 
1 107 TRP n 
1 108 GLY n 
1 109 GLN n 
1 110 GLY n 
1 111 THR n 
1 112 GLN n 
1 113 VAL n 
1 114 THR n 
1 115 VAL n 
1 116 SER n 
1 117 SER n 
# 
_entity_src_gen.entity_id                          1 
_entity_src_gen.pdbx_src_id                        1 
_entity_src_gen.pdbx_alt_source_flag               sample 
_entity_src_gen.pdbx_seq_type                      ? 
_entity_src_gen.pdbx_beg_seq_num                   ? 
_entity_src_gen.pdbx_end_seq_num                   ? 
_entity_src_gen.gene_src_common_name               llama 
_entity_src_gen.gene_src_genus                     Lama 
_entity_src_gen.pdbx_gene_src_gene                 ? 
_entity_src_gen.gene_src_species                   ? 
_entity_src_gen.gene_src_strain                    ? 
_entity_src_gen.gene_src_tissue                    BLOOD 
_entity_src_gen.gene_src_tissue_fraction           ? 
_entity_src_gen.gene_src_details                   ? 
_entity_src_gen.pdbx_gene_src_fragment             ? 
_entity_src_gen.pdbx_gene_src_scientific_name      'Lama glama' 
_entity_src_gen.pdbx_gene_src_ncbi_taxonomy_id     9844 
_entity_src_gen.pdbx_gene_src_variant              ? 
_entity_src_gen.pdbx_gene_src_cell_line            ? 
_entity_src_gen.pdbx_gene_src_atcc                 ? 
_entity_src_gen.pdbx_gene_src_organ                ? 
_entity_src_gen.pdbx_gene_src_organelle            ? 
_entity_src_gen.pdbx_gene_src_cell                 LYMPHOCYTE 
_entity_src_gen.pdbx_gene_src_cellular_location    ? 
_entity_src_gen.host_org_common_name               
;baker's yeast
;
_entity_src_gen.pdbx_host_org_scientific_name      'Saccharomyces cerevisiae' 
_entity_src_gen.pdbx_host_org_ncbi_taxonomy_id     4932 
_entity_src_gen.host_org_genus                     Saccharomyces 
_entity_src_gen.pdbx_host_org_gene                 ? 
_entity_src_gen.pdbx_host_org_organ                ? 
_entity_src_gen.host_org_species                   ? 
_entity_src_gen.pdbx_host_org_tissue               ? 
_entity_src_gen.pdbx_host_org_tissue_fraction      ? 
_entity_src_gen.pdbx_host_org_strain               ? 
_entity_src_gen.pdbx_host_org_variant              ? 
_entity_src_gen.pdbx_host_org_cell_line            ? 
_entity_src_gen.pdbx_host_org_atcc                 ? 
_entity_src_gen.pdbx_host_org_culture_collection   ? 
_entity_src_gen.pdbx_host_org_cell                 ? 
_entity_src_gen.pdbx_host_org_organelle            ? 
_entity_src_gen.pdbx_host_org_cellular_location    ? 
_entity_src_gen.pdbx_host_org_vector_type          ? 
_entity_src_gen.pdbx_host_org_vector               ? 
_entity_src_gen.host_org_details                   ? 
_entity_src_gen.expression_system_id               ? 
_entity_src_gen.plasmid_name                       ? 
_entity_src_gen.plasmid_details                    ? 
_entity_src_gen.pdbx_description                   ? 
# 
loop_
_chem_comp.id 
_chem_comp.type 
_chem_comp.mon_nstd_flag 
_chem_comp.name 
_chem_comp.pdbx_synonyms 
_chem_comp.formula 
_chem_comp.formula_weight 
ALA 'L-peptide linking' y ALANINE         ? 'C3 H7 N O2'     89.093  
ARG 'L-peptide linking' y ARGININE        ? 'C6 H15 N4 O2 1' 175.209 
ASN 'L-peptide linking' y ASPARAGINE      ? 'C4 H8 N2 O3'    132.118 
ASP 'L-peptide linking' y 'ASPARTIC ACID' ? 'C4 H7 N O4'     133.103 
CYS 'L-peptide linking' y CYSTEINE        ? 'C3 H7 N O2 S'   121.158 
GLN 'L-peptide linking' y GLUTAMINE       ? 'C5 H10 N2 O3'   146.144 
GLU 'L-peptide linking' y 'GLUTAMIC ACID' ? 'C5 H9 N O4'     147.129 
GLY 'peptide linking'   y GLYCINE         ? 'C2 H5 N O2'     75.067  
HOH non-polymer         . WATER           ? 'H2 O'           18.015  
ILE 'L-peptide linking' y ISOLEUCINE      ? 'C6 H13 N O2'    131.173 
LEU 'L-peptide linking' y LEUCINE         ? 'C6 H13 N O2'    131.173 
LYS 'L-peptide linking' y LYSINE          ? 'C6 H15 N2 O2 1' 147.195 
MET 'L-peptide linking' y METHIONINE      ? 'C5 H11 N O2 S'  149.211 
PHE 'L-peptide linking' y PHENYLALANINE   ? 'C9 H11 N O2'    165.189 
PRO 'L-peptide linking' y PROLINE         ? 'C5 H9 N O2'     115.130 
SER 'L-peptide linking' y SERINE          ? 'C3 H7 N O3'     105.093 
THR 'L-peptide linking' y THREONINE       ? 'C4 H9 N O3'     119.119 
TRP 'L-peptide linking' y TRYPTOPHAN      ? 'C11 H12 N2 O2'  204.225 
TYR 'L-peptide linking' y TYROSINE        ? 'C9 H11 N O3'    181.189 
VAL 'L-peptide linking' y VALINE          ? 'C5 H11 N O2'    117.146 
# 
loop_
_pdbx_poly_seq_scheme.asym_id 
_pdbx_poly_seq_scheme.entity_id 
_pdbx_poly_seq_scheme.seq_id 
_pdbx_poly_seq_scheme.mon_id 
_pdbx_poly_seq_scheme.ndb_seq_num 
_pdbx_poly_seq_scheme.pdb_seq_num 
_pdbx_poly_seq_scheme.auth_seq_num 
_pdbx_poly_seq_scheme.pdb_mon_id 
_pdbx_poly_seq_scheme.auth_mon_id 
_pdbx_poly_seq_scheme.pdb_strand_id 
_pdbx_poly_seq_scheme.pdb_ins_code 
_pdbx_poly_seq_scheme.hetero 
A 1 1   ASP 1   1   ?   ?   ?   A . n 
A 1 2   VAL 2   2   2   VAL VAL A . n 
A 1 3   GLN 3   3   3   GLN GLN A . n 
A 1 4   LEU 4   4   4   LEU LEU A . n 
A 1 5   GLN 5   5   5   GLN GLN A . n 
A 1 6   GLU 6   6   6   GLU GLU A . n 
A 1 7   SER 7   7   7   SER SER A . n 
A 1 8   GLY 8   8   8   GLY GLY A . n 
A 1 9   GLY 9   9   9   GLY GLY A . n 
A 1 10  GLY 10  10  10  GLY GLY A . n 
A 1 11  LEU 11  11  11  LEU LEU A . n 
A 1 12  VAL 12  12  12  VAL VAL A . n 
A 1 13  GLN 13  13  13  GLN GLN A . n 
A 1 14  ALA 14  14  14  ALA ALA A . n 
A 1 15  GLY 15  15  15  GLY GLY A . n 
A 1 16  GLY 16  16  16  GLY GLY A . n 
A 1 17  SER 17  17  17  SER SER A . n 
A 1 18  LEU 18  18  18  LEU LEU A . n 
A 1 19  ARG 19  19  19  ARG ARG A . n 
A 1 20  LEU 20  20  20  LEU LEU A . n 
A 1 21  SER 21  21  21  SER SER A . n 
A 1 22  CYS 22  22  22  CYS CYS A . n 
A 1 23  ALA 23  23  23  ALA ALA A . n 
A 1 24  ALA 24  24  24  ALA ALA A . n 
A 1 25  SER 25  25  25  SER SER A . n 
A 1 26  GLY 26  26  26  GLY GLY A . n 
A 1 27  ARG 27  27  27  ARG ARG A . n 
A 1 28  THR 28  28  28  THR THR A . n 
A 1 29  GLY 29  29  29  GLY GLY A . n 
A 1 30  SER 30  30  30  SER SER A . n 
A 1 31  THR 31  31  31  THR THR A . n 
A 1 32  TYR 32  32  32  TYR TYR A . n 
A 1 33  ASP 33  33  33  ASP ASP A . n 
A 1 34  MET 34  34  34  MET MET A . n 
A 1 35  GLY 35  35  35  GLY GLY A . n 
A 1 36  TRP 36  36  36  TRP TRP A . n 
A 1 37  PHE 37  37  37  PHE PHE A . n 
A 1 38  ARG 38  38  38  ARG ARG A . n 
A 1 39  GLN 39  39  39  GLN GLN A . n 
A 1 40  ALA 40  40  40  ALA ALA A . n 
A 1 41  PRO 41  41  41  PRO PRO A . n 
A 1 42  GLY 42  42  42  GLY GLY A . n 
A 1 43  LYS 43  43  43  LYS LYS A . n 
A 1 44  GLU 44  44  44  GLU GLU A . n 
A 1 45  ARG 45  45  45  ARG ARG A . n 
A 1 46  GLU 46  46  46  GLU GLU A . n 
A 1 47  SER 47  47  47  SER SER A . n 
A 1 48  VAL 48  48  48  VAL VAL A . n 
A 1 49  ALA 49  49  49  ALA ALA A . n 
A 1 50  ALA 50  50  50  ALA ALA A . n 
A 1 51  ILE 51  51  51  ILE ILE A . n 
A 1 52  ASN 52  52  52  ASN ASN A . n 
A 1 53  TRP 53  52  52  TRP TRP A A n 
A 1 54  ASP 54  53  53  ASP ASP A . n 
A 1 55  SER 55  54  54  SER SER A . n 
A 1 56  ALA 56  55  55  ALA ALA A . n 
A 1 57  ARG 57  56  56  ARG ARG A . n 
A 1 58  THR 58  57  57  THR THR A . n 
A 1 59  TYR 59  58  58  TYR TYR A . n 
A 1 60  TYR 60  59  59  TYR TYR A . n 
A 1 61  ALA 61  60  60  ALA ALA A . n 
A 1 62  SER 62  61  61  SER SER A . n 
A 1 63  SER 63  62  62  SER SER A . n 
A 1 64  VAL 64  63  63  VAL VAL A . n 
A 1 65  ARG 65  64  64  ARG ARG A . n 
A 1 66  GLY 66  65  65  GLY GLY A . n 
A 1 67  ARG 67  66  66  ARG ARG A . n 
A 1 68  PHE 68  67  67  PHE PHE A . n 
A 1 69  THR 69  68  68  THR THR A . n 
A 1 70  ILE 70  69  69  ILE ILE A . n 
A 1 71  SER 71  70  70  SER SER A . n 
A 1 72  ARG 72  71  71  ARG ARG A . n 
A 1 73  ASP 73  72  72  ASP ASP A . n 
A 1 74  ASN 74  73  73  ASN ASN A . n 
A 1 75  ALA 75  74  74  ALA ALA A . n 
A 1 76  LYS 76  75  75  LYS LYS A . n 
A 1 77  LYS 77  76  76  LYS LYS A . n 
A 1 78  THR 78  77  77  THR THR A . n 
A 1 79  VAL 79  78  78  VAL VAL A . n 
A 1 80  TYR 80  79  79  TYR TYR A . n 
A 1 81  LEU 81  80  80  LEU LEU A . n 
A 1 82  GLN 82  81  81  GLN GLN A . n 
A 1 83  MET 83  82  82  MET MET A . n 
A 1 84  ASN 84  82  82  ASN ASN A A n 
A 1 85  SER 85  82  82  SER SER A B n 
A 1 86  LEU 86  82  82  LEU LEU A C n 
A 1 87  LYS 87  83  83  LYS LYS A . n 
A 1 88  PRO 88  84  84  PRO PRO A . n 
A 1 89  GLU 89  85  85  GLU GLU A . n 
A 1 90  ASP 90  86  86  ASP ASP A . n 
A 1 91  THR 91  87  87  THR THR A . n 
A 1 92  ALA 92  88  88  ALA ALA A . n 
A 1 93  VAL 93  89  89  VAL VAL A . n 
A 1 94  TYR 94  90  90  TYR TYR A . n 
A 1 95  THR 95  91  91  THR THR A . n 
A 1 96  CYS 96  92  92  CYS CYS A . n 
A 1 97  GLY 97  93  93  GLY GLY A . n 
A 1 98  ALA 98  94  94  ALA ALA A . n 
A 1 99  GLY 99  95  95  GLY GLY A . n 
A 1 100 GLU 100 96  96  GLU GLU A . n 
A 1 101 GLY 101 97  97  GLY GLY A . n 
A 1 102 GLY 102 98  98  GLY GLY A . n 
A 1 103 THR 103 99  99  THR THR A . n 
A 1 104 TRP 104 100 100 TRP TRP A . n 
A 1 105 ASP 105 101 101 ASP ASP A . n 
A 1 106 SER 106 102 102 SER SER A . n 
A 1 107 TRP 107 103 103 TRP TRP A . n 
A 1 108 GLY 108 104 104 GLY GLY A . n 
A 1 109 GLN 109 105 105 GLN GLN A . n 
A 1 110 GLY 110 106 106 GLY GLY A . n 
A 1 111 THR 111 107 107 THR THR A . n 
A 1 112 GLN 112 108 108 GLN GLN A . n 
A 1 113 VAL 113 109 109 VAL VAL A . n 
A 1 114 THR 114 110 110 THR THR A . n 
A 1 115 VAL 115 111 111 VAL VAL A . n 
A 1 116 SER 116 112 112 SER SER A . n 
A 1 117 SER 117 113 113 SER SER A . n 
# 
loop_
_pdbx_nonpoly_scheme.asym_id 
_pdbx_nonpoly_scheme.entity_id 
_pdbx_nonpoly_scheme.mon_id 
_pdbx_nonpoly_scheme.ndb_seq_num 
_pdbx_nonpoly_scheme.pdb_seq_num 
_pdbx_nonpoly_scheme.auth_seq_num 
_pdbx_nonpoly_scheme.pdb_mon_id 
_pdbx_nonpoly_scheme.auth_mon_id 
_pdbx_nonpoly_scheme.pdb_strand_id 
_pdbx_nonpoly_scheme.pdb_ins_code 
B 2 HOH 1   114 1   HOH HOH A . 
B 2 HOH 2   115 2   HOH HOH A . 
B 2 HOH 3   116 3   HOH HOH A . 
B 2 HOH 4   117 4   HOH HOH A . 
B 2 HOH 5   118 5   HOH HOH A . 
B 2 HOH 6   119 6   HOH HOH A . 
B 2 HOH 7   120 7   HOH HOH A . 
B 2 HOH 8   121 8   HOH HOH A . 
B 2 HOH 9   122 9   HOH HOH A . 
B 2 HOH 10  123 10  HOH HOH A . 
B 2 HOH 11  124 11  HOH HOH A . 
B 2 HOH 12  125 12  HOH HOH A . 
B 2 HOH 13  126 13  HOH HOH A . 
B 2 HOH 14  127 14  HOH HOH A . 
B 2 HOH 15  128 15  HOH HOH A . 
B 2 HOH 16  129 16  HOH HOH A . 
B 2 HOH 17  130 17  HOH HOH A . 
B 2 HOH 18  131 18  HOH HOH A . 
B 2 HOH 19  132 19  HOH HOH A . 
B 2 HOH 20  133 20  HOH HOH A . 
B 2 HOH 21  134 21  HOH HOH A . 
B 2 HOH 22  135 22  HOH HOH A . 
B 2 HOH 23  136 23  HOH HOH A . 
B 2 HOH 24  137 24  HOH HOH A . 
B 2 HOH 25  138 25  HOH HOH A . 
B 2 HOH 26  139 26  HOH HOH A . 
B 2 HOH 27  140 27  HOH HOH A . 
B 2 HOH 28  141 28  HOH HOH A . 
B 2 HOH 29  142 29  HOH HOH A . 
B 2 HOH 30  143 30  HOH HOH A . 
B 2 HOH 31  144 31  HOH HOH A . 
B 2 HOH 32  145 32  HOH HOH A . 
B 2 HOH 33  146 33  HOH HOH A . 
B 2 HOH 34  147 34  HOH HOH A . 
B 2 HOH 35  148 35  HOH HOH A . 
B 2 HOH 36  149 36  HOH HOH A . 
B 2 HOH 37  150 37  HOH HOH A . 
B 2 HOH 38  151 38  HOH HOH A . 
B 2 HOH 39  152 39  HOH HOH A . 
B 2 HOH 40  153 40  HOH HOH A . 
B 2 HOH 41  154 41  HOH HOH A . 
B 2 HOH 42  155 42  HOH HOH A . 
B 2 HOH 43  156 43  HOH HOH A . 
B 2 HOH 44  157 44  HOH HOH A . 
B 2 HOH 45  158 45  HOH HOH A . 
B 2 HOH 46  159 46  HOH HOH A . 
B 2 HOH 47  160 47  HOH HOH A . 
B 2 HOH 48  161 48  HOH HOH A . 
B 2 HOH 49  162 49  HOH HOH A . 
B 2 HOH 50  163 50  HOH HOH A . 
B 2 HOH 51  164 51  HOH HOH A . 
B 2 HOH 52  165 52  HOH HOH A . 
B 2 HOH 53  166 53  HOH HOH A . 
B 2 HOH 54  167 54  HOH HOH A . 
B 2 HOH 55  168 55  HOH HOH A . 
B 2 HOH 56  169 56  HOH HOH A . 
B 2 HOH 57  170 57  HOH HOH A . 
B 2 HOH 58  171 58  HOH HOH A . 
B 2 HOH 59  172 59  HOH HOH A . 
B 2 HOH 60  173 60  HOH HOH A . 
B 2 HOH 61  174 61  HOH HOH A . 
B 2 HOH 62  175 62  HOH HOH A . 
B 2 HOH 63  176 63  HOH HOH A . 
B 2 HOH 64  177 64  HOH HOH A . 
B 2 HOH 65  178 65  HOH HOH A . 
B 2 HOH 66  179 66  HOH HOH A . 
B 2 HOH 67  180 67  HOH HOH A . 
B 2 HOH 68  181 68  HOH HOH A . 
B 2 HOH 69  182 69  HOH HOH A . 
B 2 HOH 70  183 70  HOH HOH A . 
B 2 HOH 71  184 71  HOH HOH A . 
B 2 HOH 72  185 72  HOH HOH A . 
B 2 HOH 73  186 73  HOH HOH A . 
B 2 HOH 74  187 74  HOH HOH A . 
B 2 HOH 75  188 75  HOH HOH A . 
B 2 HOH 76  189 76  HOH HOH A . 
B 2 HOH 77  190 77  HOH HOH A . 
B 2 HOH 78  191 78  HOH HOH A . 
B 2 HOH 79  192 79  HOH HOH A . 
B 2 HOH 80  193 80  HOH HOH A . 
B 2 HOH 81  194 81  HOH HOH A . 
B 2 HOH 82  195 82  HOH HOH A . 
B 2 HOH 83  196 83  HOH HOH A . 
B 2 HOH 84  197 84  HOH HOH A . 
B 2 HOH 85  198 85  HOH HOH A . 
B 2 HOH 86  199 86  HOH HOH A . 
B 2 HOH 87  200 87  HOH HOH A . 
B 2 HOH 88  201 88  HOH HOH A . 
B 2 HOH 89  202 89  HOH HOH A . 
B 2 HOH 90  203 90  HOH HOH A . 
B 2 HOH 91  204 91  HOH HOH A . 
B 2 HOH 92  205 92  HOH HOH A . 
B 2 HOH 93  206 93  HOH HOH A . 
B 2 HOH 94  207 94  HOH HOH A . 
B 2 HOH 95  208 95  HOH HOH A . 
B 2 HOH 96  209 96  HOH HOH A . 
B 2 HOH 97  210 97  HOH HOH A . 
B 2 HOH 98  211 98  HOH HOH A . 
B 2 HOH 99  212 99  HOH HOH A . 
B 2 HOH 100 213 100 HOH HOH A . 
B 2 HOH 101 214 101 HOH HOH A . 
B 2 HOH 102 215 102 HOH HOH A . 
B 2 HOH 103 216 103 HOH HOH A . 
# 
loop_
_pdbx_unobs_or_zero_occ_atoms.id 
_pdbx_unobs_or_zero_occ_atoms.PDB_model_num 
_pdbx_unobs_or_zero_occ_atoms.polymer_flag 
_pdbx_unobs_or_zero_occ_atoms.occupancy_flag 
_pdbx_unobs_or_zero_occ_atoms.auth_asym_id 
_pdbx_unobs_or_zero_occ_atoms.auth_comp_id 
_pdbx_unobs_or_zero_occ_atoms.auth_seq_id 
_pdbx_unobs_or_zero_occ_atoms.PDB_ins_code 
_pdbx_unobs_or_zero_occ_atoms.auth_atom_id 
_pdbx_unobs_or_zero_occ_atoms.label_alt_id 
_pdbx_unobs_or_zero_occ_atoms.label_asym_id 
_pdbx_unobs_or_zero_occ_atoms.label_comp_id 
_pdbx_unobs_or_zero_occ_atoms.label_seq_id 
_pdbx_unobs_or_zero_occ_atoms.label_atom_id 
1  1 Y 1 A ARG 27 ? CB  ? A ARG 27 CB  
2  1 Y 1 A ARG 27 ? CG  ? A ARG 27 CG  
3  1 Y 1 A ARG 27 ? CD  ? A ARG 27 CD  
4  1 Y 1 A ARG 27 ? NE  ? A ARG 27 NE  
5  1 Y 1 A ARG 27 ? CZ  ? A ARG 27 CZ  
6  1 Y 1 A ARG 27 ? NH1 ? A ARG 27 NH1 
7  1 Y 1 A ARG 27 ? NH2 ? A ARG 27 NH2 
8  1 Y 1 A SER 30 ? CB  ? A SER 30 CB  
9  1 Y 1 A SER 30 ? OG  ? A SER 30 OG  
10 1 Y 1 A THR 31 ? OG1 ? A THR 31 OG1 
11 1 Y 1 A THR 31 ? CG2 ? A THR 31 CG2 
# 
loop_
_software.name 
_software.classification 
_software.version 
_software.citation_id 
_software.pdbx_ordinal 
DENZO     'data reduction' .   ? 1 
SCALEPACK 'data scaling'   .   ? 2 
AMoRE     phasing          .   ? 3 
X-PLOR    refinement       3.1 ? 4 
# 
_cell.entry_id           1HCV 
_cell.length_a           29.620 
_cell.length_b           41.830 
_cell.length_c           38.520 
_cell.angle_alpha        90.00 
_cell.angle_beta         95.45 
_cell.angle_gamma        90.00 
_cell.Z_PDB              2 
_cell.pdbx_unique_axis   ? 
# 
_symmetry.entry_id                         1HCV 
_symmetry.space_group_name_H-M             'P 1 21 1' 
_symmetry.pdbx_full_space_group_name_H-M   ? 
_symmetry.cell_setting                     ? 
_symmetry.Int_Tables_number                4 
# 
_exptl.entry_id          1HCV 
_exptl.method            'X-RAY DIFFRACTION' 
_exptl.crystals_number   2 
# 
_exptl_crystal.id                    1 
_exptl_crystal.density_meas          ? 
_exptl_crystal.density_Matthews      1.72 
_exptl_crystal.density_percent_sol   32. 
_exptl_crystal.description           ? 
# 
_exptl_crystal_grow.crystal_id      1 
_exptl_crystal_grow.method          'VAPOR DIFFUSION' 
_exptl_crystal_grow.temp            ? 
_exptl_crystal_grow.temp_details    ? 
_exptl_crystal_grow.pH              8.0 
_exptl_crystal_grow.pdbx_pH_range   ? 
_exptl_crystal_grow.pdbx_details    'VAPOR DIFFUSION, PEG 8K 25%, TRIS 0.1M, PH 8.0, vapor diffusion' 
# 
_diffrn.id                     1 
_diffrn.ambient_temp           290 
_diffrn.ambient_temp_details   ? 
_diffrn.crystal_id             1 
# 
_diffrn_detector.diffrn_id              1 
_diffrn_detector.detector               'IMAGE PLATE' 
_diffrn_detector.type                   MARRESEARCH 
_diffrn_detector.pdbx_collection_date   1996-02-19 
_diffrn_detector.details                ? 
# 
_diffrn_radiation.diffrn_id                        1 
_diffrn_radiation.wavelength_id                    1 
_diffrn_radiation.pdbx_monochromatic_or_laue_m_l   M 
_diffrn_radiation.monochromator                    'GRAPHITE(002)' 
_diffrn_radiation.pdbx_diffrn_protocol             ? 
_diffrn_radiation.pdbx_scattering_type             x-ray 
# 
_diffrn_radiation_wavelength.id           1 
_diffrn_radiation_wavelength.wavelength   1.5418 
_diffrn_radiation_wavelength.wt           1.0 
# 
_diffrn_source.diffrn_id                   1 
_diffrn_source.source                      'ROTATING ANODE' 
_diffrn_source.type                        'RIGAKU FR-D' 
_diffrn_source.pdbx_synchrotron_site       ? 
_diffrn_source.pdbx_synchrotron_beamline   ? 
_diffrn_source.pdbx_wavelength             1.5418 
_diffrn_source.pdbx_wavelength_list        ? 
# 
_reflns.entry_id                     1HCV 
_reflns.observed_criterion_sigma_I   0.0 
_reflns.observed_criterion_sigma_F   ? 
_reflns.d_resolution_low             30.0 
_reflns.d_resolution_high            2.5 
_reflns.number_obs                   4270 
_reflns.number_all                   ? 
_reflns.percent_possible_obs         98.0 
_reflns.pdbx_Rmerge_I_obs            0.109 
_reflns.pdbx_Rsym_value              ? 
_reflns.pdbx_netI_over_sigmaI        9.03 
_reflns.B_iso_Wilson_estimate        ? 
_reflns.pdbx_redundancy              1.6 
_reflns.pdbx_diffrn_id               1 
_reflns.pdbx_ordinal                 1 
# 
_reflns_shell.d_res_high             2.50 
_reflns_shell.d_res_low              2.59 
_reflns_shell.percent_possible_all   98.7 
_reflns_shell.Rmerge_I_obs           0.17 
_reflns_shell.pdbx_Rsym_value        ? 
_reflns_shell.meanI_over_sigI_obs    3.4 
_reflns_shell.pdbx_redundancy        1.9 
_reflns_shell.pdbx_diffrn_id         ? 
_reflns_shell.pdbx_ordinal           1 
# 
_refine.entry_id                                 1HCV 
_refine.ls_number_reflns_obs                     7950 
_refine.ls_number_reflns_all                     ? 
_refine.pdbx_ls_sigma_I                          ? 
_refine.pdbx_ls_sigma_F                          1.0 
_refine.pdbx_data_cutoff_high_absF               ? 
_refine.pdbx_data_cutoff_low_absF                ? 
_refine.pdbx_data_cutoff_high_rms_absF           ? 
_refine.ls_d_res_low                             6.0 
_refine.ls_d_res_high                            1.85 
_refine.ls_percent_reflns_obs                    99.0 
_refine.ls_R_factor_obs                          0.171 
_refine.ls_R_factor_all                          ? 
_refine.ls_R_factor_R_work                       0.171 
_refine.ls_R_factor_R_free                       0.218 
_refine.ls_R_factor_R_free_error                 ? 
_refine.ls_R_factor_R_free_error_details         ? 
_refine.ls_percent_reflns_R_free                 10.0 
_refine.ls_number_reflns_R_free                  844 
_refine.ls_number_parameters                     ? 
_refine.ls_number_restraints                     ? 
_refine.occupancy_min                            ? 
_refine.occupancy_max                            ? 
_refine.B_iso_mean                               16. 
_refine.aniso_B[1][1]                            ? 
_refine.aniso_B[2][2]                            ? 
_refine.aniso_B[3][3]                            ? 
_refine.aniso_B[1][2]                            ? 
_refine.aniso_B[1][3]                            ? 
_refine.aniso_B[2][3]                            ? 
_refine.solvent_model_details                    ? 
_refine.solvent_model_param_ksol                 ? 
_refine.solvent_model_param_bsol                 ? 
_refine.pdbx_ls_cross_valid_method               YES 
_refine.details                                  ? 
_refine.pdbx_starting_model                      'VH OF FAB FRAGMENT OF ANTIBODY AGAINST 2-PHENYL-OXAZOLONE' 
_refine.pdbx_method_to_determine_struct          'MOLECULAR REPLACEMENT' 
_refine.pdbx_isotropic_thermal_model             ? 
_refine.pdbx_stereochemistry_target_values       ? 
_refine.pdbx_stereochem_target_val_spec_case     ? 
_refine.pdbx_R_Free_selection_details            0.243 
_refine.pdbx_overall_ESU_R                       ? 
_refine.pdbx_overall_ESU_R_Free                  ? 
_refine.overall_SU_ML                            ? 
_refine.overall_SU_B                             ? 
_refine.pdbx_refine_id                           'X-RAY DIFFRACTION' 
_refine.pdbx_diffrn_id                           1 
_refine.pdbx_TLS_residual_ADP_flag               ? 
_refine.correlation_coeff_Fo_to_Fc               ? 
_refine.correlation_coeff_Fo_to_Fc_free          ? 
_refine.pdbx_solvent_vdw_probe_radii             ? 
_refine.pdbx_solvent_ion_probe_radii             ? 
_refine.pdbx_solvent_shrinkage_radii             ? 
_refine.pdbx_overall_phase_error                 ? 
_refine.overall_SU_R_Cruickshank_DPI             ? 
_refine.pdbx_overall_SU_R_free_Cruickshank_DPI   ? 
_refine.pdbx_overall_SU_R_Blow_DPI               ? 
_refine.pdbx_overall_SU_R_free_Blow_DPI          ? 
# 
_refine_hist.pdbx_refine_id                   'X-RAY DIFFRACTION' 
_refine_hist.cycle_id                         LAST 
_refine_hist.pdbx_number_atoms_protein        1386 
_refine_hist.pdbx_number_atoms_nucleic_acid   0 
_refine_hist.pdbx_number_atoms_ligand         0 
_refine_hist.number_atoms_solvent             99 
_refine_hist.number_atoms_total               1485 
_refine_hist.d_res_high                       1.85 
_refine_hist.d_res_low                        6.0 
# 
loop_
_refine_ls_restr.type 
_refine_ls_restr.dev_ideal 
_refine_ls_restr.dev_ideal_target 
_refine_ls_restr.weight 
_refine_ls_restr.number 
_refine_ls_restr.pdbx_refine_id 
_refine_ls_restr.pdbx_restraint_function 
x_bond_d                0.009 ? ? ? 'X-RAY DIFFRACTION' ? 
x_bond_d_na             ?     ? ? ? 'X-RAY DIFFRACTION' ? 
x_bond_d_prot           ?     ? ? ? 'X-RAY DIFFRACTION' ? 
x_angle_d               ?     ? ? ? 'X-RAY DIFFRACTION' ? 
x_angle_d_na            ?     ? ? ? 'X-RAY DIFFRACTION' ? 
x_angle_d_prot          ?     ? ? ? 'X-RAY DIFFRACTION' ? 
x_angle_deg             1.70  ? ? ? 'X-RAY DIFFRACTION' ? 
x_angle_deg_na          ?     ? ? ? 'X-RAY DIFFRACTION' ? 
x_angle_deg_prot        ?     ? ? ? 'X-RAY DIFFRACTION' ? 
x_dihedral_angle_d      26.0  ? ? ? 'X-RAY DIFFRACTION' ? 
x_dihedral_angle_d_na   ?     ? ? ? 'X-RAY DIFFRACTION' ? 
x_dihedral_angle_d_prot ?     ? ? ? 'X-RAY DIFFRACTION' ? 
x_improper_angle_d      1.20  ? ? ? 'X-RAY DIFFRACTION' ? 
x_improper_angle_d_na   ?     ? ? ? 'X-RAY DIFFRACTION' ? 
x_improper_angle_d_prot ?     ? ? ? 'X-RAY DIFFRACTION' ? 
x_mcbond_it             ?     ? ? ? 'X-RAY DIFFRACTION' ? 
x_mcangle_it            ?     ? ? ? 'X-RAY DIFFRACTION' ? 
x_scbond_it             ?     ? ? ? 'X-RAY DIFFRACTION' ? 
x_scangle_it            ?     ? ? ? 'X-RAY DIFFRACTION' ? 
# 
_struct.entry_id                  1HCV 
_struct.title                     'LLAMA HEAVY CHAIN VARIABLE DOMAIN AGAINST ALPHA SUBUNIT OF HCG (HUMAN CHORIONIC GONADOTROPIN)' 
_struct.pdbx_model_details        ? 
_struct.pdbx_CASP_flag            ? 
_struct.pdbx_model_type_details   ? 
# 
_struct_keywords.entry_id        1HCV 
_struct_keywords.pdbx_keywords   IMMUNOGLOBULIN 
_struct_keywords.text            'CAMELIDS, IMMUNOGLOBULIN' 
# 
loop_
_struct_asym.id 
_struct_asym.pdbx_blank_PDB_chainid_flag 
_struct_asym.pdbx_modified 
_struct_asym.entity_id 
_struct_asym.details 
A N N 1 ? 
B N N 2 ? 
# 
_struct_ref.id                         1 
_struct_ref.db_name                    EMBL 
_struct_ref.db_code                    CAA15406 
_struct_ref.entity_id                  1 
_struct_ref.pdbx_db_accession          AJ236094 
_struct_ref.pdbx_align_begin           1 
_struct_ref.pdbx_seq_one_letter_code   
;QVQLQESGGGLVQAGGSLRLSCAASGRTGSTYDMGWFRQAPGKERESVAAINWDSARTYYASSVRGRFTISRDNAKKTVY
LQMNSLKPEDTAVYTCGAGEGGTWDSWGQGTQVTVSS
;
_struct_ref.pdbx_db_isoform            ? 
# 
_struct_ref_seq.align_id                      1 
_struct_ref_seq.ref_id                        1 
_struct_ref_seq.pdbx_PDB_id_code              1HCV 
_struct_ref_seq.pdbx_strand_id                A 
_struct_ref_seq.seq_align_beg                 2 
_struct_ref_seq.pdbx_seq_align_beg_ins_code   ? 
_struct_ref_seq.seq_align_end                 117 
_struct_ref_seq.pdbx_seq_align_end_ins_code   ? 
_struct_ref_seq.pdbx_db_accession             AJ236094 
_struct_ref_seq.db_align_beg                  2 
_struct_ref_seq.pdbx_db_align_beg_ins_code    ? 
_struct_ref_seq.db_align_end                  117 
_struct_ref_seq.pdbx_db_align_end_ins_code    ? 
_struct_ref_seq.pdbx_auth_seq_align_beg       2 
_struct_ref_seq.pdbx_auth_seq_align_end       113 
# 
_pdbx_struct_assembly.id                   1 
_pdbx_struct_assembly.details              author_defined_assembly 
_pdbx_struct_assembly.method_details       ? 
_pdbx_struct_assembly.oligomeric_details   monomeric 
_pdbx_struct_assembly.oligomeric_count     1 
# 
_pdbx_struct_assembly_gen.assembly_id       1 
_pdbx_struct_assembly_gen.oper_expression   1 
_pdbx_struct_assembly_gen.asym_id_list      A,B 
# 
_pdbx_struct_oper_list.id                   1 
_pdbx_struct_oper_list.type                 'identity operation' 
_pdbx_struct_oper_list.name                 1_555 
_pdbx_struct_oper_list.symmetry_operation   x,y,z 
_pdbx_struct_oper_list.matrix[1][1]         1.0000000000 
_pdbx_struct_oper_list.matrix[1][2]         0.0000000000 
_pdbx_struct_oper_list.matrix[1][3]         0.0000000000 
_pdbx_struct_oper_list.vector[1]            0.0000000000 
_pdbx_struct_oper_list.matrix[2][1]         0.0000000000 
_pdbx_struct_oper_list.matrix[2][2]         1.0000000000 
_pdbx_struct_oper_list.matrix[2][3]         0.0000000000 
_pdbx_struct_oper_list.vector[2]            0.0000000000 
_pdbx_struct_oper_list.matrix[3][1]         0.0000000000 
_pdbx_struct_oper_list.matrix[3][2]         0.0000000000 
_pdbx_struct_oper_list.matrix[3][3]         1.0000000000 
_pdbx_struct_oper_list.vector[3]            0.0000000000 
# 
_struct_biol.id   1 
# 
_struct_conf.conf_type_id            HELX_P 
_struct_conf.id                      HELX_P1 
_struct_conf.pdbx_PDB_helix_id       1 
_struct_conf.beg_label_comp_id       PRO 
_struct_conf.beg_label_asym_id       A 
_struct_conf.beg_label_seq_id        88 
_struct_conf.pdbx_beg_PDB_ins_code   ? 
_struct_conf.end_label_comp_id       ASP 
_struct_conf.end_label_asym_id       A 
_struct_conf.end_label_seq_id        90 
_struct_conf.pdbx_end_PDB_ins_code   ? 
_struct_conf.beg_auth_comp_id        PRO 
_struct_conf.beg_auth_asym_id        A 
_struct_conf.beg_auth_seq_id         84 
_struct_conf.end_auth_comp_id        ASP 
_struct_conf.end_auth_asym_id        A 
_struct_conf.end_auth_seq_id         86 
_struct_conf.pdbx_PDB_helix_class    5 
_struct_conf.details                 ? 
_struct_conf.pdbx_PDB_helix_length   3 
# 
_struct_conf_type.id          HELX_P 
_struct_conf_type.criteria    ? 
_struct_conf_type.reference   ? 
# 
loop_
_struct_conn.id 
_struct_conn.conn_type_id 
_struct_conn.pdbx_leaving_atom_flag 
_struct_conn.pdbx_PDB_id 
_struct_conn.ptnr1_label_asym_id 
_struct_conn.ptnr1_label_comp_id 
_struct_conn.ptnr1_label_seq_id 
_struct_conn.ptnr1_label_atom_id 
_struct_conn.pdbx_ptnr1_label_alt_id 
_struct_conn.pdbx_ptnr1_PDB_ins_code 
_struct_conn.pdbx_ptnr1_standard_comp_id 
_struct_conn.ptnr1_symmetry 
_struct_conn.ptnr2_label_asym_id 
_struct_conn.ptnr2_label_comp_id 
_struct_conn.ptnr2_label_seq_id 
_struct_conn.ptnr2_label_atom_id 
_struct_conn.pdbx_ptnr2_label_alt_id 
_struct_conn.pdbx_ptnr2_PDB_ins_code 
_struct_conn.ptnr1_auth_asym_id 
_struct_conn.ptnr1_auth_comp_id 
_struct_conn.ptnr1_auth_seq_id 
_struct_conn.ptnr2_auth_asym_id 
_struct_conn.ptnr2_auth_comp_id 
_struct_conn.ptnr2_auth_seq_id 
_struct_conn.ptnr2_symmetry 
_struct_conn.pdbx_ptnr3_label_atom_id 
_struct_conn.pdbx_ptnr3_label_seq_id 
_struct_conn.pdbx_ptnr3_label_comp_id 
_struct_conn.pdbx_ptnr3_label_asym_id 
_struct_conn.pdbx_ptnr3_label_alt_id 
_struct_conn.pdbx_ptnr3_PDB_ins_code 
_struct_conn.details 
_struct_conn.pdbx_dist_value 
_struct_conn.pdbx_value_order 
_struct_conn.pdbx_role 
disulf1 disulf ? ? A CYS 22 SG ? ? ? 1_555 A CYS 96 SG A ? A CYS 22 A CYS 92 1_555 ? ? ? ? ? ? ? 2.022 ? ? 
disulf2 disulf ? ? A CYS 22 SG ? ? ? 1_555 A CYS 96 SG B ? A CYS 22 A CYS 92 1_555 ? ? ? ? ? ? ? 2.069 ? ? 
# 
_struct_conn_type.id          disulf 
_struct_conn_type.criteria    ? 
_struct_conn_type.reference   ? 
# 
loop_
_pdbx_modification_feature.ordinal 
_pdbx_modification_feature.label_comp_id 
_pdbx_modification_feature.label_asym_id 
_pdbx_modification_feature.label_seq_id 
_pdbx_modification_feature.label_alt_id 
_pdbx_modification_feature.modified_residue_label_comp_id 
_pdbx_modification_feature.modified_residue_label_asym_id 
_pdbx_modification_feature.modified_residue_label_seq_id 
_pdbx_modification_feature.modified_residue_label_alt_id 
_pdbx_modification_feature.auth_comp_id 
_pdbx_modification_feature.auth_asym_id 
_pdbx_modification_feature.auth_seq_id 
_pdbx_modification_feature.PDB_ins_code 
_pdbx_modification_feature.symmetry 
_pdbx_modification_feature.modified_residue_auth_comp_id 
_pdbx_modification_feature.modified_residue_auth_asym_id 
_pdbx_modification_feature.modified_residue_auth_seq_id 
_pdbx_modification_feature.modified_residue_PDB_ins_code 
_pdbx_modification_feature.modified_residue_symmetry 
_pdbx_modification_feature.comp_id_linking_atom 
_pdbx_modification_feature.modified_residue_id_linking_atom 
_pdbx_modification_feature.modified_residue_id 
_pdbx_modification_feature.ref_pcm_id 
_pdbx_modification_feature.ref_comp_id 
_pdbx_modification_feature.type 
_pdbx_modification_feature.category 
1 CYS A 22 ? CYS A 96 A CYS A 22 ? 1_555 CYS A 92 ? 1_555 SG SG . . . None 'Disulfide bridge' 
2 CYS A 22 ? CYS A 96 B CYS A 22 ? 1_555 CYS A 92 ? 1_555 SG SG . . . None 'Disulfide bridge' 
# 
loop_
_struct_sheet.id 
_struct_sheet.type 
_struct_sheet.number_strands 
_struct_sheet.details 
A ? 4 ? 
B ? 6 ? 
C ? 2 ? 
# 
loop_
_struct_sheet_order.sheet_id 
_struct_sheet_order.range_id_1 
_struct_sheet_order.range_id_2 
_struct_sheet_order.offset 
_struct_sheet_order.sense 
A 1 2 ? anti-parallel 
A 2 3 ? anti-parallel 
A 3 4 ? anti-parallel 
B 1 2 ? parallel      
B 2 3 ? anti-parallel 
B 3 4 ? anti-parallel 
B 4 5 ? anti-parallel 
B 5 6 ? anti-parallel 
C 1 2 ? anti-parallel 
# 
loop_
_struct_sheet_range.sheet_id 
_struct_sheet_range.id 
_struct_sheet_range.beg_label_comp_id 
_struct_sheet_range.beg_label_asym_id 
_struct_sheet_range.beg_label_seq_id 
_struct_sheet_range.pdbx_beg_PDB_ins_code 
_struct_sheet_range.end_label_comp_id 
_struct_sheet_range.end_label_asym_id 
_struct_sheet_range.end_label_seq_id 
_struct_sheet_range.pdbx_end_PDB_ins_code 
_struct_sheet_range.beg_auth_comp_id 
_struct_sheet_range.beg_auth_asym_id 
_struct_sheet_range.beg_auth_seq_id 
_struct_sheet_range.end_auth_comp_id 
_struct_sheet_range.end_auth_asym_id 
_struct_sheet_range.end_auth_seq_id 
A 1 LEU A 4   ? SER A 7   ? LEU A 4   SER A 7   
A 2 LEU A 18  ? ALA A 24  ? LEU A 18  ALA A 24  
A 3 THR A 78  ? MET A 83  ? THR A 77  MET A 82  
A 4 PHE A 68  ? ASP A 73  ? PHE A 67  ASP A 72  
B 1 GLY A 10  ? GLN A 13  ? GLY A 10  GLN A 13  
B 2 THR A 111 ? SER A 116 ? THR A 107 SER A 112 
B 3 ALA A 92  ? GLU A 100 ? ALA A 88  GLU A 96  
B 4 TYR A 32  ? GLN A 39  ? TYR A 32  GLN A 39  
B 5 GLU A 46  ? ASN A 52  ? GLU A 46  ASN A 52  
B 6 THR A 58  ? TYR A 60  ? THR A 57  TYR A 59  
C 1 GLY A 97  ? GLU A 100 ? GLY A 93  GLU A 96  
C 2 THR A 103 ? TRP A 107 ? THR A 99  TRP A 103 
# 
loop_
_pdbx_struct_sheet_hbond.sheet_id 
_pdbx_struct_sheet_hbond.range_id_1 
_pdbx_struct_sheet_hbond.range_id_2 
_pdbx_struct_sheet_hbond.range_1_label_atom_id 
_pdbx_struct_sheet_hbond.range_1_label_comp_id 
_pdbx_struct_sheet_hbond.range_1_label_asym_id 
_pdbx_struct_sheet_hbond.range_1_label_seq_id 
_pdbx_struct_sheet_hbond.range_1_PDB_ins_code 
_pdbx_struct_sheet_hbond.range_1_auth_atom_id 
_pdbx_struct_sheet_hbond.range_1_auth_comp_id 
_pdbx_struct_sheet_hbond.range_1_auth_asym_id 
_pdbx_struct_sheet_hbond.range_1_auth_seq_id 
_pdbx_struct_sheet_hbond.range_2_label_atom_id 
_pdbx_struct_sheet_hbond.range_2_label_comp_id 
_pdbx_struct_sheet_hbond.range_2_label_asym_id 
_pdbx_struct_sheet_hbond.range_2_label_seq_id 
_pdbx_struct_sheet_hbond.range_2_PDB_ins_code 
_pdbx_struct_sheet_hbond.range_2_auth_atom_id 
_pdbx_struct_sheet_hbond.range_2_auth_comp_id 
_pdbx_struct_sheet_hbond.range_2_auth_asym_id 
_pdbx_struct_sheet_hbond.range_2_auth_seq_id 
A 1 2 O GLN A 5   ? O GLN A 5   N ALA A 23  ? N ALA A 23  
A 2 3 O LEU A 18  ? O LEU A 18  N MET A 83  ? N MET A 82  
A 3 4 O THR A 78  ? O THR A 77  N ASP A 73  ? N ASP A 72  
B 1 2 O GLY A 10  ? O GLY A 10  N THR A 114 ? N THR A 110 
B 2 3 O THR A 111 ? O THR A 107 N TYR A 94  ? N TYR A 90  
B 3 4 O VAL A 93  ? O VAL A 89  N GLN A 39  ? N GLN A 39  
B 4 5 O MET A 34  ? O MET A 34  N ILE A 51  ? N ILE A 51  
B 5 6 O ALA A 50  ? O ALA A 50  N TYR A 59  ? N TYR A 58  
C 1 2 O ALA A 98  ? O ALA A 94  N SER A 106 ? N SER A 102 
# 
_pdbx_entry_details.entry_id                   1HCV 
_pdbx_entry_details.compound_details           ? 
_pdbx_entry_details.source_details             ? 
_pdbx_entry_details.nonpolymer_details         ? 
_pdbx_entry_details.sequence_details           ? 
_pdbx_entry_details.has_ligand_of_interest     ? 
_pdbx_entry_details.has_protein_modification   Y 
# 
_pdbx_validate_close_contact.id               1 
_pdbx_validate_close_contact.PDB_model_num    1 
_pdbx_validate_close_contact.auth_atom_id_1   HD22 
_pdbx_validate_close_contact.auth_asym_id_1   A 
_pdbx_validate_close_contact.auth_comp_id_1   ASN 
_pdbx_validate_close_contact.auth_seq_id_1    52 
_pdbx_validate_close_contact.PDB_ins_code_1   ? 
_pdbx_validate_close_contact.label_alt_id_1   ? 
_pdbx_validate_close_contact.auth_atom_id_2   H 
_pdbx_validate_close_contact.auth_asym_id_2   A 
_pdbx_validate_close_contact.auth_comp_id_2   SER 
_pdbx_validate_close_contact.auth_seq_id_2    54 
_pdbx_validate_close_contact.PDB_ins_code_2   ? 
_pdbx_validate_close_contact.label_alt_id_2   ? 
_pdbx_validate_close_contact.dist             1.33 
# 
loop_
_pdbx_validate_symm_contact.id 
_pdbx_validate_symm_contact.PDB_model_num 
_pdbx_validate_symm_contact.auth_atom_id_1 
_pdbx_validate_symm_contact.auth_asym_id_1 
_pdbx_validate_symm_contact.auth_comp_id_1 
_pdbx_validate_symm_contact.auth_seq_id_1 
_pdbx_validate_symm_contact.PDB_ins_code_1 
_pdbx_validate_symm_contact.label_alt_id_1 
_pdbx_validate_symm_contact.site_symmetry_1 
_pdbx_validate_symm_contact.auth_atom_id_2 
_pdbx_validate_symm_contact.auth_asym_id_2 
_pdbx_validate_symm_contact.auth_comp_id_2 
_pdbx_validate_symm_contact.auth_seq_id_2 
_pdbx_validate_symm_contact.PDB_ins_code_2 
_pdbx_validate_symm_contact.label_alt_id_2 
_pdbx_validate_symm_contact.site_symmetry_2 
_pdbx_validate_symm_contact.dist 
1 1 HH11 A ARG 19  ? ? 1_555 HG A SER 113 ? ? 2_555 1.20 
2 1 HE1  A TRP 103 ? ? 1_555 H2 A HOH 165 ? ? 2_646 1.31 
3 1 H    A ARG 19  ? ? 1_555 H2 A HOH 121 ? ? 1_455 1.34 
# 
_pdbx_validate_torsion.id              1 
_pdbx_validate_torsion.PDB_model_num   1 
_pdbx_validate_torsion.auth_comp_id    ARG 
_pdbx_validate_torsion.auth_asym_id    A 
_pdbx_validate_torsion.auth_seq_id     27 
_pdbx_validate_torsion.PDB_ins_code    ? 
_pdbx_validate_torsion.label_alt_id    ? 
_pdbx_validate_torsion.phi             84.63 
_pdbx_validate_torsion.psi             94.77 
# 
_pdbx_unobs_or_zero_occ_residues.id               1 
_pdbx_unobs_or_zero_occ_residues.PDB_model_num    1 
_pdbx_unobs_or_zero_occ_residues.polymer_flag     Y 
_pdbx_unobs_or_zero_occ_residues.occupancy_flag   1 
_pdbx_unobs_or_zero_occ_residues.auth_asym_id     A 
_pdbx_unobs_or_zero_occ_residues.auth_comp_id     ASP 
_pdbx_unobs_or_zero_occ_residues.auth_seq_id      1 
_pdbx_unobs_or_zero_occ_residues.PDB_ins_code     ? 
_pdbx_unobs_or_zero_occ_residues.label_asym_id    A 
_pdbx_unobs_or_zero_occ_residues.label_comp_id    ASP 
_pdbx_unobs_or_zero_occ_residues.label_seq_id     1 
# 
loop_
_chem_comp_atom.comp_id 
_chem_comp_atom.atom_id 
_chem_comp_atom.type_symbol 
_chem_comp_atom.pdbx_aromatic_flag 
_chem_comp_atom.pdbx_stereo_config 
_chem_comp_atom.pdbx_ordinal 
ALA N    N N N 1   
ALA CA   C N S 2   
ALA C    C N N 3   
ALA O    O N N 4   
ALA CB   C N N 5   
ALA OXT  O N N 6   
ALA H    H N N 7   
ALA H2   H N N 8   
ALA HA   H N N 9   
ALA HB1  H N N 10  
ALA HB2  H N N 11  
ALA HB3  H N N 12  
ALA HXT  H N N 13  
ARG N    N N N 14  
ARG CA   C N S 15  
ARG C    C N N 16  
ARG O    O N N 17  
ARG CB   C N N 18  
ARG CG   C N N 19  
ARG CD   C N N 20  
ARG NE   N N N 21  
ARG CZ   C N N 22  
ARG NH1  N N N 23  
ARG NH2  N N N 24  
ARG OXT  O N N 25  
ARG H    H N N 26  
ARG H2   H N N 27  
ARG HA   H N N 28  
ARG HB2  H N N 29  
ARG HB3  H N N 30  
ARG HG2  H N N 31  
ARG HG3  H N N 32  
ARG HD2  H N N 33  
ARG HD3  H N N 34  
ARG HE   H N N 35  
ARG HH11 H N N 36  
ARG HH12 H N N 37  
ARG HH21 H N N 38  
ARG HH22 H N N 39  
ARG HXT  H N N 40  
ASN N    N N N 41  
ASN CA   C N S 42  
ASN C    C N N 43  
ASN O    O N N 44  
ASN CB   C N N 45  
ASN CG   C N N 46  
ASN OD1  O N N 47  
ASN ND2  N N N 48  
ASN OXT  O N N 49  
ASN H    H N N 50  
ASN H2   H N N 51  
ASN HA   H N N 52  
ASN HB2  H N N 53  
ASN HB3  H N N 54  
ASN HD21 H N N 55  
ASN HD22 H N N 56  
ASN HXT  H N N 57  
ASP N    N N N 58  
ASP CA   C N S 59  
ASP C    C N N 60  
ASP O    O N N 61  
ASP CB   C N N 62  
ASP CG   C N N 63  
ASP OD1  O N N 64  
ASP OD2  O N N 65  
ASP OXT  O N N 66  
ASP H    H N N 67  
ASP H2   H N N 68  
ASP HA   H N N 69  
ASP HB2  H N N 70  
ASP HB3  H N N 71  
ASP HD2  H N N 72  
ASP HXT  H N N 73  
CYS N    N N N 74  
CYS CA   C N R 75  
CYS C    C N N 76  
CYS O    O N N 77  
CYS CB   C N N 78  
CYS SG   S N N 79  
CYS OXT  O N N 80  
CYS H    H N N 81  
CYS H2   H N N 82  
CYS HA   H N N 83  
CYS HB2  H N N 84  
CYS HB3  H N N 85  
CYS HG   H N N 86  
CYS HXT  H N N 87  
GLN N    N N N 88  
GLN CA   C N S 89  
GLN C    C N N 90  
GLN O    O N N 91  
GLN CB   C N N 92  
GLN CG   C N N 93  
GLN CD   C N N 94  
GLN OE1  O N N 95  
GLN NE2  N N N 96  
GLN OXT  O N N 97  
GLN H    H N N 98  
GLN H2   H N N 99  
GLN HA   H N N 100 
GLN HB2  H N N 101 
GLN HB3  H N N 102 
GLN HG2  H N N 103 
GLN HG3  H N N 104 
GLN HE21 H N N 105 
GLN HE22 H N N 106 
GLN HXT  H N N 107 
GLU N    N N N 108 
GLU CA   C N S 109 
GLU C    C N N 110 
GLU O    O N N 111 
GLU CB   C N N 112 
GLU CG   C N N 113 
GLU CD   C N N 114 
GLU OE1  O N N 115 
GLU OE2  O N N 116 
GLU OXT  O N N 117 
GLU H    H N N 118 
GLU H2   H N N 119 
GLU HA   H N N 120 
GLU HB2  H N N 121 
GLU HB3  H N N 122 
GLU HG2  H N N 123 
GLU HG3  H N N 124 
GLU HE2  H N N 125 
GLU HXT  H N N 126 
GLY N    N N N 127 
GLY CA   C N N 128 
GLY C    C N N 129 
GLY O    O N N 130 
GLY OXT  O N N 131 
GLY H    H N N 132 
GLY H2   H N N 133 
GLY HA2  H N N 134 
GLY HA3  H N N 135 
GLY HXT  H N N 136 
HOH O    O N N 137 
HOH H1   H N N 138 
HOH H2   H N N 139 
ILE N    N N N 140 
ILE CA   C N S 141 
ILE C    C N N 142 
ILE O    O N N 143 
ILE CB   C N S 144 
ILE CG1  C N N 145 
ILE CG2  C N N 146 
ILE CD1  C N N 147 
ILE OXT  O N N 148 
ILE H    H N N 149 
ILE H2   H N N 150 
ILE HA   H N N 151 
ILE HB   H N N 152 
ILE HG12 H N N 153 
ILE HG13 H N N 154 
ILE HG21 H N N 155 
ILE HG22 H N N 156 
ILE HG23 H N N 157 
ILE HD11 H N N 158 
ILE HD12 H N N 159 
ILE HD13 H N N 160 
ILE HXT  H N N 161 
LEU N    N N N 162 
LEU CA   C N S 163 
LEU C    C N N 164 
LEU O    O N N 165 
LEU CB   C N N 166 
LEU CG   C N N 167 
LEU CD1  C N N 168 
LEU CD2  C N N 169 
LEU OXT  O N N 170 
LEU H    H N N 171 
LEU H2   H N N 172 
LEU HA   H N N 173 
LEU HB2  H N N 174 
LEU HB3  H N N 175 
LEU HG   H N N 176 
LEU HD11 H N N 177 
LEU HD12 H N N 178 
LEU HD13 H N N 179 
LEU HD21 H N N 180 
LEU HD22 H N N 181 
LEU HD23 H N N 182 
LEU HXT  H N N 183 
LYS N    N N N 184 
LYS CA   C N S 185 
LYS C    C N N 186 
LYS O    O N N 187 
LYS CB   C N N 188 
LYS CG   C N N 189 
LYS CD   C N N 190 
LYS CE   C N N 191 
LYS NZ   N N N 192 
LYS OXT  O N N 193 
LYS H    H N N 194 
LYS H2   H N N 195 
LYS HA   H N N 196 
LYS HB2  H N N 197 
LYS HB3  H N N 198 
LYS HG2  H N N 199 
LYS HG3  H N N 200 
LYS HD2  H N N 201 
LYS HD3  H N N 202 
LYS HE2  H N N 203 
LYS HE3  H N N 204 
LYS HZ1  H N N 205 
LYS HZ2  H N N 206 
LYS HZ3  H N N 207 
LYS HXT  H N N 208 
MET N    N N N 209 
MET CA   C N S 210 
MET C    C N N 211 
MET O    O N N 212 
MET CB   C N N 213 
MET CG   C N N 214 
MET SD   S N N 215 
MET CE   C N N 216 
MET OXT  O N N 217 
MET H    H N N 218 
MET H2   H N N 219 
MET HA   H N N 220 
MET HB2  H N N 221 
MET HB3  H N N 222 
MET HG2  H N N 223 
MET HG3  H N N 224 
MET HE1  H N N 225 
MET HE2  H N N 226 
MET HE3  H N N 227 
MET HXT  H N N 228 
PHE N    N N N 229 
PHE CA   C N S 230 
PHE C    C N N 231 
PHE O    O N N 232 
PHE CB   C N N 233 
PHE CG   C Y N 234 
PHE CD1  C Y N 235 
PHE CD2  C Y N 236 
PHE CE1  C Y N 237 
PHE CE2  C Y N 238 
PHE CZ   C Y N 239 
PHE OXT  O N N 240 
PHE H    H N N 241 
PHE H2   H N N 242 
PHE HA   H N N 243 
PHE HB2  H N N 244 
PHE HB3  H N N 245 
PHE HD1  H N N 246 
PHE HD2  H N N 247 
PHE HE1  H N N 248 
PHE HE2  H N N 249 
PHE HZ   H N N 250 
PHE HXT  H N N 251 
PRO N    N N N 252 
PRO CA   C N S 253 
PRO C    C N N 254 
PRO O    O N N 255 
PRO CB   C N N 256 
PRO CG   C N N 257 
PRO CD   C N N 258 
PRO OXT  O N N 259 
PRO H    H N N 260 
PRO HA   H N N 261 
PRO HB2  H N N 262 
PRO HB3  H N N 263 
PRO HG2  H N N 264 
PRO HG3  H N N 265 
PRO HD2  H N N 266 
PRO HD3  H N N 267 
PRO HXT  H N N 268 
SER N    N N N 269 
SER CA   C N S 270 
SER C    C N N 271 
SER O    O N N 272 
SER CB   C N N 273 
SER OG   O N N 274 
SER OXT  O N N 275 
SER H    H N N 276 
SER H2   H N N 277 
SER HA   H N N 278 
SER HB2  H N N 279 
SER HB3  H N N 280 
SER HG   H N N 281 
SER HXT  H N N 282 
THR N    N N N 283 
THR CA   C N S 284 
THR C    C N N 285 
THR O    O N N 286 
THR CB   C N R 287 
THR OG1  O N N 288 
THR CG2  C N N 289 
THR OXT  O N N 290 
THR H    H N N 291 
THR H2   H N N 292 
THR HA   H N N 293 
THR HB   H N N 294 
THR HG1  H N N 295 
THR HG21 H N N 296 
THR HG22 H N N 297 
THR HG23 H N N 298 
THR HXT  H N N 299 
TRP N    N N N 300 
TRP CA   C N S 301 
TRP C    C N N 302 
TRP O    O N N 303 
TRP CB   C N N 304 
TRP CG   C Y N 305 
TRP CD1  C Y N 306 
TRP CD2  C Y N 307 
TRP NE1  N Y N 308 
TRP CE2  C Y N 309 
TRP CE3  C Y N 310 
TRP CZ2  C Y N 311 
TRP CZ3  C Y N 312 
TRP CH2  C Y N 313 
TRP OXT  O N N 314 
TRP H    H N N 315 
TRP H2   H N N 316 
TRP HA   H N N 317 
TRP HB2  H N N 318 
TRP HB3  H N N 319 
TRP HD1  H N N 320 
TRP HE1  H N N 321 
TRP HE3  H N N 322 
TRP HZ2  H N N 323 
TRP HZ3  H N N 324 
TRP HH2  H N N 325 
TRP HXT  H N N 326 
TYR N    N N N 327 
TYR CA   C N S 328 
TYR C    C N N 329 
TYR O    O N N 330 
TYR CB   C N N 331 
TYR CG   C Y N 332 
TYR CD1  C Y N 333 
TYR CD2  C Y N 334 
TYR CE1  C Y N 335 
TYR CE2  C Y N 336 
TYR CZ   C Y N 337 
TYR OH   O N N 338 
TYR OXT  O N N 339 
TYR H    H N N 340 
TYR H2   H N N 341 
TYR HA   H N N 342 
TYR HB2  H N N 343 
TYR HB3  H N N 344 
TYR HD1  H N N 345 
TYR HD2  H N N 346 
TYR HE1  H N N 347 
TYR HE2  H N N 348 
TYR HH   H N N 349 
TYR HXT  H N N 350 
VAL N    N N N 351 
VAL CA   C N S 352 
VAL C    C N N 353 
VAL O    O N N 354 
VAL CB   C N N 355 
VAL CG1  C N N 356 
VAL CG2  C N N 357 
VAL OXT  O N N 358 
VAL H    H N N 359 
VAL H2   H N N 360 
VAL HA   H N N 361 
VAL HB   H N N 362 
VAL HG11 H N N 363 
VAL HG12 H N N 364 
VAL HG13 H N N 365 
VAL HG21 H N N 366 
VAL HG22 H N N 367 
VAL HG23 H N N 368 
VAL HXT  H N N 369 
# 
loop_
_chem_comp_bond.comp_id 
_chem_comp_bond.atom_id_1 
_chem_comp_bond.atom_id_2 
_chem_comp_bond.value_order 
_chem_comp_bond.pdbx_aromatic_flag 
_chem_comp_bond.pdbx_stereo_config 
_chem_comp_bond.pdbx_ordinal 
ALA N   CA   sing N N 1   
ALA N   H    sing N N 2   
ALA N   H2   sing N N 3   
ALA CA  C    sing N N 4   
ALA CA  CB   sing N N 5   
ALA CA  HA   sing N N 6   
ALA C   O    doub N N 7   
ALA C   OXT  sing N N 8   
ALA CB  HB1  sing N N 9   
ALA CB  HB2  sing N N 10  
ALA CB  HB3  sing N N 11  
ALA OXT HXT  sing N N 12  
ARG N   CA   sing N N 13  
ARG N   H    sing N N 14  
ARG N   H2   sing N N 15  
ARG CA  C    sing N N 16  
ARG CA  CB   sing N N 17  
ARG CA  HA   sing N N 18  
ARG C   O    doub N N 19  
ARG C   OXT  sing N N 20  
ARG CB  CG   sing N N 21  
ARG CB  HB2  sing N N 22  
ARG CB  HB3  sing N N 23  
ARG CG  CD   sing N N 24  
ARG CG  HG2  sing N N 25  
ARG CG  HG3  sing N N 26  
ARG CD  NE   sing N N 27  
ARG CD  HD2  sing N N 28  
ARG CD  HD3  sing N N 29  
ARG NE  CZ   sing N N 30  
ARG NE  HE   sing N N 31  
ARG CZ  NH1  sing N N 32  
ARG CZ  NH2  doub N N 33  
ARG NH1 HH11 sing N N 34  
ARG NH1 HH12 sing N N 35  
ARG NH2 HH21 sing N N 36  
ARG NH2 HH22 sing N N 37  
ARG OXT HXT  sing N N 38  
ASN N   CA   sing N N 39  
ASN N   H    sing N N 40  
ASN N   H2   sing N N 41  
ASN CA  C    sing N N 42  
ASN CA  CB   sing N N 43  
ASN CA  HA   sing N N 44  
ASN C   O    doub N N 45  
ASN C   OXT  sing N N 46  
ASN CB  CG   sing N N 47  
ASN CB  HB2  sing N N 48  
ASN CB  HB3  sing N N 49  
ASN CG  OD1  doub N N 50  
ASN CG  ND2  sing N N 51  
ASN ND2 HD21 sing N N 52  
ASN ND2 HD22 sing N N 53  
ASN OXT HXT  sing N N 54  
ASP N   CA   sing N N 55  
ASP N   H    sing N N 56  
ASP N   H2   sing N N 57  
ASP CA  C    sing N N 58  
ASP CA  CB   sing N N 59  
ASP CA  HA   sing N N 60  
ASP C   O    doub N N 61  
ASP C   OXT  sing N N 62  
ASP CB  CG   sing N N 63  
ASP CB  HB2  sing N N 64  
ASP CB  HB3  sing N N 65  
ASP CG  OD1  doub N N 66  
ASP CG  OD2  sing N N 67  
ASP OD2 HD2  sing N N 68  
ASP OXT HXT  sing N N 69  
CYS N   CA   sing N N 70  
CYS N   H    sing N N 71  
CYS N   H2   sing N N 72  
CYS CA  C    sing N N 73  
CYS CA  CB   sing N N 74  
CYS CA  HA   sing N N 75  
CYS C   O    doub N N 76  
CYS C   OXT  sing N N 77  
CYS CB  SG   sing N N 78  
CYS CB  HB2  sing N N 79  
CYS CB  HB3  sing N N 80  
CYS SG  HG   sing N N 81  
CYS OXT HXT  sing N N 82  
GLN N   CA   sing N N 83  
GLN N   H    sing N N 84  
GLN N   H2   sing N N 85  
GLN CA  C    sing N N 86  
GLN CA  CB   sing N N 87  
GLN CA  HA   sing N N 88  
GLN C   O    doub N N 89  
GLN C   OXT  sing N N 90  
GLN CB  CG   sing N N 91  
GLN CB  HB2  sing N N 92  
GLN CB  HB3  sing N N 93  
GLN CG  CD   sing N N 94  
GLN CG  HG2  sing N N 95  
GLN CG  HG3  sing N N 96  
GLN CD  OE1  doub N N 97  
GLN CD  NE2  sing N N 98  
GLN NE2 HE21 sing N N 99  
GLN NE2 HE22 sing N N 100 
GLN OXT HXT  sing N N 101 
GLU N   CA   sing N N 102 
GLU N   H    sing N N 103 
GLU N   H2   sing N N 104 
GLU CA  C    sing N N 105 
GLU CA  CB   sing N N 106 
GLU CA  HA   sing N N 107 
GLU C   O    doub N N 108 
GLU C   OXT  sing N N 109 
GLU CB  CG   sing N N 110 
GLU CB  HB2  sing N N 111 
GLU CB  HB3  sing N N 112 
GLU CG  CD   sing N N 113 
GLU CG  HG2  sing N N 114 
GLU CG  HG3  sing N N 115 
GLU CD  OE1  doub N N 116 
GLU CD  OE2  sing N N 117 
GLU OE2 HE2  sing N N 118 
GLU OXT HXT  sing N N 119 
GLY N   CA   sing N N 120 
GLY N   H    sing N N 121 
GLY N   H2   sing N N 122 
GLY CA  C    sing N N 123 
GLY CA  HA2  sing N N 124 
GLY CA  HA3  sing N N 125 
GLY C   O    doub N N 126 
GLY C   OXT  sing N N 127 
GLY OXT HXT  sing N N 128 
HOH O   H1   sing N N 129 
HOH O   H2   sing N N 130 
ILE N   CA   sing N N 131 
ILE N   H    sing N N 132 
ILE N   H2   sing N N 133 
ILE CA  C    sing N N 134 
ILE CA  CB   sing N N 135 
ILE CA  HA   sing N N 136 
ILE C   O    doub N N 137 
ILE C   OXT  sing N N 138 
ILE CB  CG1  sing N N 139 
ILE CB  CG2  sing N N 140 
ILE CB  HB   sing N N 141 
ILE CG1 CD1  sing N N 142 
ILE CG1 HG12 sing N N 143 
ILE CG1 HG13 sing N N 144 
ILE CG2 HG21 sing N N 145 
ILE CG2 HG22 sing N N 146 
ILE CG2 HG23 sing N N 147 
ILE CD1 HD11 sing N N 148 
ILE CD1 HD12 sing N N 149 
ILE CD1 HD13 sing N N 150 
ILE OXT HXT  sing N N 151 
LEU N   CA   sing N N 152 
LEU N   H    sing N N 153 
LEU N   H2   sing N N 154 
LEU CA  C    sing N N 155 
LEU CA  CB   sing N N 156 
LEU CA  HA   sing N N 157 
LEU C   O    doub N N 158 
LEU C   OXT  sing N N 159 
LEU CB  CG   sing N N 160 
LEU CB  HB2  sing N N 161 
LEU CB  HB3  sing N N 162 
LEU CG  CD1  sing N N 163 
LEU CG  CD2  sing N N 164 
LEU CG  HG   sing N N 165 
LEU CD1 HD11 sing N N 166 
LEU CD1 HD12 sing N N 167 
LEU CD1 HD13 sing N N 168 
LEU CD2 HD21 sing N N 169 
LEU CD2 HD22 sing N N 170 
LEU CD2 HD23 sing N N 171 
LEU OXT HXT  sing N N 172 
LYS N   CA   sing N N 173 
LYS N   H    sing N N 174 
LYS N   H2   sing N N 175 
LYS CA  C    sing N N 176 
LYS CA  CB   sing N N 177 
LYS CA  HA   sing N N 178 
LYS C   O    doub N N 179 
LYS C   OXT  sing N N 180 
LYS CB  CG   sing N N 181 
LYS CB  HB2  sing N N 182 
LYS CB  HB3  sing N N 183 
LYS CG  CD   sing N N 184 
LYS CG  HG2  sing N N 185 
LYS CG  HG3  sing N N 186 
LYS CD  CE   sing N N 187 
LYS CD  HD2  sing N N 188 
LYS CD  HD3  sing N N 189 
LYS CE  NZ   sing N N 190 
LYS CE  HE2  sing N N 191 
LYS CE  HE3  sing N N 192 
LYS NZ  HZ1  sing N N 193 
LYS NZ  HZ2  sing N N 194 
LYS NZ  HZ3  sing N N 195 
LYS OXT HXT  sing N N 196 
MET N   CA   sing N N 197 
MET N   H    sing N N 198 
MET N   H2   sing N N 199 
MET CA  C    sing N N 200 
MET CA  CB   sing N N 201 
MET CA  HA   sing N N 202 
MET C   O    doub N N 203 
MET C   OXT  sing N N 204 
MET CB  CG   sing N N 205 
MET CB  HB2  sing N N 206 
MET CB  HB3  sing N N 207 
MET CG  SD   sing N N 208 
MET CG  HG2  sing N N 209 
MET CG  HG3  sing N N 210 
MET SD  CE   sing N N 211 
MET CE  HE1  sing N N 212 
MET CE  HE2  sing N N 213 
MET CE  HE3  sing N N 214 
MET OXT HXT  sing N N 215 
PHE N   CA   sing N N 216 
PHE N   H    sing N N 217 
PHE N   H2   sing N N 218 
PHE CA  C    sing N N 219 
PHE CA  CB   sing N N 220 
PHE CA  HA   sing N N 221 
PHE C   O    doub N N 222 
PHE C   OXT  sing N N 223 
PHE CB  CG   sing N N 224 
PHE CB  HB2  sing N N 225 
PHE CB  HB3  sing N N 226 
PHE CG  CD1  doub Y N 227 
PHE CG  CD2  sing Y N 228 
PHE CD1 CE1  sing Y N 229 
PHE CD1 HD1  sing N N 230 
PHE CD2 CE2  doub Y N 231 
PHE CD2 HD2  sing N N 232 
PHE CE1 CZ   doub Y N 233 
PHE CE1 HE1  sing N N 234 
PHE CE2 CZ   sing Y N 235 
PHE CE2 HE2  sing N N 236 
PHE CZ  HZ   sing N N 237 
PHE OXT HXT  sing N N 238 
PRO N   CA   sing N N 239 
PRO N   CD   sing N N 240 
PRO N   H    sing N N 241 
PRO CA  C    sing N N 242 
PRO CA  CB   sing N N 243 
PRO CA  HA   sing N N 244 
PRO C   O    doub N N 245 
PRO C   OXT  sing N N 246 
PRO CB  CG   sing N N 247 
PRO CB  HB2  sing N N 248 
PRO CB  HB3  sing N N 249 
PRO CG  CD   sing N N 250 
PRO CG  HG2  sing N N 251 
PRO CG  HG3  sing N N 252 
PRO CD  HD2  sing N N 253 
PRO CD  HD3  sing N N 254 
PRO OXT HXT  sing N N 255 
SER N   CA   sing N N 256 
SER N   H    sing N N 257 
SER N   H2   sing N N 258 
SER CA  C    sing N N 259 
SER CA  CB   sing N N 260 
SER CA  HA   sing N N 261 
SER C   O    doub N N 262 
SER C   OXT  sing N N 263 
SER CB  OG   sing N N 264 
SER CB  HB2  sing N N 265 
SER CB  HB3  sing N N 266 
SER OG  HG   sing N N 267 
SER OXT HXT  sing N N 268 
THR N   CA   sing N N 269 
THR N   H    sing N N 270 
THR N   H2   sing N N 271 
THR CA  C    sing N N 272 
THR CA  CB   sing N N 273 
THR CA  HA   sing N N 274 
THR C   O    doub N N 275 
THR C   OXT  sing N N 276 
THR CB  OG1  sing N N 277 
THR CB  CG2  sing N N 278 
THR CB  HB   sing N N 279 
THR OG1 HG1  sing N N 280 
THR CG2 HG21 sing N N 281 
THR CG2 HG22 sing N N 282 
THR CG2 HG23 sing N N 283 
THR OXT HXT  sing N N 284 
TRP N   CA   sing N N 285 
TRP N   H    sing N N 286 
TRP N   H2   sing N N 287 
TRP CA  C    sing N N 288 
TRP CA  CB   sing N N 289 
TRP CA  HA   sing N N 290 
TRP C   O    doub N N 291 
TRP C   OXT  sing N N 292 
TRP CB  CG   sing N N 293 
TRP CB  HB2  sing N N 294 
TRP CB  HB3  sing N N 295 
TRP CG  CD1  doub Y N 296 
TRP CG  CD2  sing Y N 297 
TRP CD1 NE1  sing Y N 298 
TRP CD1 HD1  sing N N 299 
TRP CD2 CE2  doub Y N 300 
TRP CD2 CE3  sing Y N 301 
TRP NE1 CE2  sing Y N 302 
TRP NE1 HE1  sing N N 303 
TRP CE2 CZ2  sing Y N 304 
TRP CE3 CZ3  doub Y N 305 
TRP CE3 HE3  sing N N 306 
TRP CZ2 CH2  doub Y N 307 
TRP CZ2 HZ2  sing N N 308 
TRP CZ3 CH2  sing Y N 309 
TRP CZ3 HZ3  sing N N 310 
TRP CH2 HH2  sing N N 311 
TRP OXT HXT  sing N N 312 
TYR N   CA   sing N N 313 
TYR N   H    sing N N 314 
TYR N   H2   sing N N 315 
TYR CA  C    sing N N 316 
TYR CA  CB   sing N N 317 
TYR CA  HA   sing N N 318 
TYR C   O    doub N N 319 
TYR C   OXT  sing N N 320 
TYR CB  CG   sing N N 321 
TYR CB  HB2  sing N N 322 
TYR CB  HB3  sing N N 323 
TYR CG  CD1  doub Y N 324 
TYR CG  CD2  sing Y N 325 
TYR CD1 CE1  sing Y N 326 
TYR CD1 HD1  sing N N 327 
TYR CD2 CE2  doub Y N 328 
TYR CD2 HD2  sing N N 329 
TYR CE1 CZ   doub Y N 330 
TYR CE1 HE1  sing N N 331 
TYR CE2 CZ   sing Y N 332 
TYR CE2 HE2  sing N N 333 
TYR CZ  OH   sing N N 334 
TYR OH  HH   sing N N 335 
TYR OXT HXT  sing N N 336 
VAL N   CA   sing N N 337 
VAL N   H    sing N N 338 
VAL N   H2   sing N N 339 
VAL CA  C    sing N N 340 
VAL CA  CB   sing N N 341 
VAL CA  HA   sing N N 342 
VAL C   O    doub N N 343 
VAL C   OXT  sing N N 344 
VAL CB  CG1  sing N N 345 
VAL CB  CG2  sing N N 346 
VAL CB  HB   sing N N 347 
VAL CG1 HG11 sing N N 348 
VAL CG1 HG12 sing N N 349 
VAL CG1 HG13 sing N N 350 
VAL CG2 HG21 sing N N 351 
VAL CG2 HG22 sing N N 352 
VAL CG2 HG23 sing N N 353 
VAL OXT HXT  sing N N 354 
# 
_pdbx_initial_refinement_model.accession_code   ? 
_pdbx_initial_refinement_model.id               1 
_pdbx_initial_refinement_model.entity_id_list   ? 
_pdbx_initial_refinement_model.type             'experimental model' 
_pdbx_initial_refinement_model.source_name      Other 
_pdbx_initial_refinement_model.details          'VH OF FAB FRAGMENT OF ANTIBODY AGAINST 2-PHENYL-OXAZOLONE' 
# 
_atom_sites.entry_id                    1HCV 
_atom_sites.fract_transf_matrix[1][1]   -0.01167490 
_atom_sites.fract_transf_matrix[1][2]   -0.01931678 
_atom_sites.fract_transf_matrix[1][3]   0.02531281 
_atom_sites.fract_transf_matrix[2][1]   -0.02224890 
_atom_sites.fract_transf_matrix[2][2]   0.00244323 
_atom_sites.fract_transf_matrix[2][3]   -0.00839727 
_atom_sites.fract_transf_matrix[3][1]   0.00236098 
_atom_sites.fract_transf_matrix[3][2]   -0.02258273 
_atom_sites.fract_transf_matrix[3][3]   -0.01282608 
_atom_sites.fract_transf_vector[1]      0.367488 
_atom_sites.fract_transf_vector[2]      0.001278 
_atom_sites.fract_transf_vector[3]      0.211554 
# 
loop_
_atom_type.symbol 
C 
H 
N 
O 
S 
# 
loop_
_atom_site.group_PDB 
_atom_site.id 
_atom_site.type_symbol 
_atom_site.label_atom_id 
_atom_site.label_alt_id 
_atom_site.label_comp_id 
_atom_site.label_asym_id 
_atom_site.label_entity_id 
_atom_site.label_seq_id 
_atom_site.pdbx_PDB_ins_code 
_atom_site.Cartn_x 
_atom_site.Cartn_y 
_atom_site.Cartn_z 
_atom_site.occupancy 
_atom_site.B_iso_or_equiv 
_atom_site.pdbx_formal_charge 
_atom_site.auth_seq_id 
_atom_site.auth_comp_id 
_atom_site.auth_asym_id 
_atom_site.auth_atom_id 
_atom_site.pdbx_PDB_model_num 
ATOM   1    N N    . VAL A 1 2   ? 1.803   -16.164 -8.047  1.00 52.06 ? 2   VAL A N    1 
ATOM   2    C CA   . VAL A 1 2   ? 1.632   -14.762 -7.592  1.00 51.95 ? 2   VAL A CA   1 
ATOM   3    C C    . VAL A 1 2   ? 0.136   -14.566 -7.335  1.00 51.24 ? 2   VAL A C    1 
ATOM   4    O O    . VAL A 1 2   ? -0.667  -15.211 -8.026  1.00 54.13 ? 2   VAL A O    1 
ATOM   5    C CB   . VAL A 1 2   ? 2.089   -13.762 -8.654  1.00 51.58 ? 2   VAL A CB   1 
ATOM   6    C CG1  . VAL A 1 2   ? 1.716   -12.331 -8.210  1.00 52.14 ? 2   VAL A CG1  1 
ATOM   7    C CG2  . VAL A 1 2   ? 3.579   -13.902 -8.922  1.00 51.45 ? 2   VAL A CG2  1 
ATOM   8    N N    . GLN A 1 3   ? -0.223  -13.747 -6.370  1.00 47.19 ? 3   GLN A N    1 
ATOM   9    C CA   . GLN A 1 3   ? -1.630  -13.469 -6.040  1.00 40.33 ? 3   GLN A CA   1 
ATOM   10   C C    . GLN A 1 3   ? -1.917  -11.942 -6.093  1.00 34.01 ? 3   GLN A C    1 
ATOM   11   O O    . GLN A 1 3   ? -3.060  -11.486 -6.278  1.00 32.07 ? 3   GLN A O    1 
ATOM   12   C CB   . GLN A 1 3   ? -1.980  -14.052 -4.654  1.00 46.56 ? 3   GLN A CB   1 
ATOM   13   C CG   . GLN A 1 3   ? -3.464  -14.086 -4.315  1.00 55.45 ? 3   GLN A CG   1 
ATOM   14   C CD   . GLN A 1 3   ? -3.708  -13.705 -2.883  1.00 60.40 ? 3   GLN A CD   1 
ATOM   15   O OE1  . GLN A 1 3   ? -2.791  -13.332 -2.155  1.00 64.16 ? 3   GLN A OE1  1 
ATOM   16   N NE2  . GLN A 1 3   ? -4.952  -13.751 -2.466  1.00 61.96 ? 3   GLN A NE2  1 
ATOM   17   H H    . GLN A 1 3   ? 0.464   -13.177 -5.981  1.00 0.00  ? 3   GLN A H    1 
ATOM   18   H HE21 . GLN A 1 3   ? -5.245  -13.377 -1.591  1.00 0.00  ? 3   GLN A HE21 1 
ATOM   19   H HE22 . GLN A 1 3   ? -5.597  -14.139 -3.088  1.00 0.00  ? 3   GLN A HE22 1 
ATOM   20   N N    . LEU A 1 4   ? -0.850  -11.127 -5.926  1.00 27.87 ? 4   LEU A N    1 
ATOM   21   C CA   . LEU A 1 4   ? -0.974  -9.669  -5.904  1.00 24.96 ? 4   LEU A CA   1 
ATOM   22   C C    . LEU A 1 4   ? -0.106  -8.933  -6.900  1.00 23.92 ? 4   LEU A C    1 
ATOM   23   O O    . LEU A 1 4   ? 1.012   -9.351  -7.185  1.00 23.85 ? 4   LEU A O    1 
ATOM   24   C CB   . LEU A 1 4   ? -0.644  -9.140  -4.518  1.00 20.02 ? 4   LEU A CB   1 
ATOM   25   C CG   . LEU A 1 4   ? -1.286  -9.864  -3.336  1.00 18.90 ? 4   LEU A CG   1 
ATOM   26   C CD1  . LEU A 1 4   ? -0.513  -9.572  -2.067  1.00 18.17 ? 4   LEU A CD1  1 
ATOM   27   C CD2  . LEU A 1 4   ? -2.745  -9.460  -3.209  1.00 21.31 ? 4   LEU A CD2  1 
ATOM   28   H H    . LEU A 1 4   ? 0.045   -11.562 -5.850  1.00 0.00  ? 4   LEU A H    1 
ATOM   29   N N    . GLN A 1 5   ? -0.637  -7.851  -7.450  1.00 20.92 ? 5   GLN A N    1 
ATOM   30   C CA   . GLN A 1 5   ? 0.117   -7.042  -8.396  1.00 21.01 ? 5   GLN A CA   1 
ATOM   31   C C    . GLN A 1 5   ? -0.210  -5.561  -8.244  1.00 19.18 ? 5   GLN A C    1 
ATOM   32   O O    . GLN A 1 5   ? -1.372  -5.151  -8.308  1.00 15.92 ? 5   GLN A O    1 
ATOM   33   C CB   . GLN A 1 5   ? -0.099  -7.503  -9.842  1.00 27.13 ? 5   GLN A CB   1 
ATOM   34   C CG   . GLN A 1 5   ? 0.761   -6.748  -10.870 1.00 39.22 ? 5   GLN A CG   1 
ATOM   35   C CD   . GLN A 1 5   ? 2.228   -6.577  -10.437 1.00 49.07 ? 5   GLN A CD   1 
ATOM   36   O OE1  . GLN A 1 5   ? 2.822   -7.453  -9.791  1.00 54.15 ? 5   GLN A OE1  1 
ATOM   37   N NE2  . GLN A 1 5   ? 2.803   -5.423  -10.767 1.00 52.46 ? 5   GLN A NE2  1 
ATOM   38   H H    . GLN A 1 5   ? -1.562  -7.580  -7.215  1.00 0.00  ? 5   GLN A H    1 
ATOM   39   H HE21 . GLN A 1 5   ? 3.744   -5.286  -10.548 1.00 0.00  ? 5   GLN A HE21 1 
ATOM   40   H HE22 . GLN A 1 5   ? 2.259   -4.736  -11.220 1.00 0.00  ? 5   GLN A HE22 1 
ATOM   41   N N    . GLU A 1 6   ? 0.835   -4.770  -8.038  1.00 17.15 ? 6   GLU A N    1 
ATOM   42   C CA   . GLU A 1 6   ? 0.705   -3.334  -7.858  1.00 17.99 ? 6   GLU A CA   1 
ATOM   43   C C    . GLU A 1 6   ? 0.878   -2.573  -9.161  1.00 20.81 ? 6   GLU A C    1 
ATOM   44   O O    . GLU A 1 6   ? 1.374   -3.114  -10.155 1.00 22.00 ? 6   GLU A O    1 
ATOM   45   C CB   . GLU A 1 6   ? 1.771   -2.821  -6.883  1.00 15.85 ? 6   GLU A CB   1 
ATOM   46   C CG   . GLU A 1 6   ? 1.910   -3.601  -5.596  1.00 16.98 ? 6   GLU A CG   1 
ATOM   47   C CD   . GLU A 1 6   ? 3.007   -4.653  -5.645  1.00 20.10 ? 6   GLU A CD   1 
ATOM   48   O OE1  . GLU A 1 6   ? 3.286   -5.209  -6.728  1.00 23.07 ? 6   GLU A OE1  1 
ATOM   49   O OE2  . GLU A 1 6   ? 3.597   -4.932  -4.583  1.00 14.93 ? 6   GLU A OE2  1 
ATOM   50   H H    . GLU A 1 6   ? 1.713   -5.165  -8.069  1.00 0.00  ? 6   GLU A H    1 
ATOM   51   N N    . SER A 1 7   ? 0.509   -1.300  -9.127  1.00 20.22 ? 7   SER A N    1 
ATOM   52   C CA   . SER A 1 7   ? 0.655   -0.411  -10.271 1.00 19.44 ? 7   SER A CA   1 
ATOM   53   C C    . SER A 1 7   ? 0.496   1.015   -9.763  1.00 18.50 ? 7   SER A C    1 
ATOM   54   O O    . SER A 1 7   ? -0.062  1.233   -8.676  1.00 13.94 ? 7   SER A O    1 
ATOM   55   C CB   . SER A 1 7   ? -0.381  -0.719  -11.358 1.00 20.29 ? 7   SER A CB   1 
ATOM   56   O OG   . SER A 1 7   ? -1.695  -0.683  -10.841 1.00 26.24 ? 7   SER A OG   1 
ATOM   57   H H    . SER A 1 7   ? 0.091   -0.916  -8.324  1.00 0.00  ? 7   SER A H    1 
ATOM   58   H HG   . SER A 1 7   ? -1.816  -1.520  -10.364 1.00 0.00  ? 7   SER A HG   1 
ATOM   59   N N    . GLY A 1 8   ? 1.060   1.972   -10.495 1.00 14.92 ? 8   GLY A N    1 
ATOM   60   C CA   . GLY A 1 8   ? 0.935   3.358   -10.089 1.00 16.09 ? 8   GLY A CA   1 
ATOM   61   C C    . GLY A 1 8   ? 2.197   4.108   -9.698  1.00 15.25 ? 8   GLY A C    1 
ATOM   62   O O    . GLY A 1 8   ? 2.166   5.333   -9.589  1.00 19.30 ? 8   GLY A O    1 
ATOM   63   H H    . GLY A 1 8   ? 1.535   1.732   -11.323 1.00 0.00  ? 8   GLY A H    1 
ATOM   64   N N    . GLY A 1 9   ? 3.299   3.399   -9.485  1.00 13.11 ? 9   GLY A N    1 
ATOM   65   C CA   . GLY A 1 9   ? 4.531   4.071   -9.104  1.00 10.80 ? 9   GLY A CA   1 
ATOM   66   C C    . GLY A 1 9   ? 5.004   5.048   -10.161 1.00 11.90 ? 9   GLY A C    1 
ATOM   67   O O    . GLY A 1 9   ? 4.543   5.006   -11.304 1.00 15.77 ? 9   GLY A O    1 
ATOM   68   H H    . GLY A 1 9   ? 3.276   2.429   -9.593  1.00 0.00  ? 9   GLY A H    1 
ATOM   69   N N    . GLY A 1 10  ? 5.942   5.914   -9.796  1.00 12.08 ? 10  GLY A N    1 
ATOM   70   C CA   . GLY A 1 10  ? 6.458   6.877   -10.751 1.00 12.01 ? 10  GLY A CA   1 
ATOM   71   C C    . GLY A 1 10  ? 7.133   8.064   -10.092 1.00 10.44 ? 10  GLY A C    1 
ATOM   72   O O    . GLY A 1 10  ? 7.448   8.029   -8.900  1.00 9.86  ? 10  GLY A O    1 
ATOM   73   H H    . GLY A 1 10  ? 6.309   5.901   -8.889  1.00 0.00  ? 10  GLY A H    1 
ATOM   74   N N    . LEU A 1 11  ? 7.357   9.111   -10.878 1.00 6.94  ? 11  LEU A N    1 
ATOM   75   C CA   . LEU A 1 11  ? 7.997   10.328  -10.400 1.00 8.98  ? 11  LEU A CA   1 
ATOM   76   C C    . LEU A 1 11  ? 6.938   11.321  -9.937  1.00 8.66  ? 11  LEU A C    1 
ATOM   77   O O    . LEU A 1 11  ? 5.915   11.510  -10.600 1.00 8.92  ? 11  LEU A O    1 
ATOM   78   C CB   . LEU A 1 11  ? 8.829   10.961  -11.520 1.00 6.33  ? 11  LEU A CB   1 
ATOM   79   C CG   . LEU A 1 11  ? 9.975   10.117  -12.066 1.00 12.20 ? 11  LEU A CG   1 
ATOM   80   C CD1  . LEU A 1 11  ? 10.435  10.672  -13.399 1.00 14.13 ? 11  LEU A CD1  1 
ATOM   81   C CD2  . LEU A 1 11  ? 11.107  10.109  -11.060 1.00 17.22 ? 11  LEU A CD2  1 
ATOM   82   H H    . LEU A 1 11  ? 7.040   9.111   -11.803 1.00 0.00  ? 11  LEU A H    1 
ATOM   83   N N    . VAL A 1 12  ? 7.188   11.972  -8.810  1.00 5.99  ? 12  VAL A N    1 
ATOM   84   C CA   . VAL A 1 12  ? 6.238   12.939  -8.284  1.00 7.94  ? 12  VAL A CA   1 
ATOM   85   C C    . VAL A 1 12  ? 6.979   14.110  -7.641  1.00 8.20  ? 12  VAL A C    1 
ATOM   86   O O    . VAL A 1 12  ? 8.037   13.933  -7.030  1.00 7.76  ? 12  VAL A O    1 
ATOM   87   C CB   . VAL A 1 12  ? 5.237   12.250  -7.292  1.00 13.90 ? 12  VAL A CB   1 
ATOM   88   C CG1  . VAL A 1 12  ? 5.975   11.610  -6.155  1.00 20.13 ? 12  VAL A CG1  1 
ATOM   89   C CG2  . VAL A 1 12  ? 4.196   13.228  -6.778  1.00 12.43 ? 12  VAL A CG2  1 
ATOM   90   H H    . VAL A 1 12  ? 8.014   11.803  -8.307  1.00 0.00  ? 12  VAL A H    1 
ATOM   91   N N    . GLN A 1 13  ? 6.470   15.315  -7.878  1.00 7.67  ? 13  GLN A N    1 
ATOM   92   C CA   . GLN A 1 13  ? 7.059   16.535  -7.323  1.00 8.13  ? 13  GLN A CA   1 
ATOM   93   C C    . GLN A 1 13  ? 6.687   16.624  -5.849  1.00 8.16  ? 13  GLN A C    1 
ATOM   94   O O    . GLN A 1 13  ? 5.565   16.270  -5.474  1.00 8.62  ? 13  GLN A O    1 
ATOM   95   C CB   . GLN A 1 13  ? 6.505   17.759  -8.061  1.00 12.06 ? 13  GLN A CB   1 
ATOM   96   C CG   . GLN A 1 13  ? 6.909   17.824  -9.535  1.00 16.03 ? 13  GLN A CG   1 
ATOM   97   C CD   . GLN A 1 13  ? 6.088   18.821  -10.345 1.00 16.82 ? 13  GLN A CD   1 
ATOM   98   O OE1  . GLN A 1 13  ? 5.801   18.588  -11.512 1.00 13.66 ? 13  GLN A OE1  1 
ATOM   99   N NE2  . GLN A 1 13  ? 5.700   19.928  -9.723  1.00 13.78 ? 13  GLN A NE2  1 
ATOM   100  H H    . GLN A 1 13  ? 5.673   15.390  -8.435  1.00 0.00  ? 13  GLN A H    1 
ATOM   101  H HE21 . GLN A 1 13  ? 5.192   20.611  -10.206 1.00 0.00  ? 13  GLN A HE21 1 
ATOM   102  H HE22 . GLN A 1 13  ? 5.927   20.029  -8.793  1.00 0.00  ? 13  GLN A HE22 1 
ATOM   103  N N    . ALA A 1 14  ? 7.621   17.085  -5.017  1.00 7.54  ? 14  ALA A N    1 
ATOM   104  C CA   . ALA A 1 14  ? 7.368   17.229  -3.585  1.00 7.89  ? 14  ALA A CA   1 
ATOM   105  C C    . ALA A 1 14  ? 6.106   18.053  -3.373  1.00 9.02  ? 14  ALA A C    1 
ATOM   106  O O    . ALA A 1 14  ? 5.915   19.096  -4.009  1.00 8.29  ? 14  ALA A O    1 
ATOM   107  C CB   . ALA A 1 14  ? 8.554   17.891  -2.898  1.00 9.80  ? 14  ALA A CB   1 
ATOM   108  H H    . ALA A 1 14  ? 8.501   17.341  -5.372  1.00 0.00  ? 14  ALA A H    1 
ATOM   109  N N    . GLY A 1 15  ? 5.225   17.551  -2.517  1.00 6.30  ? 15  GLY A N    1 
ATOM   110  C CA   . GLY A 1 15  ? 3.979   18.227  -2.228  1.00 6.84  ? 15  GLY A CA   1 
ATOM   111  C C    . GLY A 1 15  ? 2.826   17.652  -3.027  1.00 7.64  ? 15  GLY A C    1 
ATOM   112  O O    . GLY A 1 15  ? 1.662   17.873  -2.689  1.00 9.86  ? 15  GLY A O    1 
ATOM   113  H H    . GLY A 1 15  ? 5.423   16.702  -2.093  1.00 0.00  ? 15  GLY A H    1 
ATOM   114  N N    . GLY A 1 16  ? 3.148   16.908  -4.080  1.00 8.06  ? 16  GLY A N    1 
ATOM   115  C CA   . GLY A 1 16  ? 2.129   16.310  -4.929  1.00 6.72  ? 16  GLY A CA   1 
ATOM   116  C C    . GLY A 1 16  ? 1.490   15.046  -4.388  1.00 8.18  ? 16  GLY A C    1 
ATOM   117  O O    . GLY A 1 16  ? 1.822   14.593  -3.294  1.00 9.97  ? 16  GLY A O    1 
ATOM   118  H H    . GLY A 1 16  ? 4.084   16.751  -4.313  1.00 0.00  ? 16  GLY A H    1 
ATOM   119  N N    . SER A 1 17  ? 0.590   14.469  -5.181  1.00 6.93  ? 17  SER A N    1 
ATOM   120  C CA   . SER A 1 17  ? -0.141  13.260  -4.822  1.00 6.71  ? 17  SER A CA   1 
ATOM   121  C C    . SER A 1 17  ? 0.079   12.139  -5.834  1.00 6.52  ? 17  SER A C    1 
ATOM   122  O O    . SER A 1 17  ? 0.439   12.383  -6.991  1.00 7.49  ? 17  SER A O    1 
ATOM   123  C CB   . SER A 1 17  ? -1.647  13.560  -4.767  1.00 8.67  ? 17  SER A CB   1 
ATOM   124  O OG   . SER A 1 17  ? -1.974  14.516  -3.774  1.00 17.72 ? 17  SER A OG   1 
ATOM   125  H H    . SER A 1 17  ? 0.391   14.877  -6.052  1.00 0.00  ? 17  SER A H    1 
ATOM   126  H HG   . SER A 1 17  ? -1.468  15.335  -3.857  1.00 0.00  ? 17  SER A HG   1 
ATOM   127  N N    . LEU A 1 18  ? -0.196  10.910  -5.408  1.00 6.19  ? 18  LEU A N    1 
ATOM   128  C CA   . LEU A 1 18  ? -0.056  9.734   -6.264  1.00 7.88  ? 18  LEU A CA   1 
ATOM   129  C C    . LEU A 1 18  ? -0.958  8.630   -5.716  1.00 7.48  ? 18  LEU A C    1 
ATOM   130  O O    . LEU A 1 18  ? -1.105  8.499   -4.502  1.00 8.11  ? 18  LEU A O    1 
ATOM   131  C CB   . LEU A 1 18  ? 1.394   9.243   -6.259  1.00 8.06  ? 18  LEU A CB   1 
ATOM   132  C CG   . LEU A 1 18  ? 1.746   8.105   -7.222  1.00 9.45  ? 18  LEU A CG   1 
ATOM   133  C CD1  . LEU A 1 18  ? 1.692   8.595   -8.660  1.00 11.02 ? 18  LEU A CD1  1 
ATOM   134  C CD2  . LEU A 1 18  ? 3.136   7.590   -6.903  1.00 10.59 ? 18  LEU A CD2  1 
ATOM   135  H H    . LEU A 1 18  ? -0.495  10.789  -4.473  1.00 0.00  ? 18  LEU A H    1 
ATOM   136  N N    . ARG A 1 19  ? -1.582  7.854   -6.598  1.00 6.84  ? 19  ARG A N    1 
ATOM   137  C CA   . ARG A 1 19  ? -2.431  6.763   -6.144  1.00 6.59  ? 19  ARG A CA   1 
ATOM   138  C C    . ARG A 1 19  ? -1.845  5.452   -6.642  1.00 6.91  ? 19  ARG A C    1 
ATOM   139  O O    . ARG A 1 19  ? -1.484  5.341   -7.816  1.00 6.33  ? 19  ARG A O    1 
ATOM   140  C CB   . ARG A 1 19  ? -3.878  6.898   -6.649  1.00 5.01  ? 19  ARG A CB   1 
ATOM   141  C CG   . ARG A 1 19  ? -4.807  5.851   -6.003  1.00 10.24 ? 19  ARG A CG   1 
ATOM   142  C CD   . ARG A 1 19  ? -6.255  5.938   -6.487  1.00 14.59 ? 19  ARG A CD   1 
ATOM   143  N NE   . ARG A 1 19  ? -6.389  5.613   -7.904  1.00 20.36 ? 19  ARG A NE   1 
ATOM   144  C CZ   . ARG A 1 19  ? -7.497  5.142   -8.470  1.00 20.92 ? 19  ARG A CZ   1 
ATOM   145  N NH1  . ARG A 1 19  ? -8.580  4.903   -7.738  1.00 12.10 ? 19  ARG A NH1  1 
ATOM   146  N NH2  . ARG A 1 19  ? -7.511  4.886   -9.772  1.00 20.03 ? 19  ARG A NH2  1 
ATOM   147  H H    . ARG A 1 19  ? -1.435  7.887   -7.555  1.00 0.00  ? 19  ARG A H    1 
ATOM   148  H HE   . ARG A 1 19  ? -5.607  5.754   -8.476  1.00 0.00  ? 19  ARG A HE   1 
ATOM   149  H HH11 . ARG A 1 19  ? -8.563  5.060   -6.752  1.00 0.00  ? 19  ARG A HH11 1 
ATOM   150  H HH12 . ARG A 1 19  ? -9.405  4.549   -8.174  1.00 0.00  ? 19  ARG A HH12 1 
ATOM   151  H HH21 . ARG A 1 19  ? -6.685  5.052   -10.317 1.00 0.00  ? 19  ARG A HH21 1 
ATOM   152  H HH22 . ARG A 1 19  ? -8.338  4.532   -10.218 1.00 0.00  ? 19  ARG A HH22 1 
ATOM   153  N N    . LEU A 1 20  ? -1.679  4.502   -5.729  1.00 4.53  ? 20  LEU A N    1 
ATOM   154  C CA   . LEU A 1 20  ? -1.154  3.188   -6.072  1.00 5.58  ? 20  LEU A CA   1 
ATOM   155  C C    . LEU A 1 20  ? -2.305  2.208   -6.004  1.00 4.48  ? 20  LEU A C    1 
ATOM   156  O O    . LEU A 1 20  ? -3.258  2.418   -5.242  1.00 4.10  ? 20  LEU A O    1 
ATOM   157  C CB   . LEU A 1 20  ? -0.065  2.752   -5.084  1.00 8.38  ? 20  LEU A CB   1 
ATOM   158  C CG   . LEU A 1 20  ? 1.160   3.654   -4.913  1.00 6.93  ? 20  LEU A CG   1 
ATOM   159  C CD1  . LEU A 1 20  ? 2.090   3.021   -3.898  1.00 7.71  ? 20  LEU A CD1  1 
ATOM   160  C CD2  . LEU A 1 20  ? 1.872   3.844   -6.233  1.00 10.10 ? 20  LEU A CD2  1 
ATOM   161  H H    . LEU A 1 20  ? -1.945  4.680   -4.801  1.00 0.00  ? 20  LEU A H    1 
ATOM   162  N N    . SER A 1 21  ? -2.222  1.138   -6.791  1.00 4.39  ? 21  SER A N    1 
ATOM   163  C CA   . SER A 1 21  ? -3.263  0.102   -6.816  1.00 6.69  ? 21  SER A CA   1 
ATOM   164  C C    . SER A 1 21  ? -2.646  -1.269  -6.619  1.00 7.82  ? 21  SER A C    1 
ATOM   165  O O    . SER A 1 21  ? -1.506  -1.506  -7.004  1.00 7.69  ? 21  SER A O    1 
ATOM   166  C CB   . SER A 1 21  ? -4.004  0.103   -8.161  1.00 8.40  ? 21  SER A CB   1 
ATOM   167  O OG   . SER A 1 21  ? -4.629  1.342   -8.419  1.00 20.81 ? 21  SER A OG   1 
ATOM   168  H H    . SER A 1 21  ? -1.460  1.023   -7.382  1.00 0.00  ? 21  SER A H    1 
ATOM   169  H HG   . SER A 1 21  ? -3.976  2.011   -8.706  1.00 0.00  ? 21  SER A HG   1 
ATOM   170  N N    . CYS A 1 22  ? -3.414  -2.156  -6.009  1.00 8.55  ? 22  CYS A N    1 
ATOM   171  C CA   . CYS A 1 22  ? -2.971  -3.507  -5.790  1.00 11.51 ? 22  CYS A CA   1 
ATOM   172  C C    . CYS A 1 22  ? -4.144  -4.421  -6.088  1.00 12.46 ? 22  CYS A C    1 
ATOM   173  O O    . CYS A 1 22  ? -5.143  -4.417  -5.362  1.00 11.11 ? 22  CYS A O    1 
ATOM   174  C CB   . CYS A 1 22  ? -2.506  -3.720  -4.363  1.00 9.84  ? 22  CYS A CB   1 
ATOM   175  S SG   . CYS A 1 22  ? -2.062  -5.480  -4.041  1.00 15.07 ? 22  CYS A SG   1 
ATOM   176  H H    . CYS A 1 22  ? -4.291  -1.895  -5.646  1.00 0.00  ? 22  CYS A H    1 
ATOM   177  N N    . ALA A 1 23  ? -4.051  -5.175  -7.177  1.00 14.22 ? 23  ALA A N    1 
ATOM   178  C CA   . ALA A 1 23  ? -5.135  -6.070  -7.562  1.00 17.37 ? 23  ALA A CA   1 
ATOM   179  C C    . ALA A 1 23  ? -4.897  -7.463  -7.007  1.00 18.45 ? 23  ALA A C    1 
ATOM   180  O O    . ALA A 1 23  ? -3.808  -8.028  -7.171  1.00 16.38 ? 23  ALA A O    1 
ATOM   181  C CB   . ALA A 1 23  ? -5.264  -6.102  -9.077  1.00 20.71 ? 23  ALA A CB   1 
ATOM   182  H H    . ALA A 1 23  ? -3.214  -5.155  -7.692  1.00 0.00  ? 23  ALA A H    1 
ATOM   183  N N    . ALA A 1 24  ? -5.902  -7.987  -6.311  1.00 19.96 ? 24  ALA A N    1 
ATOM   184  C CA   . ALA A 1 24  ? -5.839  -9.323  -5.722  1.00 24.65 ? 24  ALA A CA   1 
ATOM   185  C C    . ALA A 1 24  ? -6.659  -10.285 -6.575  1.00 30.16 ? 24  ALA A C    1 
ATOM   186  O O    . ALA A 1 24  ? -7.656  -9.898  -7.188  1.00 29.50 ? 24  ALA A O    1 
ATOM   187  C CB   . ALA A 1 24  ? -6.382  -9.305  -4.288  1.00 23.65 ? 24  ALA A CB   1 
ATOM   188  H H    . ALA A 1 24  ? -6.727  -7.465  -6.223  1.00 0.00  ? 24  ALA A H    1 
ATOM   189  N N    . SER A 1 25  ? -6.225  -11.536 -6.630  1.00 34.60 ? 25  SER A N    1 
ATOM   190  C CA   . SER A 1 25  ? -6.944  -12.534 -7.399  1.00 39.52 ? 25  SER A CA   1 
ATOM   191  C C    . SER A 1 25  ? -6.844  -13.894 -6.739  1.00 42.24 ? 25  SER A C    1 
ATOM   192  O O    . SER A 1 25  ? -5.801  -14.264 -6.201  1.00 42.16 ? 25  SER A O    1 
ATOM   193  C CB   . SER A 1 25  ? -6.421  -12.619 -8.833  1.00 40.47 ? 25  SER A CB   1 
ATOM   194  O OG   . SER A 1 25  ? -5.019  -12.840 -8.860  1.00 49.26 ? 25  SER A OG   1 
ATOM   195  H H    . SER A 1 25  ? -5.436  -11.837 -6.142  1.00 0.00  ? 25  SER A H    1 
ATOM   196  H HG   . SER A 1 25  ? -4.615  -12.007 -8.600  1.00 0.00  ? 25  SER A HG   1 
ATOM   197  N N    . GLY A 1 26  ? -7.966  -14.599 -6.721  1.00 45.69 ? 26  GLY A N    1 
ATOM   198  C CA   . GLY A 1 26  ? -8.002  -15.929 -6.153  1.00 49.69 ? 26  GLY A CA   1 
ATOM   199  C C    . GLY A 1 26  ? -7.813  -16.044 -4.657  1.00 52.43 ? 26  GLY A C    1 
ATOM   200  O O    . GLY A 1 26  ? -6.684  -15.981 -4.157  1.00 53.43 ? 26  GLY A O    1 
ATOM   201  H H    . GLY A 1 26  ? -8.784  -14.183 -7.054  1.00 0.00  ? 26  GLY A H    1 
ATOM   202  N N    . ARG A 1 27  ? -8.919  -16.249 -3.947  1.00 53.70 ? 27  ARG A N    1 
ATOM   203  C CA   . ARG A 1 27  ? -8.878  -16.423 -2.504  1.00 56.45 ? 27  ARG A CA   1 
ATOM   204  C C    . ARG A 1 27  ? -8.874  -15.145 -1.681  1.00 58.06 ? 27  ARG A C    1 
ATOM   205  O O    . ARG A 1 27  ? -7.819  -14.554 -1.445  1.00 58.46 ? 27  ARG A O    1 
ATOM   206  H H    . ARG A 1 27  ? -9.782  -16.228 -4.359  1.00 0.00  ? 27  ARG A H    1 
ATOM   207  N N    . THR A 1 28  ? -10.060 -14.722 -1.248  1.00 59.04 ? 28  THR A N    1 
ATOM   208  C CA   . THR A 1 28  ? -10.233 -13.518 -0.424  1.00 59.10 ? 28  THR A CA   1 
ATOM   209  C C    . THR A 1 28  ? -11.423 -13.858 0.498   1.00 58.72 ? 28  THR A C    1 
ATOM   210  O O    . THR A 1 28  ? -11.803 -15.021 0.604   1.00 58.72 ? 28  THR A O    1 
ATOM   211  C CB   . THR A 1 28  ? -10.513 -12.269 -1.313  1.00 60.01 ? 28  THR A CB   1 
ATOM   212  O OG1  . THR A 1 28  ? -9.409  -12.064 -2.211  1.00 65.21 ? 28  THR A OG1  1 
ATOM   213  C CG2  . THR A 1 28  ? -10.657 -11.018 -0.481  1.00 52.69 ? 28  THR A CG2  1 
ATOM   214  H H    . THR A 1 28  ? -10.857 -15.253 -1.508  1.00 0.00  ? 28  THR A H    1 
ATOM   215  H HG1  . THR A 1 28  ? -9.143  -11.118 -2.171  1.00 0.00  ? 28  THR A HG1  1 
ATOM   216  N N    . GLY A 1 29  ? -12.021 -12.874 1.160   1.00 58.58 ? 29  GLY A N    1 
ATOM   217  C CA   . GLY A 1 29  ? -13.123 -13.189 2.051   1.00 57.60 ? 29  GLY A CA   1 
ATOM   218  C C    . GLY A 1 29  ? -13.044 -12.300 3.261   1.00 56.31 ? 29  GLY A C    1 
ATOM   219  O O    . GLY A 1 29  ? -12.166 -11.447 3.338   1.00 56.74 ? 29  GLY A O    1 
ATOM   220  H H    . GLY A 1 29  ? -11.832 -11.897 1.109   1.00 0.00  ? 29  GLY A H    1 
ATOM   221  N N    . SER A 1 30  ? -13.932 -12.527 4.220   1.00 55.12 ? 30  SER A N    1 
ATOM   222  C CA   . SER A 1 30  ? -13.948 -11.694 5.413   1.00 52.18 ? 30  SER A CA   1 
ATOM   223  C C    . SER A 1 30  ? -12.765 -11.756 6.363   1.00 49.90 ? 30  SER A C    1 
ATOM   224  O O    . SER A 1 30  ? -12.528 -10.811 7.121   1.00 49.50 ? 30  SER A O    1 
ATOM   225  H H    . SER A 1 30  ? -14.603 -13.247 4.056   1.00 0.00  ? 30  SER A H    1 
ATOM   226  N N    . THR A 1 31  ? -12.015 -12.852 6.335   1.00 46.25 ? 31  THR A N    1 
ATOM   227  C CA   . THR A 1 31  ? -10.880 -12.988 7.239   1.00 41.82 ? 31  THR A CA   1 
ATOM   228  C C    . THR A 1 31  ? -9.540  -12.436 6.755   1.00 38.23 ? 31  THR A C    1 
ATOM   229  O O    . THR A 1 31  ? -8.562  -12.465 7.509   1.00 40.23 ? 31  THR A O    1 
ATOM   230  C CB   . THR A 1 31  ? -10.736 -14.448 7.659   1.00 38.24 ? 31  THR A CB   1 
ATOM   231  H H    . THR A 1 31  ? -12.201 -13.592 5.731   1.00 0.00  ? 31  THR A H    1 
ATOM   232  N N    . TYR A 1 32  ? -9.481  -11.897 5.539   1.00 30.15 ? 32  TYR A N    1 
ATOM   233  C CA   . TYR A 1 32  ? -8.199  -11.401 5.048   1.00 22.81 ? 32  TYR A CA   1 
ATOM   234  C C    . TYR A 1 32  ? -7.987  -9.891  5.125   1.00 15.27 ? 32  TYR A C    1 
ATOM   235  O O    . TYR A 1 32  ? -8.931  -9.095  5.030   1.00 11.52 ? 32  TYR A O    1 
ATOM   236  C CB   . TYR A 1 32  ? -7.872  -12.007 3.649   1.00 25.91 ? 32  TYR A CB   1 
ATOM   237  C CG   . TYR A 1 32  ? -7.887  -11.095 2.422   1.00 42.49 ? 32  TYR A CG   1 
ATOM   238  C CD1  . TYR A 1 32  ? -8.751  -10.013 2.330   1.00 47.01 ? 32  TYR A CD1  1 
ATOM   239  C CD2  . TYR A 1 32  ? -7.024  -11.322 1.342   1.00 49.61 ? 32  TYR A CD2  1 
ATOM   240  C CE1  . TYR A 1 32  ? -8.759  -9.184  1.225   1.00 51.62 ? 32  TYR A CE1  1 
ATOM   241  C CE2  . TYR A 1 32  ? -7.028  -10.486 0.218   1.00 56.34 ? 32  TYR A CE2  1 
ATOM   242  C CZ   . TYR A 1 32  ? -7.909  -9.414  0.174   1.00 57.23 ? 32  TYR A CZ   1 
ATOM   243  O OH   . TYR A 1 32  ? -7.973  -8.560  -0.906  1.00 64.25 ? 32  TYR A OH   1 
ATOM   244  H H    . TYR A 1 32  ? -10.293 -11.732 5.020   1.00 0.00  ? 32  TYR A H    1 
ATOM   245  H HH   . TYR A 1 32  ? -7.195  -8.618  -1.464  1.00 0.00  ? 32  TYR A HH   1 
ATOM   246  N N    . ASP A 1 33  ? -6.735  -9.516  5.330   1.00 8.78  ? 33  ASP A N    1 
ATOM   247  C CA   . ASP A 1 33  ? -6.331  -8.128  5.415   1.00 6.65  ? 33  ASP A CA   1 
ATOM   248  C C    . ASP A 1 33  ? -5.368  -7.885  4.269   1.00 8.68  ? 33  ASP A C    1 
ATOM   249  O O    . ASP A 1 33  ? -4.646  -8.799  3.850   1.00 8.25  ? 33  ASP A O    1 
ATOM   250  C CB   . ASP A 1 33  ? -5.611  -7.875  6.739   1.00 11.57 ? 33  ASP A CB   1 
ATOM   251  C CG   . ASP A 1 33  ? -6.506  -8.102  7.947   1.00 16.29 ? 33  ASP A CG   1 
ATOM   252  O OD1  . ASP A 1 33  ? -7.503  -7.372  8.102   1.00 13.32 ? 33  ASP A OD1  1 
ATOM   253  O OD2  . ASP A 1 33  ? -6.214  -9.018  8.742   1.00 25.74 ? 33  ASP A OD2  1 
ATOM   254  H H    . ASP A 1 33  ? -6.047  -10.191 5.394   1.00 0.00  ? 33  ASP A H    1 
ATOM   255  N N    . MET A 1 34  ? -5.388  -6.666  3.742   1.00 8.83  ? 34  MET A N    1 
ATOM   256  C CA   . MET A 1 34  ? -4.506  -6.256  2.653   1.00 7.84  ? 34  MET A CA   1 
ATOM   257  C C    . MET A 1 34  ? -3.680  -5.120  3.226   1.00 8.14  ? 34  MET A C    1 
ATOM   258  O O    . MET A 1 34  ? -4.181  -4.325  4.022   1.00 8.30  ? 34  MET A O    1 
ATOM   259  C CB   . MET A 1 34  ? -5.313  -5.729  1.480   1.00 8.02  ? 34  MET A CB   1 
ATOM   260  C CG   . MET A 1 34  ? -6.167  -6.765  0.822   1.00 18.24 ? 34  MET A CG   1 
ATOM   261  S SD   . MET A 1 34  ? -5.179  -7.819  -0.229  1.00 31.35 ? 34  MET A SD   1 
ATOM   262  C CE   . MET A 1 34  ? -5.121  -6.815  -1.736  1.00 25.28 ? 34  MET A CE   1 
ATOM   263  H H    . MET A 1 34  ? -6.013  -6.011  4.106   1.00 0.00  ? 34  MET A H    1 
ATOM   264  N N    . GLY A 1 35  ? -2.420  -5.027  2.833   1.00 7.93  ? 35  GLY A N    1 
ATOM   265  C CA   . GLY A 1 35  ? -1.597  -3.965  3.362   1.00 9.18  ? 35  GLY A CA   1 
ATOM   266  C C    . GLY A 1 35  ? -0.568  -3.449  2.389   1.00 8.44  ? 35  GLY A C    1 
ATOM   267  O O    . GLY A 1 35  ? -0.301  -4.063  1.361   1.00 7.55  ? 35  GLY A O    1 
ATOM   268  H H    . GLY A 1 35  ? -2.057  -5.653  2.182   1.00 0.00  ? 35  GLY A H    1 
ATOM   269  N N    . TRP A 1 36  ? -0.039  -2.275  2.697   1.00 6.09  ? 36  TRP A N    1 
ATOM   270  C CA   . TRP A 1 36  ? 0.989   -1.647  1.892   1.00 7.80  ? 36  TRP A CA   1 
ATOM   271  C C    . TRP A 1 36  ? 2.191   -1.501  2.802   1.00 5.39  ? 36  TRP A C    1 
ATOM   272  O O    . TRP A 1 36  ? 2.046   -1.168  3.988   1.00 6.60  ? 36  TRP A O    1 
ATOM   273  C CB   . TRP A 1 36  ? 0.529   -0.271  1.380   1.00 5.84  ? 36  TRP A CB   1 
ATOM   274  C CG   . TRP A 1 36  ? -0.360  -0.344  0.172   1.00 5.14  ? 36  TRP A CG   1 
ATOM   275  C CD1  . TRP A 1 36  ? -1.730  -0.279  0.143   1.00 7.68  ? 36  TRP A CD1  1 
ATOM   276  C CD2  . TRP A 1 36  ? 0.057   -0.500  -1.177  1.00 6.82  ? 36  TRP A CD2  1 
ATOM   277  N NE1  . TRP A 1 36  ? -2.185  -0.387  -1.146  1.00 8.86  ? 36  TRP A NE1  1 
ATOM   278  C CE2  . TRP A 1 36  ? -1.098  -0.527  -1.987  1.00 7.57  ? 36  TRP A CE2  1 
ATOM   279  C CE3  . TRP A 1 36  ? 1.309   -0.620  -1.800  1.00 6.71  ? 36  TRP A CE3  1 
ATOM   280  C CZ2  . TRP A 1 36  ? -1.054  -0.668  -3.368  1.00 10.86 ? 36  TRP A CZ2  1 
ATOM   281  C CZ3  . TRP A 1 36  ? 1.362   -0.758  -3.174  1.00 10.88 ? 36  TRP A CZ3  1 
ATOM   282  C CH2  . TRP A 1 36  ? 0.187   -0.783  -3.945  1.00 9.77  ? 36  TRP A CH2  1 
ATOM   283  H H    . TRP A 1 36  ? -0.318  -1.829  3.513   1.00 0.00  ? 36  TRP A H    1 
ATOM   284  H HE1  . TRP A 1 36  ? -3.128  -0.368  -1.411  1.00 0.00  ? 36  TRP A HE1  1 
ATOM   285  N N    . PHE A 1 37  ? 3.364   -1.809  2.265   1.00 5.32  ? 37  PHE A N    1 
ATOM   286  C CA   . PHE A 1 37  ? 4.615   -1.709  3.000   1.00 4.90  ? 37  PHE A CA   1 
ATOM   287  C C    . PHE A 1 37  ? 5.555   -0.882  2.140   1.00 7.40  ? 37  PHE A C    1 
ATOM   288  O O    . PHE A 1 37  ? 5.325   -0.720  0.946   1.00 8.55  ? 37  PHE A O    1 
ATOM   289  C CB   . PHE A 1 37  ? 5.230   -3.101  3.202   1.00 7.49  ? 37  PHE A CB   1 
ATOM   290  C CG   . PHE A 1 37  ? 4.358   -4.041  3.974   1.00 9.24  ? 37  PHE A CG   1 
ATOM   291  C CD1  . PHE A 1 37  ? 3.265   -4.647  3.365   1.00 11.07 ? 37  PHE A CD1  1 
ATOM   292  C CD2  . PHE A 1 37  ? 4.569   -4.245  5.333   1.00 14.88 ? 37  PHE A CD2  1 
ATOM   293  C CE1  . PHE A 1 37  ? 2.401   -5.447  4.096   1.00 16.22 ? 37  PHE A CE1  1 
ATOM   294  C CE2  . PHE A 1 37  ? 3.713   -5.044  6.074   1.00 13.19 ? 37  PHE A CE2  1 
ATOM   295  C CZ   . PHE A 1 37  ? 2.621   -5.635  5.457   1.00 14.69 ? 37  PHE A CZ   1 
ATOM   296  H H    . PHE A 1 37  ? 3.418   -2.074  1.327   1.00 0.00  ? 37  PHE A H    1 
ATOM   297  N N    . ARG A 1 38  ? 6.595   -0.333  2.744   1.00 6.71  ? 38  ARG A N    1 
ATOM   298  C CA   . ARG A 1 38  ? 7.565   0.425   1.973   1.00 8.96  ? 38  ARG A CA   1 
ATOM   299  C C    . ARG A 1 38  ? 8.957   0.176   2.500   1.00 10.90 ? 38  ARG A C    1 
ATOM   300  O O    . ARG A 1 38  ? 9.144   -0.156  3.675   1.00 9.82  ? 38  ARG A O    1 
ATOM   301  C CB   . ARG A 1 38  ? 7.261   1.923   1.979   1.00 7.98  ? 38  ARG A CB   1 
ATOM   302  C CG   . ARG A 1 38  ? 7.496   2.648   3.292   1.00 9.68  ? 38  ARG A CG   1 
ATOM   303  C CD   . ARG A 1 38  ? 7.291   4.128   3.060   1.00 9.02  ? 38  ARG A CD   1 
ATOM   304  N NE   . ARG A 1 38  ? 7.487   4.922   4.262   1.00 10.97 ? 38  ARG A NE   1 
ATOM   305  C CZ   . ARG A 1 38  ? 7.235   6.225   4.339   1.00 17.04 ? 38  ARG A CZ   1 
ATOM   306  N NH1  . ARG A 1 38  ? 6.781   6.883   3.277   1.00 11.26 ? 38  ARG A NH1  1 
ATOM   307  N NH2  . ARG A 1 38  ? 7.437   6.871   5.477   1.00 13.76 ? 38  ARG A NH2  1 
ATOM   308  H H    . ARG A 1 38  ? 6.721   -0.442  3.708   1.00 0.00  ? 38  ARG A H    1 
ATOM   309  H HE   . ARG A 1 38  ? 7.815   4.463   5.056   1.00 0.00  ? 38  ARG A HE   1 
ATOM   310  H HH11 . ARG A 1 38  ? 6.628   6.401   2.416   1.00 0.00  ? 38  ARG A HH11 1 
ATOM   311  H HH12 . ARG A 1 38  ? 6.589   7.861   3.336   1.00 0.00  ? 38  ARG A HH12 1 
ATOM   312  H HH21 . ARG A 1 38  ? 7.777   6.374   6.276   1.00 0.00  ? 38  ARG A HH21 1 
ATOM   313  H HH22 . ARG A 1 38  ? 7.244   7.851   5.532   1.00 0.00  ? 38  ARG A HH22 1 
ATOM   314  N N    . GLN A 1 39  ? 9.928   0.285   1.607   1.00 10.77 ? 39  GLN A N    1 
ATOM   315  C CA   . GLN A 1 39  ? 11.315  0.099   1.978   1.00 11.55 ? 39  GLN A CA   1 
ATOM   316  C C    . GLN A 1 39  ? 12.145  1.120   1.230   1.00 10.64 ? 39  GLN A C    1 
ATOM   317  O O    . GLN A 1 39  ? 12.200  1.111   -0.003  1.00 8.24  ? 39  GLN A O    1 
ATOM   318  C CB   . GLN A 1 39  ? 11.797  -1.307  1.643   1.00 8.82  ? 39  GLN A CB   1 
ATOM   319  C CG   . GLN A 1 39  ? 13.160  -1.594  2.242   1.00 16.28 ? 39  GLN A CG   1 
ATOM   320  C CD   . GLN A 1 39  ? 13.696  -2.949  1.855   1.00 24.43 ? 39  GLN A CD   1 
ATOM   321  O OE1  . GLN A 1 39  ? 13.152  -3.618  0.975   1.00 26.19 ? 39  GLN A OE1  1 
ATOM   322  N NE2  . GLN A 1 39  ? 14.772  -3.365  2.507   1.00 28.71 ? 39  GLN A NE2  1 
ATOM   323  H H    . GLN A 1 39  ? 9.705   0.493   0.672   1.00 0.00  ? 39  GLN A H    1 
ATOM   324  H HE21 . GLN A 1 39  ? 15.128  -4.250  2.278   1.00 0.00  ? 39  GLN A HE21 1 
ATOM   325  H HE22 . GLN A 1 39  ? 15.171  -2.784  3.187   1.00 0.00  ? 39  GLN A HE22 1 
ATOM   326  N N    . ALA A 1 40  ? 12.696  2.056   1.988   1.00 13.77 ? 40  ALA A N    1 
ATOM   327  C CA   . ALA A 1 40  ? 13.538  3.103   1.441   1.00 16.46 ? 40  ALA A CA   1 
ATOM   328  C C    . ALA A 1 40  ? 14.925  2.498   1.289   1.00 19.30 ? 40  ALA A C    1 
ATOM   329  O O    . ALA A 1 40  ? 15.272  1.538   1.985   1.00 18.12 ? 40  ALA A O    1 
ATOM   330  C CB   . ALA A 1 40  ? 13.579  4.280   2.404   1.00 20.25 ? 40  ALA A CB   1 
ATOM   331  H H    . ALA A 1 40  ? 12.586  2.031   2.958   1.00 0.00  ? 40  ALA A H    1 
ATOM   332  N N    . PRO A 1 41  ? 15.740  3.043   0.374   1.00 22.88 ? 41  PRO A N    1 
ATOM   333  C CA   . PRO A 1 41  ? 17.090  2.498   0.192   1.00 21.82 ? 41  PRO A CA   1 
ATOM   334  C C    . PRO A 1 41  ? 17.881  2.536   1.501   1.00 20.18 ? 41  PRO A C    1 
ATOM   335  O O    . PRO A 1 41  ? 17.859  3.534   2.232   1.00 15.96 ? 41  PRO A O    1 
ATOM   336  C CB   . PRO A 1 41  ? 17.688  3.429   -0.870  1.00 29.19 ? 41  PRO A CB   1 
ATOM   337  C CG   . PRO A 1 41  ? 16.927  4.735   -0.660  1.00 34.11 ? 41  PRO A CG   1 
ATOM   338  C CD   . PRO A 1 41  ? 15.521  4.233   -0.465  1.00 25.45 ? 41  PRO A CD   1 
ATOM   339  N N    . GLY A 1 42  ? 18.520  1.416   1.823   1.00 19.07 ? 42  GLY A N    1 
ATOM   340  C CA   . GLY A 1 42  ? 19.303  1.326   3.040   1.00 21.72 ? 42  GLY A CA   1 
ATOM   341  C C    . GLY A 1 42  ? 18.471  1.157   4.301   1.00 22.31 ? 42  GLY A C    1 
ATOM   342  O O    . GLY A 1 42  ? 19.017  1.156   5.409   1.00 22.50 ? 42  GLY A O    1 
ATOM   343  H H    . GLY A 1 42  ? 18.430  0.626   1.254   1.00 0.00  ? 42  GLY A H    1 
ATOM   344  N N    . LYS A 1 43  ? 17.158  1.007   4.143   1.00 21.02 ? 43  LYS A N    1 
ATOM   345  C CA   . LYS A 1 43  ? 16.272  0.851   5.287   1.00 23.28 ? 43  LYS A CA   1 
ATOM   346  C C    . LYS A 1 43  ? 15.556  -0.495  5.277   1.00 24.07 ? 43  LYS A C    1 
ATOM   347  O O    . LYS A 1 43  ? 15.582  -1.229  4.282   1.00 23.31 ? 43  LYS A O    1 
ATOM   348  C CB   . LYS A 1 43  ? 15.241  1.990   5.333   1.00 21.90 ? 43  LYS A CB   1 
ATOM   349  C CG   . LYS A 1 43  ? 15.839  3.395   5.512   1.00 27.33 ? 43  LYS A CG   1 
ATOM   350  C CD   . LYS A 1 43  ? 16.342  3.654   6.933   1.00 28.26 ? 43  LYS A CD   1 
ATOM   351  C CE   . LYS A 1 43  ? 15.181  3.782   7.927   1.00 29.48 ? 43  LYS A CE   1 
ATOM   352  N NZ   . LYS A 1 43  ? 15.623  3.826   9.361   1.00 17.85 ? 43  LYS A NZ   1 
ATOM   353  H H    . LYS A 1 43  ? 16.738  1.007   3.257   1.00 0.00  ? 43  LYS A H    1 
ATOM   354  H HZ1  . LYS A 1 43  ? 16.196  2.984   9.573   1.00 0.00  ? 43  LYS A HZ1  1 
ATOM   355  H HZ2  . LYS A 1 43  ? 16.199  4.679   9.507   1.00 0.00  ? 43  LYS A HZ2  1 
ATOM   356  H HZ3  . LYS A 1 43  ? 14.804  3.849   10.000  1.00 0.00  ? 43  LYS A HZ3  1 
ATOM   357  N N    . GLU A 1 44  ? 14.947  -0.821  6.412   1.00 24.91 ? 44  GLU A N    1 
ATOM   358  C CA   . GLU A 1 44  ? 14.197  -2.060  6.592   1.00 25.65 ? 44  GLU A CA   1 
ATOM   359  C C    . GLU A 1 44  ? 12.763  -1.831  6.111   1.00 22.69 ? 44  GLU A C    1 
ATOM   360  O O    . GLU A 1 44  ? 12.259  -0.704  6.156   1.00 20.91 ? 44  GLU A O    1 
ATOM   361  C CB   . GLU A 1 44  ? 14.199  -2.435  8.083   1.00 33.02 ? 44  GLU A CB   1 
ATOM   362  C CG   . GLU A 1 44  ? 13.610  -3.802  8.421   1.00 45.02 ? 44  GLU A CG   1 
ATOM   363  C CD   . GLU A 1 44  ? 13.848  -4.204  9.874   1.00 52.70 ? 44  GLU A CD   1 
ATOM   364  O OE1  . GLU A 1 44  ? 14.992  -4.584  10.211  1.00 55.93 ? 44  GLU A OE1  1 
ATOM   365  O OE2  . GLU A 1 44  ? 12.890  -4.148  10.678  1.00 49.66 ? 44  GLU A OE2  1 
ATOM   366  H H    . GLU A 1 44  ? 15.036  -0.193  7.158   1.00 0.00  ? 44  GLU A H    1 
ATOM   367  N N    . ARG A 1 45  ? 12.120  -2.883  5.618   1.00 18.61 ? 45  ARG A N    1 
ATOM   368  C CA   . ARG A 1 45  ? 10.743  -2.771  5.157   1.00 17.78 ? 45  ARG A CA   1 
ATOM   369  C C    . ARG A 1 45  ? 9.873   -2.411  6.353   1.00 17.56 ? 45  ARG A C    1 
ATOM   370  O O    . ARG A 1 45  ? 10.126  -2.877  7.467   1.00 18.63 ? 45  ARG A O    1 
ATOM   371  C CB   . ARG A 1 45  ? 10.268  -4.084  4.537   1.00 18.15 ? 45  ARG A CB   1 
ATOM   372  C CG   . ARG A 1 45  ? 8.873   -4.003  3.926   1.00 23.35 ? 45  ARG A CG   1 
ATOM   373  C CD   . ARG A 1 45  ? 8.471   -5.316  3.283   1.00 29.96 ? 45  ARG A CD   1 
ATOM   374  N NE   . ARG A 1 45  ? 8.398   -6.413  4.245   1.00 27.48 ? 45  ARG A NE   1 
ATOM   375  C CZ   . ARG A 1 45  ? 8.346   -7.696  3.905   1.00 29.30 ? 45  ARG A CZ   1 
ATOM   376  N NH1  . ARG A 1 45  ? 8.373   -8.049  2.624   1.00 29.76 ? 45  ARG A NH1  1 
ATOM   377  N NH2  . ARG A 1 45  ? 8.280   -8.629  4.844   1.00 26.81 ? 45  ARG A NH2  1 
ATOM   378  H H    . ARG A 1 45  ? 12.568  -3.750  5.572   1.00 0.00  ? 45  ARG A H    1 
ATOM   379  H HE   . ARG A 1 45  ? 8.394   -6.195  5.201   1.00 0.00  ? 45  ARG A HE   1 
ATOM   380  H HH11 . ARG A 1 45  ? 8.432   -7.352  1.907   1.00 0.00  ? 45  ARG A HH11 1 
ATOM   381  H HH12 . ARG A 1 45  ? 8.328   -9.016  2.380   1.00 0.00  ? 45  ARG A HH12 1 
ATOM   382  H HH21 . ARG A 1 45  ? 8.275   -8.364  5.810   1.00 0.00  ? 45  ARG A HH21 1 
ATOM   383  H HH22 . ARG A 1 45  ? 8.240   -9.592  4.591   1.00 0.00  ? 45  ARG A HH22 1 
ATOM   384  N N    . GLU A 1 46  ? 8.871   -1.566  6.129   1.00 16.31 ? 46  GLU A N    1 
ATOM   385  C CA   . GLU A 1 46  ? 7.981   -1.129  7.199   1.00 12.22 ? 46  GLU A CA   1 
ATOM   386  C C    . GLU A 1 46  ? 6.540   -1.057  6.720   1.00 12.63 ? 46  GLU A C    1 
ATOM   387  O O    . GLU A 1 46  ? 6.279   -0.811  5.541   1.00 9.12  ? 46  GLU A O    1 
ATOM   388  C CB   . GLU A 1 46  ? 8.417   0.245   7.714   1.00 13.59 ? 46  GLU A CB   1 
ATOM   389  C CG   . GLU A 1 46  ? 8.372   1.349   6.670   1.00 19.21 ? 46  GLU A CG   1 
ATOM   390  C CD   . GLU A 1 46  ? 9.005   2.640   7.149   1.00 30.50 ? 46  GLU A CD   1 
ATOM   391  O OE1  . GLU A 1 46  ? 10.030  2.579   7.865   1.00 33.87 ? 46  GLU A OE1  1 
ATOM   392  O OE2  . GLU A 1 46  ? 8.481   3.721   6.801   1.00 26.22 ? 46  GLU A OE2  1 
ATOM   393  H H    . GLU A 1 46  ? 8.706   -1.190  5.238   1.00 0.00  ? 46  GLU A H    1 
ATOM   394  N N    . SER A 1 47  ? 5.602   -1.280  7.634   1.00 12.21 ? 47  SER A N    1 
ATOM   395  C CA   . SER A 1 47  ? 4.194   -1.225  7.282   1.00 13.16 ? 47  SER A CA   1 
ATOM   396  C C    . SER A 1 47  ? 3.802   0.231   7.100   1.00 12.46 ? 47  SER A C    1 
ATOM   397  O O    . SER A 1 47  ? 4.383   1.123   7.721   1.00 15.19 ? 47  SER A O    1 
ATOM   398  C CB   . SER A 1 47  ? 3.340   -1.894  8.367   1.00 18.26 ? 47  SER A CB   1 
ATOM   399  O OG   . SER A 1 47  ? 3.706   -1.436  9.659   1.00 34.08 ? 47  SER A OG   1 
ATOM   400  H H    . SER A 1 47  ? 5.863   -1.430  8.568   1.00 0.00  ? 47  SER A H    1 
ATOM   401  H HG   . SER A 1 47  ? 4.650   -1.550  9.835   1.00 0.00  ? 47  SER A HG   1 
ATOM   402  N N    . VAL A 1 48  ? 2.885   0.475   6.175   1.00 8.22  ? 48  VAL A N    1 
ATOM   403  C CA   . VAL A 1 48  ? 2.413   1.823   5.891   1.00 9.35  ? 48  VAL A CA   1 
ATOM   404  C C    . VAL A 1 48  ? 0.932   1.914   6.235   1.00 7.23  ? 48  VAL A C    1 
ATOM   405  O O    . VAL A 1 48  ? 0.505   2.827   6.935   1.00 5.48  ? 48  VAL A O    1 
ATOM   406  C CB   . VAL A 1 48  ? 2.618   2.169   4.390   1.00 9.83  ? 48  VAL A CB   1 
ATOM   407  C CG1  . VAL A 1 48  ? 2.040   3.531   4.064   1.00 14.15 ? 48  VAL A CG1  1 
ATOM   408  C CG2  . VAL A 1 48  ? 4.092   2.117   4.045   1.00 17.89 ? 48  VAL A CG2  1 
ATOM   409  H H    . VAL A 1 48  ? 2.511   -0.271  5.659   1.00 0.00  ? 48  VAL A H    1 
ATOM   410  N N    . ALA A 1 49  ? 0.152   0.960   5.732   1.00 4.37  ? 49  ALA A N    1 
ATOM   411  C CA   . ALA A 1 49  ? -1.287  0.937   5.976   1.00 5.02  ? 49  ALA A CA   1 
ATOM   412  C C    . ALA A 1 49  ? -1.828  -0.457  5.727   1.00 5.80  ? 49  ALA A C    1 
ATOM   413  O O    . ALA A 1 49  ? -1.212  -1.238  5.011   1.00 8.38  ? 49  ALA A O    1 
ATOM   414  C CB   . ALA A 1 49  ? -1.992  1.926   5.054   1.00 3.74  ? 49  ALA A CB   1 
ATOM   415  H H    . ALA A 1 49  ? 0.523   0.236   5.193   1.00 0.00  ? 49  ALA A H    1 
ATOM   416  N N    . ALA A 1 50  ? -2.990  -0.752  6.299   1.00 6.03  ? 50  ALA A N    1 
ATOM   417  C CA   . ALA A 1 50  ? -3.640  -2.048  6.121   1.00 4.28  ? 50  ALA A CA   1 
ATOM   418  C C    . ALA A 1 50  ? -5.141  -1.838  6.216   1.00 5.46  ? 50  ALA A C    1 
ATOM   419  O O    . ALA A 1 50  ? -5.607  -0.877  6.844   1.00 5.40  ? 50  ALA A O    1 
ATOM   420  C CB   . ALA A 1 50  ? -3.175  -3.033  7.190   1.00 5.92  ? 50  ALA A CB   1 
ATOM   421  H H    . ALA A 1 50  ? -3.441  -0.066  6.841   1.00 0.00  ? 50  ALA A H    1 
ATOM   422  N N    . ILE A 1 51  ? -5.901  -2.732  5.602   1.00 3.69  ? 51  ILE A N    1 
ATOM   423  C CA   . ILE A 1 51  ? -7.356  -2.641  5.625   1.00 3.45  ? 51  ILE A CA   1 
ATOM   424  C C    . ILE A 1 51  ? -7.944  -4.042  5.634   1.00 5.29  ? 51  ILE A C    1 
ATOM   425  O O    . ILE A 1 51  ? -7.395  -4.958  5.021   1.00 5.47  ? 51  ILE A O    1 
ATOM   426  C CB   . ILE A 1 51  ? -7.890  -1.858  4.377   1.00 3.52  ? 51  ILE A CB   1 
ATOM   427  C CG1  . ILE A 1 51  ? -9.405  -1.686  4.437   1.00 4.42  ? 51  ILE A CG1  1 
ATOM   428  C CG2  . ILE A 1 51  ? -7.512  -2.582  3.087   1.00 3.34  ? 51  ILE A CG2  1 
ATOM   429  C CD1  . ILE A 1 51  ? -9.941  -0.677  3.438   1.00 3.40  ? 51  ILE A CD1  1 
ATOM   430  H H    . ILE A 1 51  ? -5.492  -3.480  5.119   1.00 0.00  ? 51  ILE A H    1 
ATOM   431  N N    . ASN A 1 52  ? -9.009  -4.232  6.396   1.00 5.21  ? 52  ASN A N    1 
ATOM   432  C CA   . ASN A 1 52  ? -9.662  -5.528  6.413   1.00 6.97  ? 52  ASN A CA   1 
ATOM   433  C C    . ASN A 1 52  ? -10.633 -5.549  5.220   1.00 9.16  ? 52  ASN A C    1 
ATOM   434  O O    . ASN A 1 52  ? -11.379 -4.590  4.998   1.00 10.03 ? 52  ASN A O    1 
ATOM   435  C CB   . ASN A 1 52  ? -10.410 -5.744  7.728   1.00 6.74  ? 52  ASN A CB   1 
ATOM   436  C CG   . ASN A 1 52  ? -10.994 -7.136  7.829   1.00 10.73 ? 52  ASN A CG   1 
ATOM   437  O OD1  . ASN A 1 52  ? -10.289 -8.101  8.110   1.00 19.16 ? 52  ASN A OD1  1 
ATOM   438  N ND2  . ASN A 1 52  ? -12.276 -7.247  7.564   1.00 7.23  ? 52  ASN A ND2  1 
ATOM   439  H H    . ASN A 1 52  ? -9.346  -3.486  6.939   1.00 0.00  ? 52  ASN A H    1 
ATOM   440  H HD21 . ASN A 1 52  ? -12.681 -8.141  7.557   1.00 0.00  ? 52  ASN A HD21 1 
ATOM   441  H HD22 . ASN A 1 52  ? -12.738 -6.407  7.452   1.00 0.00  ? 52  ASN A HD22 1 
ATOM   442  N N    . TRP A 1 53  A -10.645 -6.644  4.468   1.00 10.55 ? 52  TRP A N    1 
ATOM   443  C CA   . TRP A 1 53  A -11.510 -6.745  3.302   1.00 12.75 ? 52  TRP A CA   1 
ATOM   444  C C    . TRP A 1 53  A -13.003 -6.662  3.585   1.00 12.89 ? 52  TRP A C    1 
ATOM   445  O O    . TRP A 1 53  A -13.753 -6.043  2.833   1.00 13.86 ? 52  TRP A O    1 
ATOM   446  C CB   . TRP A 1 53  A -11.239 -8.041  2.552   1.00 15.79 ? 52  TRP A CB   1 
ATOM   447  C CG   . TRP A 1 53  A -11.717 -8.014  1.130   1.00 26.86 ? 52  TRP A CG   1 
ATOM   448  C CD1  . TRP A 1 53  A -12.786 -8.684  0.598   1.00 33.17 ? 52  TRP A CD1  1 
ATOM   449  C CD2  . TRP A 1 53  A -11.142 -7.277  0.048   1.00 25.76 ? 52  TRP A CD2  1 
ATOM   450  N NE1  . TRP A 1 53  A -12.914 -8.411  -0.745  1.00 31.86 ? 52  TRP A NE1  1 
ATOM   451  C CE2  . TRP A 1 53  A -11.899 -7.520  -1.108  1.00 29.28 ? 52  TRP A CE2  1 
ATOM   452  C CE3  . TRP A 1 53  A -10.048 -6.399  -0.053  1.00 24.77 ? 52  TRP A CE3  1 
ATOM   453  C CZ2  . TRP A 1 53  A -11.618 -6.969  -2.354  1.00 28.69 ? 52  TRP A CZ2  1 
ATOM   454  C CZ3  . TRP A 1 53  A -9.754  -5.839  -1.291  1.00 33.23 ? 52  TRP A CZ3  1 
ATOM   455  C CH2  . TRP A 1 53  A -10.541 -6.116  -2.418  1.00 26.67 ? 52  TRP A CH2  1 
ATOM   456  H H    . TRP A 1 53  A -10.065 -7.410  4.695   1.00 0.00  ? 52  TRP A H    1 
ATOM   457  H HE1  . TRP A 1 53  A -13.594 -8.749  -1.360  1.00 0.00  ? 52  TRP A HE1  1 
ATOM   458  N N    . ASP A 1 54  ? -13.437 -7.312  4.655   1.00 13.74 ? 53  ASP A N    1 
ATOM   459  C CA   . ASP A 1 54  ? -14.854 -7.345  4.996   1.00 14.23 ? 53  ASP A CA   1 
ATOM   460  C C    . ASP A 1 54  ? -15.414 -6.080  5.655   1.00 13.00 ? 53  ASP A C    1 
ATOM   461  O O    . ASP A 1 54  ? -16.429 -5.536  5.219   1.00 12.77 ? 53  ASP A O    1 
ATOM   462  C CB   . ASP A 1 54  ? -15.130 -8.570  5.874   1.00 19.79 ? 53  ASP A CB   1 
ATOM   463  C CG   . ASP A 1 54  ? -16.607 -8.781  6.146   1.00 31.20 ? 53  ASP A CG   1 
ATOM   464  O OD1  . ASP A 1 54  ? -17.384 -8.916  5.177   1.00 34.23 ? 53  ASP A OD1  1 
ATOM   465  O OD2  . ASP A 1 54  ? -16.989 -8.813  7.336   1.00 39.56 ? 53  ASP A OD2  1 
ATOM   466  H H    . ASP A 1 54  ? -12.791 -7.808  5.196   1.00 0.00  ? 53  ASP A H    1 
ATOM   467  N N    . SER A 1 55  ? -14.731 -5.604  6.687   1.00 10.55 ? 54  SER A N    1 
ATOM   468  C CA   . SER A 1 55  ? -15.169 -4.445  7.452   1.00 7.72  ? 54  SER A CA   1 
ATOM   469  C C    . SER A 1 55  ? -14.628 -3.093  7.025   1.00 10.09 ? 54  SER A C    1 
ATOM   470  O O    . SER A 1 55  ? -15.158 -2.065  7.435   1.00 10.11 ? 54  SER A O    1 
ATOM   471  C CB   . SER A 1 55  ? -14.779 -4.658  8.909   1.00 9.40  ? 54  SER A CB   1 
ATOM   472  O OG   . SER A 1 55  ? -13.366 -4.708  9.007   1.00 11.12 ? 54  SER A OG   1 
ATOM   473  H H    . SER A 1 55  ? -13.923 -6.046  6.957   1.00 0.00  ? 54  SER A H    1 
ATOM   474  H HG   . SER A 1 55  ? -13.106 -5.139  9.842   1.00 0.00  ? 54  SER A HG   1 
ATOM   475  N N    . ALA A 1 56  ? -13.546 -3.091  6.255   1.00 9.78  ? 55  ALA A N    1 
ATOM   476  C CA   . ALA A 1 56  ? -12.903 -1.853  5.833   1.00 8.06  ? 55  ALA A CA   1 
ATOM   477  C C    . ALA A 1 56  ? -12.225 -1.165  7.023   1.00 7.05  ? 55  ALA A C    1 
ATOM   478  O O    . ALA A 1 56  ? -11.957 0.033   6.981   1.00 8.75  ? 55  ALA A O    1 
ATOM   479  C CB   . ALA A 1 56  ? -13.902 -0.911  5.158   1.00 9.73  ? 55  ALA A CB   1 
ATOM   480  H H    . ALA A 1 56  ? -13.147 -3.923  5.934   1.00 0.00  ? 55  ALA A H    1 
ATOM   481  N N    . ARG A 1 57  ? -11.951 -1.921  8.087   1.00 5.80  ? 56  ARG A N    1 
ATOM   482  C CA   . ARG A 1 57  ? -11.267 -1.371  9.259   1.00 6.73  ? 56  ARG A CA   1 
ATOM   483  C C    . ARG A 1 57  ? -9.857  -1.006  8.781   1.00 4.18  ? 56  ARG A C    1 
ATOM   484  O O    . ARG A 1 57  ? -9.189  -1.828  8.154   1.00 6.22  ? 56  ARG A O    1 
ATOM   485  C CB   . ARG A 1 57  ? -11.170 -2.424  10.368  1.00 6.19  ? 56  ARG A CB   1 
ATOM   486  C CG   . ARG A 1 57  ? -10.572 -1.903  11.679  1.00 8.07  ? 56  ARG A CG   1 
ATOM   487  C CD   . ARG A 1 57  ? -10.233 -3.040  12.644  1.00 9.35  ? 56  ARG A CD   1 
ATOM   488  N NE   . ARG A 1 57  ? -9.163  -3.917  12.155  1.00 11.46 ? 56  ARG A NE   1 
ATOM   489  C CZ   . ARG A 1 57  ? -7.861  -3.656  12.257  1.00 9.59  ? 56  ARG A CZ   1 
ATOM   490  N NH1  . ARG A 1 57  ? -7.442  -2.524  12.807  1.00 7.31  ? 56  ARG A NH1  1 
ATOM   491  N NH2  . ARG A 1 57  ? -6.968  -4.520  11.790  1.00 13.01 ? 56  ARG A NH2  1 
ATOM   492  H H    . ARG A 1 57  ? -12.228 -2.854  8.106   1.00 0.00  ? 56  ARG A H    1 
ATOM   493  H HE   . ARG A 1 57  ? -9.405  -4.747  11.703  1.00 0.00  ? 56  ARG A HE   1 
ATOM   494  H HH11 . ARG A 1 57  ? -8.112  -1.866  13.153  1.00 0.00  ? 56  ARG A HH11 1 
ATOM   495  H HH12 . ARG A 1 57  ? -6.463  -2.334  12.891  1.00 0.00  ? 56  ARG A HH12 1 
ATOM   496  H HH21 . ARG A 1 57  ? -7.262  -5.370  11.358  1.00 0.00  ? 56  ARG A HH21 1 
ATOM   497  H HH22 . ARG A 1 57  ? -5.991  -4.314  11.881  1.00 0.00  ? 56  ARG A HH22 1 
ATOM   498  N N    . THR A 1 58  ? -9.385  0.189   9.110   1.00 5.96  ? 57  THR A N    1 
ATOM   499  C CA   . THR A 1 58  ? -8.064  0.609   8.659   1.00 7.11  ? 57  THR A CA   1 
ATOM   500  C C    . THR A 1 58  ? -7.027  0.786   9.758   1.00 8.67  ? 57  THR A C    1 
ATOM   501  O O    . THR A 1 58  ? -7.345  0.868   10.942  1.00 6.84  ? 57  THR A O    1 
ATOM   502  C CB   . THR A 1 58  ? -8.126  1.940   7.867   1.00 6.86  ? 57  THR A CB   1 
ATOM   503  O OG1  . THR A 1 58  ? -8.688  2.967   8.695   1.00 9.94  ? 57  THR A OG1  1 
ATOM   504  C CG2  . THR A 1 58  ? -8.969  1.782   6.602   1.00 8.59  ? 57  THR A CG2  1 
ATOM   505  H H    . THR A 1 58  ? -9.872  0.789   9.709   1.00 0.00  ? 57  THR A H    1 
ATOM   506  H HG1  . THR A 1 58  ? -9.640  2.880   8.600   1.00 0.00  ? 57  THR A HG1  1 
ATOM   507  N N    . TYR A 1 59  ? -5.771  0.809   9.333   1.00 7.54  ? 58  TYR A N    1 
ATOM   508  C CA   . TYR A 1 59  ? -4.642  1.019   10.209  1.00 5.35  ? 58  TYR A CA   1 
ATOM   509  C C    . TYR A 1 59  ? -3.656  1.848   9.408   1.00 7.44  ? 58  TYR A C    1 
ATOM   510  O O    . TYR A 1 59  ? -3.397  1.544   8.232   1.00 6.02  ? 58  TYR A O    1 
ATOM   511  C CB   . TYR A 1 59  ? -3.975  -0.305  10.598  1.00 7.04  ? 58  TYR A CB   1 
ATOM   512  C CG   . TYR A 1 59  ? -2.585  -0.087  11.163  1.00 8.28  ? 58  TYR A CG   1 
ATOM   513  C CD1  . TYR A 1 59  ? -2.410  0.330   12.482  1.00 13.10 ? 58  TYR A CD1  1 
ATOM   514  C CD2  . TYR A 1 59  ? -1.447  -0.214  10.356  1.00 5.55  ? 58  TYR A CD2  1 
ATOM   515  C CE1  . TYR A 1 59  ? -1.149  0.626   12.983  1.00 11.25 ? 58  TYR A CE1  1 
ATOM   516  C CE2  . TYR A 1 59  ? -0.173  0.078   10.851  1.00 8.51  ? 58  TYR A CE2  1 
ATOM   517  C CZ   . TYR A 1 59  ? -0.036  0.497   12.169  1.00 13.41 ? 58  TYR A CZ   1 
ATOM   518  O OH   . TYR A 1 59  ? 1.211   0.756   12.687  1.00 13.78 ? 58  TYR A OH   1 
ATOM   519  H H    . TYR A 1 59  ? -5.566  0.688   8.389   1.00 0.00  ? 58  TYR A H    1 
ATOM   520  H HH   . TYR A 1 59  ? 1.791   0.074   12.307  1.00 0.00  ? 58  TYR A HH   1 
ATOM   521  N N    . TYR A 1 60  ? -3.124  2.897   10.032  1.00 5.65  ? 59  TYR A N    1 
ATOM   522  C CA   . TYR A 1 60  ? -2.121  3.748   9.397   1.00 6.69  ? 59  TYR A CA   1 
ATOM   523  C C    . TYR A 1 60  ? -0.944  3.893   10.339  1.00 7.08  ? 59  TYR A C    1 
ATOM   524  O O    . TYR A 1 60  ? -1.132  4.136   11.532  1.00 8.03  ? 59  TYR A O    1 
ATOM   525  C CB   . TYR A 1 60  ? -2.682  5.138   9.106   1.00 8.22  ? 59  TYR A CB   1 
ATOM   526  C CG   . TYR A 1 60  ? -3.811  5.139   8.109   1.00 6.95  ? 59  TYR A CG   1 
ATOM   527  C CD1  . TYR A 1 60  ? -3.558  5.043   6.744   1.00 8.06  ? 59  TYR A CD1  1 
ATOM   528  C CD2  . TYR A 1 60  ? -5.134  5.244   8.531   1.00 8.21  ? 59  TYR A CD2  1 
ATOM   529  C CE1  . TYR A 1 60  ? -4.593  5.051   5.820   1.00 6.56  ? 59  TYR A CE1  1 
ATOM   530  C CE2  . TYR A 1 60  ? -6.181  5.252   7.613   1.00 9.53  ? 59  TYR A CE2  1 
ATOM   531  C CZ   . TYR A 1 60  ? -5.902  5.158   6.261   1.00 4.61  ? 59  TYR A CZ   1 
ATOM   532  O OH   . TYR A 1 60  ? -6.924  5.187   5.343   1.00 7.55  ? 59  TYR A OH   1 
ATOM   533  H H    . TYR A 1 60  ? -3.397  3.116   10.946  1.00 0.00  ? 59  TYR A H    1 
ATOM   534  H HH   . TYR A 1 60  ? -7.755  5.433   5.769   1.00 0.00  ? 59  TYR A HH   1 
ATOM   535  N N    . ALA A 1 61  ? 0.265   3.718   9.816   1.00 7.09  ? 60  ALA A N    1 
ATOM   536  C CA   . ALA A 1 61  ? 1.468   3.887   10.624  1.00 9.48  ? 60  ALA A CA   1 
ATOM   537  C C    . ALA A 1 61  ? 1.561   5.390   10.941  1.00 9.36  ? 60  ALA A C    1 
ATOM   538  O O    . ALA A 1 61  ? 1.127   6.229   10.140  1.00 8.69  ? 60  ALA A O    1 
ATOM   539  C CB   . ALA A 1 61  ? 2.704   3.422   9.840   1.00 7.06  ? 60  ALA A CB   1 
ATOM   540  H H    . ALA A 1 61  ? 0.352   3.527   8.858   1.00 0.00  ? 60  ALA A H    1 
ATOM   541  N N    . SER A 1 62  ? 2.134   5.737   12.094  1.00 8.65  ? 61  SER A N    1 
ATOM   542  C CA   . SER A 1 62  ? 2.258   7.140   12.496  1.00 10.80 ? 61  SER A CA   1 
ATOM   543  C C    . SER A 1 62  ? 2.947   8.030   11.466  1.00 9.68  ? 61  SER A C    1 
ATOM   544  O O    . SER A 1 62  ? 2.601   9.197   11.324  1.00 10.94 ? 61  SER A O    1 
ATOM   545  C CB   . SER A 1 62  ? 3.008   7.248   13.828  1.00 10.48 ? 61  SER A CB   1 
ATOM   546  O OG   . SER A 1 62  ? 4.198   6.487   13.783  1.00 24.60 ? 61  SER A OG   1 
ATOM   547  H H    . SER A 1 62  ? 2.488   5.097   12.739  1.00 0.00  ? 61  SER A H    1 
ATOM   548  H HG   . SER A 1 62  ? 4.781   6.757   13.056  1.00 0.00  ? 61  SER A HG   1 
ATOM   549  N N    . SER A 1 63  ? 3.905   7.467   10.738  1.00 10.44 ? 62  SER A N    1 
ATOM   550  C CA   . SER A 1 63  ? 4.661   8.216   9.742   1.00 10.10 ? 62  SER A CA   1 
ATOM   551  C C    . SER A 1 63  ? 3.825   8.820   8.620   1.00 11.82 ? 62  SER A C    1 
ATOM   552  O O    . SER A 1 63  ? 4.129   9.904   8.138   1.00 13.74 ? 62  SER A O    1 
ATOM   553  C CB   . SER A 1 63  ? 5.749   7.323   9.142   1.00 11.73 ? 62  SER A CB   1 
ATOM   554  O OG   . SER A 1 63  ? 5.179   6.128   8.639   1.00 16.95 ? 62  SER A OG   1 
ATOM   555  H H    . SER A 1 63  ? 4.132   6.522   10.830  1.00 0.00  ? 62  SER A H    1 
ATOM   556  H HG   . SER A 1 63  ? 5.808   5.400   8.739   1.00 0.00  ? 62  SER A HG   1 
ATOM   557  N N    . VAL A 1 64  ? 2.742   8.151   8.244   1.00 9.47  ? 63  VAL A N    1 
ATOM   558  C CA   . VAL A 1 64  ? 1.903   8.626   7.145   1.00 9.35  ? 63  VAL A CA   1 
ATOM   559  C C    . VAL A 1 64  ? 0.484   8.990   7.547   1.00 8.29  ? 63  VAL A C    1 
ATOM   560  O O    . VAL A 1 64  ? -0.342  9.357   6.705   1.00 9.13  ? 63  VAL A O    1 
ATOM   561  C CB   . VAL A 1 64  ? 1.847   7.572   6.005   1.00 11.13 ? 63  VAL A CB   1 
ATOM   562  C CG1  . VAL A 1 64  ? 3.248   7.226   5.540   1.00 7.80  ? 63  VAL A CG1  1 
ATOM   563  C CG2  . VAL A 1 64  ? 1.120   6.314   6.472   1.00 8.79  ? 63  VAL A CG2  1 
ATOM   564  H H    . VAL A 1 64  ? 2.494   7.321   8.701   1.00 0.00  ? 63  VAL A H    1 
ATOM   565  N N    . ARG A 1 65  ? 0.207   8.898   8.838   1.00 9.37  ? 64  ARG A N    1 
ATOM   566  C CA   . ARG A 1 65  ? -1.110  9.200   9.378   1.00 10.83 ? 64  ARG A CA   1 
ATOM   567  C C    . ARG A 1 65  ? -1.524  10.640  9.071   1.00 13.33 ? 64  ARG A C    1 
ATOM   568  O O    . ARG A 1 65  ? -0.782  11.595  9.345   1.00 14.43 ? 64  ARG A O    1 
ATOM   569  C CB   . ARG A 1 65  ? -1.097  8.945   10.889  1.00 17.59 ? 64  ARG A CB   1 
ATOM   570  C CG   . ARG A 1 65  ? -2.388  8.418   11.470  1.00 18.62 ? 64  ARG A CG   1 
ATOM   571  C CD   . ARG A 1 65  ? -2.178  7.973   12.915  1.00 18.49 ? 64  ARG A CD   1 
ATOM   572  N NE   . ARG A 1 65  ? -1.534  6.660   13.023  1.00 14.15 ? 64  ARG A NE   1 
ATOM   573  C CZ   . ARG A 1 65  ? -0.964  6.195   14.134  1.00 15.93 ? 64  ARG A CZ   1 
ATOM   574  N NH1  . ARG A 1 65  ? -0.907  6.951   15.225  1.00 17.85 ? 64  ARG A NH1  1 
ATOM   575  N NH2  . ARG A 1 65  ? -0.420  4.985   14.153  1.00 14.37 ? 64  ARG A NH2  1 
ATOM   576  H H    . ARG A 1 65  ? 0.906   8.631   9.461   1.00 0.00  ? 64  ARG A H    1 
ATOM   577  H HE   . ARG A 1 65  ? -1.519  6.084   12.233  1.00 0.00  ? 64  ARG A HE   1 
ATOM   578  H HH11 . ARG A 1 65  ? -1.292  7.873   15.231  1.00 0.00  ? 64  ARG A HH11 1 
ATOM   579  H HH12 . ARG A 1 65  ? -0.478  6.583   16.049  1.00 0.00  ? 64  ARG A HH12 1 
ATOM   580  H HH21 . ARG A 1 65  ? -0.433  4.414   13.334  1.00 0.00  ? 64  ARG A HH21 1 
ATOM   581  H HH22 . ARG A 1 65  ? -0.001  4.641   14.991  1.00 0.00  ? 64  ARG A HH22 1 
ATOM   582  N N    . GLY A 1 66  ? -2.698  10.782  8.469   1.00 11.65 ? 65  GLY A N    1 
ATOM   583  C CA   . GLY A 1 66  ? -3.211  12.089  8.110   1.00 12.27 ? 65  GLY A CA   1 
ATOM   584  C C    . GLY A 1 66  ? -2.878  12.483  6.681   1.00 13.75 ? 65  GLY A C    1 
ATOM   585  O O    . GLY A 1 66  ? -3.435  13.451  6.163   1.00 18.12 ? 65  GLY A O    1 
ATOM   586  H H    . GLY A 1 66  ? -3.222  9.981   8.267   1.00 0.00  ? 65  GLY A H    1 
ATOM   587  N N    . ARG A 1 67  ? -2.018  11.714  6.019   1.00 7.99  ? 66  ARG A N    1 
ATOM   588  C CA   . ARG A 1 67  ? -1.611  12.023  4.649   1.00 8.00  ? 66  ARG A CA   1 
ATOM   589  C C    . ARG A 1 67  ? -1.978  10.946  3.630   1.00 9.25  ? 66  ARG A C    1 
ATOM   590  O O    . ARG A 1 67  ? -2.193  11.242  2.443   1.00 7.58  ? 66  ARG A O    1 
ATOM   591  C CB   . ARG A 1 67  ? -0.102  12.270  4.617   1.00 7.74  ? 66  ARG A CB   1 
ATOM   592  C CG   . ARG A 1 67  ? 0.321   13.531  5.351   1.00 16.81 ? 66  ARG A CG   1 
ATOM   593  C CD   . ARG A 1 67  ? 1.819   13.555  5.564   1.00 22.80 ? 66  ARG A CD   1 
ATOM   594  N NE   . ARG A 1 67  ? 2.530   13.271  4.333   1.00 28.47 ? 66  ARG A NE   1 
ATOM   595  C CZ   . ARG A 1 67  ? 3.478   12.349  4.205   1.00 28.52 ? 66  ARG A CZ   1 
ATOM   596  N NH1  . ARG A 1 67  ? 3.859   11.610  5.239   1.00 30.68 ? 66  ARG A NH1  1 
ATOM   597  N NH2  . ARG A 1 67  ? 4.050   12.175  3.032   1.00 20.01 ? 66  ARG A NH2  1 
ATOM   598  H H    . ARG A 1 67  ? -1.642  10.920  6.453   1.00 0.00  ? 66  ARG A H    1 
ATOM   599  H HE   . ARG A 1 67  ? 2.294   13.793  3.539   1.00 0.00  ? 66  ARG A HE   1 
ATOM   600  H HH11 . ARG A 1 67  ? 3.440   11.733  6.139   1.00 0.00  ? 66  ARG A HH11 1 
ATOM   601  H HH12 . ARG A 1 67  ? 4.583   10.933  5.117   1.00 0.00  ? 66  ARG A HH12 1 
ATOM   602  H HH21 . ARG A 1 67  ? 3.785   12.733  2.246   1.00 0.00  ? 66  ARG A HH21 1 
ATOM   603  H HH22 . ARG A 1 67  ? 4.753   11.476  2.953   1.00 0.00  ? 66  ARG A HH22 1 
ATOM   604  N N    . PHE A 1 68  ? -1.978  9.691   4.071   1.00 10.23 ? 67  PHE A N    1 
ATOM   605  C CA   . PHE A 1 68  ? -2.309  8.569   3.192   1.00 7.66  ? 67  PHE A CA   1 
ATOM   606  C C    . PHE A 1 68  ? -3.702  8.028   3.520   1.00 10.87 ? 67  PHE A C    1 
ATOM   607  O O    . PHE A 1 68  ? -4.152  8.093   4.665   1.00 12.96 ? 67  PHE A O    1 
ATOM   608  C CB   . PHE A 1 68  ? -1.285  7.431   3.344   1.00 8.23  ? 67  PHE A CB   1 
ATOM   609  C CG   . PHE A 1 68  ? 0.092   7.732   2.790   1.00 8.96  ? 67  PHE A CG   1 
ATOM   610  C CD1  . PHE A 1 68  ? 0.475   9.027   2.448   1.00 10.14 ? 67  PHE A CD1  1 
ATOM   611  C CD2  . PHE A 1 68  ? 1.017   6.700   2.616   1.00 9.70  ? 67  PHE A CD2  1 
ATOM   612  C CE1  . PHE A 1 68  ? 1.771   9.302   1.976   1.00 7.48  ? 67  PHE A CE1  1 
ATOM   613  C CE2  . PHE A 1 68  ? 2.314   6.964   2.144   1.00 9.34  ? 67  PHE A CE2  1 
ATOM   614  C CZ   . PHE A 1 68  ? 2.681   8.270   1.812   1.00 6.91  ? 67  PHE A CZ   1 
ATOM   615  H H    . PHE A 1 68  ? -1.768  9.500   5.009   1.00 0.00  ? 67  PHE A H    1 
ATOM   616  N N    . THR A 1 69  ? -4.381  7.498   2.512   1.00 8.92  ? 68  THR A N    1 
ATOM   617  C CA   . THR A 1 69  ? -5.708  6.920   2.684   1.00 7.96  ? 68  THR A CA   1 
ATOM   618  C C    . THR A 1 69  ? -5.748  5.576   1.962   1.00 7.18  ? 68  THR A C    1 
ATOM   619  O O    . THR A 1 69  ? -5.383  5.487   0.787   1.00 7.85  ? 68  THR A O    1 
ATOM   620  C CB   . THR A 1 69  ? -6.801  7.830   2.083   1.00 9.29  ? 68  THR A CB   1 
ATOM   621  O OG1  . THR A 1 69  ? -6.797  9.090   2.760   1.00 19.37 ? 68  THR A OG1  1 
ATOM   622  C CG2  . THR A 1 69  ? -8.178  7.182   2.223   1.00 20.38 ? 68  THR A CG2  1 
ATOM   623  H H    . THR A 1 69  ? -3.980  7.497   1.618   1.00 0.00  ? 68  THR A H    1 
ATOM   624  H HG1  . THR A 1 69  ? -6.750  8.885   3.705   1.00 0.00  ? 68  THR A HG1  1 
ATOM   625  N N    . ILE A 1 70  ? -6.159  4.528   2.667   1.00 4.19  ? 69  ILE A N    1 
ATOM   626  C CA   . ILE A 1 70  ? -6.256  3.212   2.057   1.00 5.49  ? 69  ILE A CA   1 
ATOM   627  C C    . ILE A 1 70  ? -7.738  2.874   1.911   1.00 5.94  ? 69  ILE A C    1 
ATOM   628  O O    . ILE A 1 70  ? -8.544  3.229   2.772   1.00 8.40  ? 69  ILE A O    1 
ATOM   629  C CB   . ILE A 1 70  ? -5.523  2.124   2.900   1.00 7.30  ? 69  ILE A CB   1 
ATOM   630  C CG1  . ILE A 1 70  ? -5.445  0.808   2.123   1.00 5.37  ? 69  ILE A CG1  1 
ATOM   631  C CG2  . ILE A 1 70  ? -6.203  1.925   4.260   1.00 5.77  ? 69  ILE A CG2  1 
ATOM   632  C CD1  . ILE A 1 70  ? -4.612  -0.246  2.832   1.00 6.81  ? 69  ILE A CD1  1 
ATOM   633  H H    . ILE A 1 70  ? -6.455  4.625   3.595   1.00 0.00  ? 69  ILE A H    1 
ATOM   634  N N    . SER A 1 71  ? -8.109  2.266   0.789   1.00 6.11  ? 70  SER A N    1 
ATOM   635  C CA   . SER A 1 71  ? -9.502  1.899   0.561   1.00 4.60  ? 70  SER A CA   1 
ATOM   636  C C    . SER A 1 71  ? -9.518  0.649   -0.283  1.00 6.94  ? 70  SER A C    1 
ATOM   637  O O    . SER A 1 71  ? -8.482  0.243   -0.820  1.00 8.79  ? 70  SER A O    1 
ATOM   638  C CB   . SER A 1 71  ? -10.255 3.026   -0.157  1.00 8.40  ? 70  SER A CB   1 
ATOM   639  O OG   . SER A 1 71  ? -9.697  3.282   -1.431  1.00 9.73  ? 70  SER A OG   1 
ATOM   640  H H    . SER A 1 71  ? -7.461  2.079   0.068   1.00 0.00  ? 70  SER A H    1 
ATOM   641  H HG   . SER A 1 71  ? -9.760  4.241   -1.564  1.00 0.00  ? 70  SER A HG   1 
ATOM   642  N N    . ARG A 1 72  ? -10.674 0.003   -0.369  1.00 6.77  ? 71  ARG A N    1 
ATOM   643  C CA   . ARG A 1 72  ? -10.762 -1.201  -1.168  1.00 8.85  ? 71  ARG A CA   1 
ATOM   644  C C    . ARG A 1 72  ? -12.065 -1.266  -1.934  1.00 10.05 ? 71  ARG A C    1 
ATOM   645  O O    . ARG A 1 72  ? -13.098 -0.774  -1.479  1.00 9.82  ? 71  ARG A O    1 
ATOM   646  C CB   . ARG A 1 72  ? -10.555 -2.448  -0.294  1.00 10.60 ? 71  ARG A CB   1 
ATOM   647  C CG   . ARG A 1 72  ? -11.590 -2.669  0.798   1.00 16.26 ? 71  ARG A CG   1 
ATOM   648  C CD   . ARG A 1 72  ? -12.783 -3.474  0.291   1.00 23.32 ? 71  ARG A CD   1 
ATOM   649  N NE   . ARG A 1 72  ? -13.776 -3.693  1.338   1.00 25.14 ? 71  ARG A NE   1 
ATOM   650  C CZ   . ARG A 1 72  ? -14.710 -2.819  1.699   1.00 22.67 ? 71  ARG A CZ   1 
ATOM   651  N NH1  . ARG A 1 72  ? -14.807 -1.641  1.100   1.00 16.74 ? 71  ARG A NH1  1 
ATOM   652  N NH2  . ARG A 1 72  ? -15.561 -3.134  2.668   1.00 28.47 ? 71  ARG A NH2  1 
ATOM   653  H H    . ARG A 1 72  ? -11.504 0.333   0.047   1.00 0.00  ? 71  ARG A H    1 
ATOM   654  H HE   . ARG A 1 72  ? -13.741 -4.534  1.805   1.00 0.00  ? 71  ARG A HE   1 
ATOM   655  H HH11 . ARG A 1 72  ? -14.168 -1.395  0.371   1.00 0.00  ? 71  ARG A HH11 1 
ATOM   656  H HH12 . ARG A 1 72  ? -15.503 -0.982  1.383   1.00 0.00  ? 71  ARG A HH12 1 
ATOM   657  H HH21 . ARG A 1 72  ? -15.490 -4.012  3.140   1.00 0.00  ? 71  ARG A HH21 1 
ATOM   658  H HH22 . ARG A 1 72  ? -16.249 -2.464  2.948   1.00 0.00  ? 71  ARG A HH22 1 
ATOM   659  N N    . ASP A 1 73  ? -11.991 -1.818  -3.136  1.00 10.82 ? 72  ASP A N    1 
ATOM   660  C CA   . ASP A 1 73  ? -13.158 -1.972  -3.978  1.00 11.38 ? 72  ASP A CA   1 
ATOM   661  C C    . ASP A 1 73  ? -13.383 -3.469  -4.048  1.00 12.12 ? 72  ASP A C    1 
ATOM   662  O O    . ASP A 1 73  ? -12.599 -4.188  -4.668  1.00 11.80 ? 72  ASP A O    1 
ATOM   663  C CB   . ASP A 1 73  ? -12.881 -1.426  -5.381  1.00 13.00 ? 72  ASP A CB   1 
ATOM   664  C CG   . ASP A 1 73  ? -14.127 -1.400  -6.259  1.00 20.38 ? 72  ASP A CG   1 
ATOM   665  O OD1  . ASP A 1 73  ? -14.793 -2.444  -6.401  1.00 21.71 ? 72  ASP A OD1  1 
ATOM   666  O OD2  . ASP A 1 73  ? -14.442 -0.329  -6.815  1.00 26.57 ? 72  ASP A OD2  1 
ATOM   667  H H    . ASP A 1 73  ? -11.125 -2.146  -3.439  1.00 0.00  ? 72  ASP A H    1 
ATOM   668  N N    . ASN A 1 74  ? -14.445 -3.935  -3.403  1.00 12.50 ? 73  ASN A N    1 
ATOM   669  C CA   . ASN A 1 74  ? -14.772 -5.355  -3.385  1.00 17.43 ? 73  ASN A CA   1 
ATOM   670  C C    . ASN A 1 74  ? -14.997 -5.943  -4.771  1.00 17.38 ? 73  ASN A C    1 
ATOM   671  O O    . ASN A 1 74  ? -14.381 -6.941  -5.116  1.00 18.51 ? 73  ASN A O    1 
ATOM   672  C CB   . ASN A 1 74  ? -15.993 -5.614  -2.508  1.00 24.03 ? 73  ASN A CB   1 
ATOM   673  C CG   . ASN A 1 74  ? -15.720 -6.633  -1.433  1.00 34.66 ? 73  ASN A CG   1 
ATOM   674  O OD1  . ASN A 1 74  ? -16.106 -7.796  -1.547  1.00 45.73 ? 73  ASN A OD1  1 
ATOM   675  N ND2  . ASN A 1 74  ? -15.036 -6.209  -0.383  1.00 37.69 ? 73  ASN A ND2  1 
ATOM   676  H H    . ASN A 1 74  ? -14.967 -3.291  -2.887  1.00 0.00  ? 73  ASN A H    1 
ATOM   677  H HD21 . ASN A 1 74  ? -14.896 -6.869  0.328   1.00 0.00  ? 73  ASN A HD21 1 
ATOM   678  H HD22 . ASN A 1 74  ? -14.725 -5.284  -0.339  1.00 0.00  ? 73  ASN A HD22 1 
ATOM   679  N N    . ALA A 1 75  ? -15.831 -5.284  -5.574  1.00 15.74 ? 74  ALA A N    1 
ATOM   680  C CA   . ALA A 1 75  ? -16.141 -5.750  -6.927  1.00 16.31 ? 74  ALA A CA   1 
ATOM   681  C C    . ALA A 1 75  ? -14.915 -5.877  -7.836  1.00 15.85 ? 74  ALA A C    1 
ATOM   682  O O    . ALA A 1 75  ? -14.833 -6.799  -8.653  1.00 16.02 ? 74  ALA A O    1 
ATOM   683  C CB   . ALA A 1 75  ? -17.172 -4.836  -7.574  1.00 16.49 ? 74  ALA A CB   1 
ATOM   684  H H    . ALA A 1 75  ? -16.260 -4.483  -5.220  1.00 0.00  ? 74  ALA A H    1 
ATOM   685  N N    . LYS A 1 76  ? -13.978 -4.942  -7.714  1.00 14.00 ? 75  LYS A N    1 
ATOM   686  C CA   . LYS A 1 76  ? -12.774 -4.959  -8.535  1.00 12.59 ? 75  LYS A CA   1 
ATOM   687  C C    . LYS A 1 76  ? -11.642 -5.731  -7.882  1.00 11.62 ? 75  LYS A C    1 
ATOM   688  O O    . LYS A 1 76  ? -10.601 -5.952  -8.502  1.00 10.93 ? 75  LYS A O    1 
ATOM   689  C CB   . LYS A 1 76  ? -12.309 -3.533  -8.840  1.00 16.81 ? 75  LYS A CB   1 
ATOM   690  C CG   . LYS A 1 76  ? -13.308 -2.725  -9.651  1.00 27.98 ? 75  LYS A CG   1 
ATOM   691  C CD   . LYS A 1 76  ? -12.748 -1.371  -10.063 1.00 35.31 ? 75  LYS A CD   1 
ATOM   692  C CE   . LYS A 1 76  ? -13.754 -0.586  -10.899 1.00 41.26 ? 75  LYS A CE   1 
ATOM   693  N NZ   . LYS A 1 76  ? -14.117 -1.285  -12.169 1.00 46.69 ? 75  LYS A NZ   1 
ATOM   694  H H    . LYS A 1 76  ? -14.071 -4.243  -7.054  1.00 0.00  ? 75  LYS A H    1 
ATOM   695  H HZ1  . LYS A 1 76  ? -13.255 -1.423  -12.735 1.00 0.00  ? 75  LYS A HZ1  1 
ATOM   696  H HZ2  . LYS A 1 76  ? -14.552 -2.209  -11.966 1.00 0.00  ? 75  LYS A HZ2  1 
ATOM   697  H HZ3  . LYS A 1 76  ? -14.784 -0.692  -12.704 1.00 0.00  ? 75  LYS A HZ3  1 
ATOM   698  N N    . LYS A 1 77  ? -11.852 -6.153  -6.636  1.00 10.59 ? 76  LYS A N    1 
ATOM   699  C CA   . LYS A 1 77  ? -10.840 -6.893  -5.884  1.00 10.33 ? 76  LYS A CA   1 
ATOM   700  C C    . LYS A 1 77  ? -9.511  -6.130  -5.899  1.00 10.65 ? 76  LYS A C    1 
ATOM   701  O O    . LYS A 1 77  ? -8.436  -6.717  -6.067  1.00 11.50 ? 76  LYS A O    1 
ATOM   702  C CB   . LYS A 1 77  ? -10.681 -8.307  -6.460  1.00 13.83 ? 76  LYS A CB   1 
ATOM   703  C CG   . LYS A 1 77  ? -11.965 -9.131  -6.384  1.00 15.50 ? 76  LYS A CG   1 
ATOM   704  C CD   . LYS A 1 77  ? -12.427 -9.274  -4.938  1.00 27.03 ? 76  LYS A CD   1 
ATOM   705  C CE   . LYS A 1 77  ? -13.823 -9.874  -4.836  1.00 32.14 ? 76  LYS A CE   1 
ATOM   706  N NZ   . LYS A 1 77  ? -14.239 -10.038 -3.414  1.00 39.31 ? 76  LYS A NZ   1 
ATOM   707  H H    . LYS A 1 77  ? -12.706 -5.990  -6.201  1.00 0.00  ? 76  LYS A H    1 
ATOM   708  H HZ1  . LYS A 1 77  ? -13.560 -10.662 -2.926  1.00 0.00  ? 76  LYS A HZ1  1 
ATOM   709  H HZ2  . LYS A 1 77  ? -14.251 -9.115  -2.938  1.00 0.00  ? 76  LYS A HZ2  1 
ATOM   710  H HZ3  . LYS A 1 77  ? -15.182 -10.468 -3.388  1.00 0.00  ? 76  LYS A HZ3  1 
ATOM   711  N N    . THR A 1 78  ? -9.606  -4.814  -5.720  1.00 8.32  ? 77  THR A N    1 
ATOM   712  C CA   . THR A 1 78  ? -8.439  -3.939  -5.732  1.00 8.88  ? 77  THR A CA   1 
ATOM   713  C C    . THR A 1 78  ? -8.393  -3.066  -4.486  1.00 9.01  ? 77  THR A C    1 
ATOM   714  O O    . THR A 1 78  ? -9.435  -2.650  -3.972  1.00 8.75  ? 77  THR A O    1 
ATOM   715  C CB   . THR A 1 78  ? -8.453  -3.001  -6.976  1.00 10.28 ? 77  THR A CB   1 
ATOM   716  O OG1  . THR A 1 78  ? -8.479  -3.783  -8.174  1.00 13.78 ? 77  THR A OG1  1 
ATOM   717  C CG2  . THR A 1 78  ? -7.207  -2.114  -7.007  1.00 11.36 ? 77  THR A CG2  1 
ATOM   718  H H    . THR A 1 78  ? -10.486 -4.410  -5.573  1.00 0.00  ? 77  THR A H    1 
ATOM   719  H HG1  . THR A 1 78  ? -8.365  -3.157  -8.908  1.00 0.00  ? 77  THR A HG1  1 
ATOM   720  N N    . VAL A 1 79  ? -7.187  -2.834  -3.980  1.00 7.60  ? 78  VAL A N    1 
ATOM   721  C CA   . VAL A 1 79  ? -6.978  -1.984  -2.813  1.00 7.12  ? 78  VAL A CA   1 
ATOM   722  C C    . VAL A 1 79  ? -6.181  -0.785  -3.328  1.00 7.32  ? 78  VAL A C    1 
ATOM   723  O O    . VAL A 1 79  ? -5.275  -0.944  -4.152  1.00 9.32  ? 78  VAL A O    1 
ATOM   724  C CB   . VAL A 1 79  ? -6.172  -2.716  -1.701  1.00 11.47 ? 78  VAL A CB   1 
ATOM   725  C CG1  . VAL A 1 79  ? -5.849  -1.765  -0.560  1.00 10.21 ? 78  VAL A CG1  1 
ATOM   726  C CG2  . VAL A 1 79  ? -6.975  -3.884  -1.162  1.00 16.51 ? 78  VAL A CG2  1 
ATOM   727  H H    . VAL A 1 79  ? -6.408  -3.252  -4.399  1.00 0.00  ? 78  VAL A H    1 
ATOM   728  N N    . TYR A 1 80  ? -6.539  0.407   -2.873  1.00 5.39  ? 79  TYR A N    1 
ATOM   729  C CA   . TYR A 1 80  ? -5.860  1.617   -3.308  1.00 7.70  ? 79  TYR A CA   1 
ATOM   730  C C    . TYR A 1 80  ? -5.170  2.311   -2.157  1.00 8.04  ? 79  TYR A C    1 
ATOM   731  O O    . TYR A 1 80  ? -5.602  2.202   -1.006  1.00 6.62  ? 79  TYR A O    1 
ATOM   732  C CB   . TYR A 1 80  ? -6.861  2.602   -3.909  1.00 6.90  ? 79  TYR A CB   1 
ATOM   733  C CG   . TYR A 1 80  ? -7.652  2.055   -5.064  1.00 9.39  ? 79  TYR A CG   1 
ATOM   734  C CD1  . TYR A 1 80  ? -7.119  2.052   -6.354  1.00 10.87 ? 79  TYR A CD1  1 
ATOM   735  C CD2  . TYR A 1 80  ? -8.945  1.557   -4.875  1.00 8.10  ? 79  TYR A CD2  1 
ATOM   736  C CE1  . TYR A 1 80  ? -7.852  1.565   -7.422  1.00 12.25 ? 79  TYR A CE1  1 
ATOM   737  C CE2  . TYR A 1 80  ? -9.679  1.064   -5.941  1.00 6.05  ? 79  TYR A CE2  1 
ATOM   738  C CZ   . TYR A 1 80  ? -9.129  1.074   -7.212  1.00 7.31  ? 79  TYR A CZ   1 
ATOM   739  O OH   . TYR A 1 80  ? -9.849  0.584   -8.279  1.00 15.66 ? 79  TYR A OH   1 
ATOM   740  H H    . TYR A 1 80  ? -7.253  0.509   -2.212  1.00 0.00  ? 79  TYR A H    1 
ATOM   741  H HH   . TYR A 1 80  ? -9.230  0.508   -9.030  1.00 0.00  ? 79  TYR A HH   1 
ATOM   742  N N    . LEU A 1 81  ? -4.089  3.014   -2.474  1.00 6.64  ? 80  LEU A N    1 
ATOM   743  C CA   . LEU A 1 81  ? -3.370  3.780   -1.478  1.00 5.69  ? 80  LEU A CA   1 
ATOM   744  C C    . LEU A 1 81  ? -3.230  5.184   -2.058  1.00 6.04  ? 80  LEU A C    1 
ATOM   745  O O    . LEU A 1 81  ? -2.538  5.383   -3.053  1.00 5.40  ? 80  LEU A O    1 
ATOM   746  C CB   . LEU A 1 81  ? -1.991  3.179   -1.183  1.00 4.03  ? 80  LEU A CB   1 
ATOM   747  C CG   . LEU A 1 81  ? -1.233  3.921   -0.072  1.00 4.12  ? 80  LEU A CG   1 
ATOM   748  C CD1  . LEU A 1 81  ? -1.980  3.817   1.248   1.00 8.44  ? 80  LEU A CD1  1 
ATOM   749  C CD2  . LEU A 1 81  ? 0.168   3.367   0.063   1.00 8.27  ? 80  LEU A CD2  1 
ATOM   750  H H    . LEU A 1 81  ? -3.772  3.019   -3.408  1.00 0.00  ? 80  LEU A H    1 
ATOM   751  N N    . GLN A 1 82  ? -3.982  6.128   -1.510  1.00 5.62  ? 81  GLN A N    1 
ATOM   752  C CA   . GLN A 1 82  ? -3.912  7.508   -1.972  1.00 6.91  ? 81  GLN A CA   1 
ATOM   753  C C    . GLN A 1 82  ? -2.856  8.206   -1.116  1.00 6.47  ? 81  GLN A C    1 
ATOM   754  O O    . GLN A 1 82  ? -2.981  8.273   0.107   1.00 9.34  ? 81  GLN A O    1 
ATOM   755  C CB   . GLN A 1 82  ? -5.275  8.192   -1.812  1.00 8.09  ? 81  GLN A CB   1 
ATOM   756  C CG   . GLN A 1 82  ? -5.311  9.653   -2.277  1.00 8.29  ? 81  GLN A CG   1 
ATOM   757  C CD   . GLN A 1 82  ? -4.966  9.807   -3.752  1.00 14.50 ? 81  GLN A CD   1 
ATOM   758  O OE1  . GLN A 1 82  ? -5.462  9.063   -4.598  1.00 15.41 ? 81  GLN A OE1  1 
ATOM   759  N NE2  . GLN A 1 82  ? -4.102  10.757  -4.062  1.00 15.32 ? 81  GLN A NE2  1 
ATOM   760  H H    . GLN A 1 82  ? -4.572  5.877   -0.780  1.00 0.00  ? 81  GLN A H    1 
ATOM   761  H HE21 . GLN A 1 82  ? -3.921  10.856  -5.020  1.00 0.00  ? 81  GLN A HE21 1 
ATOM   762  H HE22 . GLN A 1 82  ? -3.691  11.322  -3.365  1.00 0.00  ? 81  GLN A HE22 1 
ATOM   763  N N    . MET A 1 83  ? -1.805  8.693   -1.755  1.00 4.00  ? 82  MET A N    1 
ATOM   764  C CA   . MET A 1 83  ? -0.730  9.367   -1.043  1.00 6.86  ? 82  MET A CA   1 
ATOM   765  C C    . MET A 1 83  ? -0.731  10.849  -1.370  1.00 7.88  ? 82  MET A C    1 
ATOM   766  O O    . MET A 1 83  ? -0.596  11.227  -2.535  1.00 7.98  ? 82  MET A O    1 
ATOM   767  C CB   . MET A 1 83  ? 0.613   8.760   -1.433  1.00 6.98  ? 82  MET A CB   1 
ATOM   768  C CG   . MET A 1 83  ? 0.659   7.251   -1.280  1.00 12.27 ? 82  MET A CG   1 
ATOM   769  S SD   . MET A 1 83  ? 2.265   6.566   -1.717  1.00 22.80 ? 82  MET A SD   1 
ATOM   770  C CE   . MET A 1 83  ? 2.136   6.656   -3.402  1.00 5.27  ? 82  MET A CE   1 
ATOM   771  H H    . MET A 1 83  ? -1.744  8.607   -2.726  1.00 0.00  ? 82  MET A H    1 
ATOM   772  N N    . ASN A 1 84  A -0.902  11.683  -0.351  1.00 6.07  ? 82  ASN A N    1 
ATOM   773  C CA   . ASN A 1 84  A -0.912  13.131  -0.550  1.00 7.94  ? 82  ASN A CA   1 
ATOM   774  C C    . ASN A 1 84  A 0.244   13.760  0.201   1.00 6.67  ? 82  ASN A C    1 
ATOM   775  O O    . ASN A 1 84  A 0.816   13.143  1.108   1.00 11.67 ? 82  ASN A O    1 
ATOM   776  C CB   . ASN A 1 84  A -2.213  13.752  -0.039  1.00 7.59  ? 82  ASN A CB   1 
ATOM   777  C CG   . ASN A 1 84  A -3.444  13.178  -0.706  1.00 12.50 ? 82  ASN A CG   1 
ATOM   778  O OD1  . ASN A 1 84  A -3.490  12.985  -1.920  1.00 12.19 ? 82  ASN A OD1  1 
ATOM   779  N ND2  . ASN A 1 84  A -4.460  12.900  0.094   1.00 24.03 ? 82  ASN A ND2  1 
ATOM   780  H H    . ASN A 1 84  A -1.010  11.346  0.567   1.00 0.00  ? 82  ASN A H    1 
ATOM   781  H HD21 . ASN A 1 84  A -5.229  12.516  -0.352  1.00 0.00  ? 82  ASN A HD21 1 
ATOM   782  H HD22 . ASN A 1 84  A -4.360  13.088  1.053   1.00 0.00  ? 82  ASN A HD22 1 
ATOM   783  N N    . SER A 1 85  B 0.568   14.995  -0.170  1.00 6.29  ? 82  SER A N    1 
ATOM   784  C CA   . SER A 1 85  B 1.644   15.752  0.468   1.00 6.62  ? 82  SER A CA   1 
ATOM   785  C C    . SER A 1 85  B 2.938   14.953  0.563   1.00 8.22  ? 82  SER A C    1 
ATOM   786  O O    . SER A 1 85  B 3.569   14.879  1.619   1.00 9.57  ? 82  SER A O    1 
ATOM   787  C CB   . SER A 1 85  B 1.203   16.223  1.853   1.00 11.87 ? 82  SER A CB   1 
ATOM   788  O OG   . SER A 1 85  B 0.088   17.091  1.736   1.00 19.23 ? 82  SER A OG   1 
ATOM   789  H H    . SER A 1 85  B 0.048   15.376  -0.904  1.00 0.00  ? 82  SER A H    1 
ATOM   790  H HG   . SER A 1 85  B 0.375   17.836  1.185   1.00 0.00  ? 82  SER A HG   1 
ATOM   791  N N    . LEU A 1 86  C 3.339   14.374  -0.562  1.00 7.69  ? 82  LEU A N    1 
ATOM   792  C CA   . LEU A 1 86  C 4.543   13.571  -0.615  1.00 6.83  ? 82  LEU A CA   1 
ATOM   793  C C    . LEU A 1 86  C 5.800   14.399  -0.381  1.00 8.48  ? 82  LEU A C    1 
ATOM   794  O O    . LEU A 1 86  C 5.895   15.543  -0.821  1.00 10.51 ? 82  LEU A O    1 
ATOM   795  C CB   . LEU A 1 86  C 4.614   12.821  -1.946  1.00 5.65  ? 82  LEU A CB   1 
ATOM   796  C CG   . LEU A 1 86  C 3.637   11.641  -2.001  1.00 10.76 ? 82  LEU A CG   1 
ATOM   797  C CD1  . LEU A 1 86  C 3.429   11.164  -3.431  1.00 8.32  ? 82  LEU A CD1  1 
ATOM   798  C CD2  . LEU A 1 86  C 4.155   10.506  -1.111  1.00 8.30  ? 82  LEU A CD2  1 
ATOM   799  H H    . LEU A 1 86  C 2.803   14.493  -1.373  1.00 0.00  ? 82  LEU A H    1 
ATOM   800  N N    . LYS A 1 87  ? 6.764   13.791  0.299   1.00 9.20  ? 83  LYS A N    1 
ATOM   801  C CA   . LYS A 1 87  ? 8.033   14.429  0.623   1.00 10.06 ? 83  LYS A CA   1 
ATOM   802  C C    . LYS A 1 87  ? 9.141   13.557  0.034   1.00 7.97  ? 83  LYS A C    1 
ATOM   803  O O    . LYS A 1 87  ? 8.948   12.357  -0.191  1.00 5.98  ? 83  LYS A O    1 
ATOM   804  C CB   . LYS A 1 87  ? 8.228   14.474  2.146   1.00 12.64 ? 83  LYS A CB   1 
ATOM   805  C CG   . LYS A 1 87  ? 7.060   15.022  2.959   1.00 14.16 ? 83  LYS A CG   1 
ATOM   806  C CD   . LYS A 1 87  ? 7.272   14.695  4.430   1.00 16.16 ? 83  LYS A CD   1 
ATOM   807  C CE   . LYS A 1 87  ? 6.084   15.095  5.292   1.00 22.37 ? 83  LYS A CE   1 
ATOM   808  N NZ   . LYS A 1 87  ? 5.957   16.569  5.423   1.00 19.91 ? 83  LYS A NZ   1 
ATOM   809  H H    . LYS A 1 87  ? 6.613   12.873  0.541   1.00 0.00  ? 83  LYS A H    1 
ATOM   810  H HZ1  . LYS A 1 87  ? 6.816   16.964  5.856   1.00 0.00  ? 83  LYS A HZ1  1 
ATOM   811  H HZ2  . LYS A 1 87  ? 5.817   16.987  4.479   1.00 0.00  ? 83  LYS A HZ2  1 
ATOM   812  H HZ3  . LYS A 1 87  ? 5.139   16.779  6.029   1.00 0.00  ? 83  LYS A HZ3  1 
ATOM   813  N N    . PRO A 1 88  ? 10.323  14.145  -0.215  1.00 8.27  ? 84  PRO A N    1 
ATOM   814  C CA   . PRO A 1 88  ? 11.439  13.372  -0.771  1.00 7.57  ? 84  PRO A CA   1 
ATOM   815  C C    . PRO A 1 88  ? 11.726  12.146  0.106   1.00 8.21  ? 84  PRO A C    1 
ATOM   816  O O    . PRO A 1 88  ? 12.132  11.102  -0.388  1.00 9.11  ? 84  PRO A O    1 
ATOM   817  C CB   . PRO A 1 88  ? 12.587  14.377  -0.718  1.00 11.08 ? 84  PRO A CB   1 
ATOM   818  C CG   . PRO A 1 88  ? 11.882  15.675  -1.002  1.00 9.32  ? 84  PRO A CG   1 
ATOM   819  C CD   . PRO A 1 88  ? 10.669  15.575  -0.119  1.00 8.07  ? 84  PRO A CD   1 
ATOM   820  N N    . GLU A 1 89  ? 11.457  12.269  1.405   1.00 9.39  ? 85  GLU A N    1 
ATOM   821  C CA   . GLU A 1 89  ? 11.683  11.181  2.363   1.00 9.22  ? 85  GLU A CA   1 
ATOM   822  C C    . GLU A 1 89  ? 10.712  10.004  2.204   1.00 9.88  ? 85  GLU A C    1 
ATOM   823  O O    . GLU A 1 89  ? 10.860  8.968   2.861   1.00 11.78 ? 85  GLU A O    1 
ATOM   824  C CB   . GLU A 1 89  ? 11.624  11.711  3.798   1.00 9.99  ? 85  GLU A CB   1 
ATOM   825  C CG   . GLU A 1 89  ? 12.777  12.636  4.190   1.00 8.64  ? 85  GLU A CG   1 
ATOM   826  C CD   . GLU A 1 89  ? 12.601  14.087  3.740   1.00 13.87 ? 85  GLU A CD   1 
ATOM   827  O OE1  . GLU A 1 89  ? 11.562  14.439  3.136   1.00 10.01 ? 85  GLU A OE1  1 
ATOM   828  O OE2  . GLU A 1 89  ? 13.514  14.889  4.006   1.00 10.43 ? 85  GLU A OE2  1 
ATOM   829  H H    . GLU A 1 89  ? 11.087  13.110  1.696   1.00 0.00  ? 85  GLU A H    1 
ATOM   830  N N    . ASP A 1 90  ? 9.713   10.173  1.344   1.00 8.56  ? 86  ASP A N    1 
ATOM   831  C CA   . ASP A 1 90  ? 8.738   9.122   1.080   1.00 6.79  ? 86  ASP A CA   1 
ATOM   832  C C    . ASP A 1 90  ? 9.185   8.254   -0.086  1.00 7.12  ? 86  ASP A C    1 
ATOM   833  O O    . ASP A 1 90  ? 8.483   7.315   -0.464  1.00 8.71  ? 86  ASP A O    1 
ATOM   834  C CB   . ASP A 1 90  ? 7.357   9.707   0.775   1.00 4.72  ? 86  ASP A CB   1 
ATOM   835  C CG   . ASP A 1 90  ? 6.714   10.359  1.982   1.00 10.38 ? 86  ASP A CG   1 
ATOM   836  O OD1  . ASP A 1 90  ? 6.669   9.736   3.070   1.00 9.43  ? 86  ASP A OD1  1 
ATOM   837  O OD2  . ASP A 1 90  ? 6.235   11.499  1.836   1.00 10.83 ? 86  ASP A OD2  1 
ATOM   838  H H    . ASP A 1 90  ? 9.632   10.995  0.847   1.00 0.00  ? 86  ASP A H    1 
ATOM   839  N N    . THR A 1 91  ? 10.322  8.589   -0.687  1.00 5.90  ? 87  THR A N    1 
ATOM   840  C CA   . THR A 1 91  ? 10.861  7.813   -1.801  1.00 4.42  ? 87  THR A CA   1 
ATOM   841  C C    . THR A 1 91  ? 11.184  6.413   -1.290  1.00 3.41  ? 87  THR A C    1 
ATOM   842  O O    . THR A 1 91  ? 11.902  6.263   -0.293  1.00 6.63  ? 87  THR A O    1 
ATOM   843  C CB   . THR A 1 91  ? 12.132  8.485   -2.348  1.00 6.67  ? 87  THR A CB   1 
ATOM   844  O OG1  . THR A 1 91  ? 11.784  9.772   -2.880  1.00 5.44  ? 87  THR A OG1  1 
ATOM   845  C CG2  . THR A 1 91  ? 12.785  7.621   -3.433  1.00 2.97  ? 87  THR A CG2  1 
ATOM   846  H H    . THR A 1 91  ? 10.848  9.365   -0.420  1.00 0.00  ? 87  THR A H    1 
ATOM   847  H HG1  . THR A 1 91  ? 12.515  10.404  -2.837  1.00 0.00  ? 87  THR A HG1  1 
ATOM   848  N N    . ALA A 1 92  ? 10.643  5.400   -1.962  1.00 4.82  ? 88  ALA A N    1 
ATOM   849  C CA   . ALA A 1 92  ? 10.835  4.005   -1.566  1.00 6.49  ? 88  ALA A CA   1 
ATOM   850  C C    . ALA A 1 92  ? 10.109  3.070   -2.527  1.00 7.20  ? 88  ALA A C    1 
ATOM   851  O O    . ALA A 1 92  ? 9.408   3.508   -3.444  1.00 6.59  ? 88  ALA A O    1 
ATOM   852  C CB   . ALA A 1 92  ? 10.260  3.787   -0.150  1.00 6.31  ? 88  ALA A CB   1 
ATOM   853  H H    . ALA A 1 92  ? 10.106  5.559   -2.775  1.00 0.00  ? 88  ALA A H    1 
ATOM   854  N N    . VAL A 1 93  ? 10.325  1.773   -2.343  1.00 5.89  ? 89  VAL A N    1 
ATOM   855  C CA   . VAL A 1 93  ? 9.630   0.772   -3.132  1.00 6.60  ? 89  VAL A CA   1 
ATOM   856  C C    . VAL A 1 93  ? 8.439   0.420   -2.243  1.00 7.65  ? 89  VAL A C    1 
ATOM   857  O O    . VAL A 1 93  ? 8.620   0.119   -1.055  1.00 10.74 ? 89  VAL A O    1 
ATOM   858  C CB   . VAL A 1 93  ? 10.483  -0.500  -3.349  1.00 11.32 ? 89  VAL A CB   1 
ATOM   859  C CG1  . VAL A 1 93  ? 9.650   -1.581  -4.054  1.00 9.56  ? 89  VAL A CG1  1 
ATOM   860  C CG2  . VAL A 1 93  ? 11.716  -0.163  -4.176  1.00 13.75 ? 89  VAL A CG2  1 
ATOM   861  H H    . VAL A 1 93  ? 10.947  1.499   -1.641  1.00 0.00  ? 89  VAL A H    1 
ATOM   862  N N    . TYR A 1 94  ? 7.232   0.562   -2.784  1.00 6.22  ? 90  TYR A N    1 
ATOM   863  C CA   . TYR A 1 94  ? 6.004   0.265   -2.050  1.00 5.53  ? 90  TYR A CA   1 
ATOM   864  C C    . TYR A 1 94  ? 5.518   -1.095  -2.508  1.00 7.71  ? 90  TYR A C    1 
ATOM   865  O O    . TYR A 1 94  ? 5.388   -1.357  -3.705  1.00 8.21  ? 90  TYR A O    1 
ATOM   866  C CB   . TYR A 1 94  ? 4.957   1.349   -2.308  1.00 4.54  ? 90  TYR A CB   1 
ATOM   867  C CG   . TYR A 1 94  ? 5.257   2.639   -1.589  1.00 7.70  ? 90  TYR A CG   1 
ATOM   868  C CD1  . TYR A 1 94  ? 6.290   3.476   -2.014  1.00 9.21  ? 90  TYR A CD1  1 
ATOM   869  C CD2  . TYR A 1 94  ? 4.540   3.001   -0.451  1.00 5.78  ? 90  TYR A CD2  1 
ATOM   870  C CE1  . TYR A 1 94  ? 6.605   4.649   -1.315  1.00 5.66  ? 90  TYR A CE1  1 
ATOM   871  C CE2  . TYR A 1 94  ? 4.846   4.168   0.254   1.00 7.57  ? 90  TYR A CE2  1 
ATOM   872  C CZ   . TYR A 1 94  ? 5.877   4.984   -0.183  1.00 8.19  ? 90  TYR A CZ   1 
ATOM   873  O OH   . TYR A 1 94  ? 6.164   6.138   0.507   1.00 6.39  ? 90  TYR A OH   1 
ATOM   874  H H    . TYR A 1 94  ? 7.140   0.869   -3.701  1.00 0.00  ? 90  TYR A H    1 
ATOM   875  H HH   . TYR A 1 94  ? 6.933   6.547   0.095   1.00 0.00  ? 90  TYR A HH   1 
ATOM   876  N N    . THR A 1 95  ? 5.240   -1.968  -1.549  1.00 9.01  ? 91  THR A N    1 
ATOM   877  C CA   . THR A 1 95  ? 4.798   -3.315  -1.874  1.00 6.61  ? 91  THR A CA   1 
ATOM   878  C C    . THR A 1 95  ? 3.482   -3.675  -1.210  1.00 5.01  ? 91  THR A C    1 
ATOM   879  O O    . THR A 1 95  ? 3.273   -3.309  -0.086  1.00 8.31  ? 91  THR A O    1 
ATOM   880  C CB   . THR A 1 95  ? 5.863   -4.340  -1.402  1.00 7.79  ? 91  THR A CB   1 
ATOM   881  O OG1  . THR A 1 95  ? 7.143   -4.026  -1.976  1.00 12.08 ? 91  THR A OG1  1 
ATOM   882  C CG2  . THR A 1 95  ? 5.448   -5.764  -1.828  1.00 8.59  ? 91  THR A CG2  1 
ATOM   883  H H    . THR A 1 95  ? 5.312   -1.699  -0.604  1.00 0.00  ? 91  THR A H    1 
ATOM   884  H HG1  . THR A 1 95  ? 7.648   -3.528  -1.299  1.00 0.00  ? 91  THR A HG1  1 
ATOM   885  N N    . CYS A 1 96  ? 2.598   -4.383  -1.891  1.00 6.12  ? 92  CYS A N    1 
ATOM   886  C CA   . CYS A 1 96  ? 1.367   -4.788  -1.297  1.00 6.78  ? 92  CYS A CA   1 
ATOM   887  C C    . CYS A 1 96  ? 1.447   -6.221  -0.852  1.00 7.40  ? 92  CYS A C    1 
ATOM   888  O O    . CYS A 1 96  ? 2.201   -7.010  -1.382  1.00 5.20  ? 92  CYS A O    1 
ATOM   889  C CB   A CYS A 1 96  ? 0.316   -4.662  -2.404  0.81 10.87 ? 92  CYS A CB   1 
ATOM   890  C CB   B CYS A 1 96  ? 0.125   -4.490  -2.145  0.31 9.77  ? 92  CYS A CB   1 
ATOM   891  S SG   A CYS A 1 96  ? -1.305  -5.435  -2.167  0.81 14.50 ? 92  CYS A SG   1 
ATOM   892  S SG   B CYS A 1 96  ? -0.022  -5.407  -3.699  0.31 10.10 ? 92  CYS A SG   1 
ATOM   893  H H    . CYS A 1 96  ? 2.826   -4.687  -2.828  1.00 0.00  ? 92  CYS A H    1 
ATOM   894  N N    . GLY A 1 97  ? 0.723   -6.485  0.218   1.00 8.66  ? 93  GLY A N    1 
ATOM   895  C CA   . GLY A 1 97  ? 0.698   -7.820  0.756   1.00 7.24  ? 93  GLY A CA   1 
ATOM   896  C C    . GLY A 1 97  ? -0.654  -8.180  1.304   1.00 7.91  ? 93  GLY A C    1 
ATOM   897  O O    . GLY A 1 97  ? -1.514  -7.316  1.483   1.00 7.19  ? 93  GLY A O    1 
ATOM   898  H H    . GLY A 1 97  ? 0.176   -5.811  0.714   1.00 0.00  ? 93  GLY A H    1 
ATOM   899  N N    . ALA A 1 98  ? -0.834  -9.473  1.560   1.00 10.86 ? 94  ALA A N    1 
ATOM   900  C CA   . ALA A 1 98  ? -2.098  -9.985  2.072   1.00 8.89  ? 94  ALA A CA   1 
ATOM   901  C C    . ALA A 1 98  ? -1.817  -11.043 3.137   1.00 10.61 ? 94  ALA A C    1 
ATOM   902  O O    . ALA A 1 98  ? -0.714  -11.633 3.192   1.00 9.27  ? 94  ALA A O    1 
ATOM   903  C CB   . ALA A 1 98  ? -2.904  -10.608 0.951   1.00 8.86  ? 94  ALA A CB   1 
ATOM   904  H H    . ALA A 1 98  ? -0.113  -10.126 1.448   1.00 0.00  ? 94  ALA A H    1 
ATOM   905  N N    . GLY A 1 99  ? -2.788  -11.236 4.022   1.00 11.60 ? 95  GLY A N    1 
ATOM   906  C CA   . GLY A 1 99  ? -2.650  -12.216 5.080   1.00 13.09 ? 95  GLY A CA   1 
ATOM   907  C C    . GLY A 1 99  ? -3.885  -12.226 5.952   1.00 15.75 ? 95  GLY A C    1 
ATOM   908  O O    . GLY A 1 99  ? -4.874  -11.562 5.654   1.00 12.73 ? 95  GLY A O    1 
ATOM   909  H H    . GLY A 1 99  ? -3.622  -10.703 4.010   1.00 0.00  ? 95  GLY A H    1 
ATOM   910  N N    . GLU A 1 100 ? -3.845  -13.008 7.019   1.00 19.42 ? 96  GLU A N    1 
ATOM   911  C CA   . GLU A 1 100 ? -4.960  -13.087 7.953   1.00 21.80 ? 96  GLU A CA   1 
ATOM   912  C C    . GLU A 1 100 ? -4.423  -13.464 9.317   1.00 23.02 ? 96  GLU A C    1 
ATOM   913  O O    . GLU A 1 100 ? -3.322  -14.015 9.424   1.00 20.91 ? 96  GLU A O    1 
ATOM   914  C CB   . GLU A 1 100 ? -6.015  -14.089 7.475   1.00 28.50 ? 96  GLU A CB   1 
ATOM   915  C CG   . GLU A 1 100 ? -5.504  -15.473 7.122   1.00 37.23 ? 96  GLU A CG   1 
ATOM   916  C CD   . GLU A 1 100 ? -6.561  -16.317 6.415   1.00 50.53 ? 96  GLU A CD   1 
ATOM   917  O OE1  . GLU A 1 100 ? -7.751  -16.237 6.792   1.00 57.38 ? 96  GLU A OE1  1 
ATOM   918  O OE2  . GLU A 1 100 ? -6.203  -17.059 5.474   1.00 55.55 ? 96  GLU A OE2  1 
ATOM   919  H H    . GLU A 1 100 ? -3.057  -13.554 7.235   1.00 0.00  ? 96  GLU A H    1 
ATOM   920  N N    . GLY A 1 101 ? -5.150  -13.072 10.358  1.00 23.71 ? 97  GLY A N    1 
ATOM   921  C CA   . GLY A 1 101 ? -4.735  -13.379 11.716  1.00 22.48 ? 97  GLY A CA   1 
ATOM   922  C C    . GLY A 1 101 ? -3.484  -12.646 12.162  1.00 20.26 ? 97  GLY A C    1 
ATOM   923  O O    . GLY A 1 101 ? -2.751  -13.127 13.032  1.00 20.17 ? 97  GLY A O    1 
ATOM   924  H H    . GLY A 1 101 ? -5.958  -12.541 10.194  1.00 0.00  ? 97  GLY A H    1 
ATOM   925  N N    . GLY A 1 102 ? -3.234  -11.482 11.569  1.00 18.07 ? 98  GLY A N    1 
ATOM   926  C CA   . GLY A 1 102 ? -2.068  -10.699 11.935  1.00 20.27 ? 98  GLY A CA   1 
ATOM   927  C C    . GLY A 1 102 ? -0.781  -11.195 11.304  1.00 23.17 ? 98  GLY A C    1 
ATOM   928  O O    . GLY A 1 102 ? 0.309   -10.797 11.721  1.00 24.30 ? 98  GLY A O    1 
ATOM   929  H H    . GLY A 1 102 ? -3.809  -11.132 10.862  1.00 0.00  ? 98  GLY A H    1 
ATOM   930  N N    . THR A 1 103 ? -0.906  -12.040 10.287  1.00 22.73 ? 99  THR A N    1 
ATOM   931  C CA   . THR A 1 103 ? 0.243   -12.591 9.589   1.00 24.26 ? 99  THR A CA   1 
ATOM   932  C C    . THR A 1 103 ? 0.148   -12.263 8.096   1.00 21.11 ? 99  THR A C    1 
ATOM   933  O O    . THR A 1 103 ? -0.945  -12.270 7.524   1.00 22.36 ? 99  THR A O    1 
ATOM   934  C CB   . THR A 1 103 ? 0.305   -14.123 9.790   1.00 25.62 ? 99  THR A CB   1 
ATOM   935  O OG1  . THR A 1 103 ? 0.451   -14.409 11.188  1.00 33.93 ? 99  THR A OG1  1 
ATOM   936  C CG2  . THR A 1 103 ? 1.476   -14.734 9.020   1.00 31.31 ? 99  THR A CG2  1 
ATOM   937  H H    . THR A 1 103 ? -1.785  -12.320 9.979   1.00 0.00  ? 99  THR A H    1 
ATOM   938  H HG1  . THR A 1 103 ? 1.169   -13.857 11.516  1.00 0.00  ? 99  THR A HG1  1 
ATOM   939  N N    . TRP A 1 104 ? 1.285   -11.928 7.490   1.00 18.64 ? 100 TRP A N    1 
ATOM   940  C CA   . TRP A 1 104 ? 1.355   -11.604 6.063   1.00 17.59 ? 100 TRP A CA   1 
ATOM   941  C C    . TRP A 1 104 ? 2.032   -12.777 5.375   1.00 19.10 ? 100 TRP A C    1 
ATOM   942  O O    . TRP A 1 104 ? 3.140   -13.163 5.747   1.00 23.38 ? 100 TRP A O    1 
ATOM   943  C CB   . TRP A 1 104 ? 2.163   -10.324 5.842   1.00 16.80 ? 100 TRP A CB   1 
ATOM   944  C CG   . TRP A 1 104 ? 1.618   -9.177  6.609   1.00 17.05 ? 100 TRP A CG   1 
ATOM   945  C CD1  . TRP A 1 104 ? 2.058   -8.716  7.817   1.00 18.81 ? 100 TRP A CD1  1 
ATOM   946  C CD2  . TRP A 1 104 ? 0.478   -8.380  6.266   1.00 17.04 ? 100 TRP A CD2  1 
ATOM   947  N NE1  . TRP A 1 104 ? 1.256   -7.687  8.245   1.00 18.11 ? 100 TRP A NE1  1 
ATOM   948  C CE2  . TRP A 1 104 ? 0.282   -7.457  7.313   1.00 16.19 ? 100 TRP A CE2  1 
ATOM   949  C CE3  . TRP A 1 104 ? -0.388  -8.355  5.167   1.00 14.75 ? 100 TRP A CE3  1 
ATOM   950  C CZ2  . TRP A 1 104 ? -0.760  -6.525  7.305   1.00 14.37 ? 100 TRP A CZ2  1 
ATOM   951  C CZ3  . TRP A 1 104 ? -1.423  -7.426  5.159   1.00 11.78 ? 100 TRP A CZ3  1 
ATOM   952  C CH2  . TRP A 1 104 ? -1.596  -6.520  6.220   1.00 12.92 ? 100 TRP A CH2  1 
ATOM   953  H H    . TRP A 1 104 ? 2.109   -11.915 8.011   1.00 0.00  ? 100 TRP A H    1 
ATOM   954  H HE1  . TRP A 1 104 ? 1.375   -7.193  9.081   1.00 0.00  ? 100 TRP A HE1  1 
ATOM   955  N N    . ASP A 1 105 ? 1.382   -13.346 4.370   1.00 15.88 ? 101 ASP A N    1 
ATOM   956  C CA   . ASP A 1 105 ? 1.954   -14.508 3.701   1.00 18.86 ? 101 ASP A CA   1 
ATOM   957  C C    . ASP A 1 105 ? 2.074   -14.441 2.182   1.00 18.01 ? 101 ASP A C    1 
ATOM   958  O O    . ASP A 1 105 ? 2.659   -15.335 1.571   1.00 19.46 ? 101 ASP A O    1 
ATOM   959  C CB   . ASP A 1 105 ? 1.175   -15.763 4.114   1.00 20.26 ? 101 ASP A CB   1 
ATOM   960  C CG   . ASP A 1 105 ? -0.332  -15.575 4.027   1.00 25.49 ? 101 ASP A CG   1 
ATOM   961  O OD1  . ASP A 1 105 ? -0.835  -15.136 2.968   1.00 27.85 ? 101 ASP A OD1  1 
ATOM   962  O OD2  . ASP A 1 105 ? -1.019  -15.863 5.031   1.00 39.01 ? 101 ASP A OD2  1 
ATOM   963  H H    . ASP A 1 105 ? 0.519   -12.976 4.085   1.00 0.00  ? 101 ASP A H    1 
ATOM   964  N N    . SER A 1 106 ? 1.526   -13.391 1.579   1.00 14.13 ? 102 SER A N    1 
ATOM   965  C CA   . SER A 1 106 ? 1.569   -13.225 0.132   1.00 11.12 ? 102 SER A CA   1 
ATOM   966  C C    . SER A 1 106 ? 2.066   -11.814 -0.135  1.00 12.95 ? 102 SER A C    1 
ATOM   967  O O    . SER A 1 106 ? 1.661   -10.872 0.564   1.00 9.94  ? 102 SER A O    1 
ATOM   968  C CB   . SER A 1 106 ? 0.174   -13.416 -0.465  1.00 13.79 ? 102 SER A CB   1 
ATOM   969  O OG   . SER A 1 106 ? 0.235   -13.515 -1.879  1.00 31.21 ? 102 SER A OG   1 
ATOM   970  H H    . SER A 1 106 ? 1.093   -12.681 2.090   1.00 0.00  ? 102 SER A H    1 
ATOM   971  H HG   . SER A 1 106 ? 0.554   -14.409 -2.044  1.00 0.00  ? 102 SER A HG   1 
ATOM   972  N N    . TRP A 1 107 ? 2.912   -11.664 -1.151  1.00 10.02 ? 103 TRP A N    1 
ATOM   973  C CA   . TRP A 1 107 ? 3.492   -10.373 -1.476  1.00 8.70  ? 103 TRP A CA   1 
ATOM   974  C C    . TRP A 1 107 ? 3.487   -10.043 -2.965  1.00 11.82 ? 103 TRP A C    1 
ATOM   975  O O    . TRP A 1 107 ? 3.499   -10.937 -3.814  1.00 12.55 ? 103 TRP A O    1 
ATOM   976  C CB   . TRP A 1 107 ? 4.927   -10.335 -0.959  1.00 10.58 ? 103 TRP A CB   1 
ATOM   977  C CG   . TRP A 1 107 ? 5.027   -10.588 0.505   1.00 19.15 ? 103 TRP A CG   1 
ATOM   978  C CD1  . TRP A 1 107 ? 5.229   -11.796 1.126   1.00 20.38 ? 103 TRP A CD1  1 
ATOM   979  C CD2  . TRP A 1 107 ? 4.906   -9.618  1.551   1.00 18.98 ? 103 TRP A CD2  1 
ATOM   980  N NE1  . TRP A 1 107 ? 5.241   -11.628 2.489   1.00 19.47 ? 103 TRP A NE1  1 
ATOM   981  C CE2  . TRP A 1 107 ? 5.050   -10.301 2.777   1.00 21.15 ? 103 TRP A CE2  1 
ATOM   982  C CE3  . TRP A 1 107 ? 4.702   -8.230  1.566   1.00 15.94 ? 103 TRP A CE3  1 
ATOM   983  C CZ2  . TRP A 1 107 ? 4.983   -9.651  4.008   1.00 22.05 ? 103 TRP A CZ2  1 
ATOM   984  C CZ3  . TRP A 1 107 ? 4.638   -7.586  2.792   1.00 20.79 ? 103 TRP A CZ3  1 
ATOM   985  C CH2  . TRP A 1 107 ? 4.783   -8.296  3.995   1.00 24.36 ? 103 TRP A CH2  1 
ATOM   986  H H    . TRP A 1 107 ? 3.182   -12.422 -1.709  1.00 0.00  ? 103 TRP A H    1 
ATOM   987  H HE1  . TRP A 1 107 ? 5.393   -12.279 3.192   1.00 0.00  ? 103 TRP A HE1  1 
ATOM   988  N N    . GLY A 1 108 ? 3.419   -8.753  -3.272  1.00 10.12 ? 104 GLY A N    1 
ATOM   989  C CA   . GLY A 1 108 ? 3.439   -8.316  -4.653  1.00 11.51 ? 104 GLY A CA   1 
ATOM   990  C C    . GLY A 1 108 ? 4.881   -8.101  -5.078  1.00 11.91 ? 104 GLY A C    1 
ATOM   991  O O    . GLY A 1 108 ? 5.799   -8.402  -4.319  1.00 12.83 ? 104 GLY A O    1 
ATOM   992  H H    . GLY A 1 108 ? 3.359   -8.112  -2.545  1.00 0.00  ? 104 GLY A H    1 
ATOM   993  N N    . GLN A 1 109 ? 5.083   -7.561  -6.276  1.00 15.14 ? 105 GLN A N    1 
ATOM   994  C CA   . GLN A 1 109 ? 6.431   -7.319  -6.800  1.00 18.10 ? 105 GLN A CA   1 
ATOM   995  C C    . GLN A 1 109 ? 7.063   -5.990  -6.385  1.00 18.48 ? 105 GLN A C    1 
ATOM   996  O O    . GLN A 1 109 ? 8.280   -5.823  -6.481  1.00 18.24 ? 105 GLN A O    1 
ATOM   997  C CB   . GLN A 1 109 ? 6.431   -7.426  -8.326  1.00 24.36 ? 105 GLN A CB   1 
ATOM   998  C CG   . GLN A 1 109 ? 6.029   -8.792  -8.852  1.00 45.04 ? 105 GLN A CG   1 
ATOM   999  C CD   . GLN A 1 109 ? 6.089   -8.872  -10.366 1.00 58.26 ? 105 GLN A CD   1 
ATOM   1000 O OE1  . GLN A 1 109 ? 7.156   -8.722  -10.964 1.00 64.61 ? 105 GLN A OE1  1 
ATOM   1001 N NE2  . GLN A 1 109 ? 4.942   -9.098  -10.996 1.00 62.40 ? 105 GLN A NE2  1 
ATOM   1002 H H    . GLN A 1 109 ? 4.311   -7.336  -6.833  1.00 0.00  ? 105 GLN A H    1 
ATOM   1003 H HE21 . GLN A 1 109 ? 4.976   -9.147  -11.976 1.00 0.00  ? 105 GLN A HE21 1 
ATOM   1004 H HE22 . GLN A 1 109 ? 4.111   -9.197  -10.481 1.00 0.00  ? 105 GLN A HE22 1 
ATOM   1005 N N    . GLY A 1 110 ? 6.237   -5.047  -5.944  1.00 14.25 ? 106 GLY A N    1 
ATOM   1006 C CA   . GLY A 1 110 ? 6.738   -3.745  -5.535  1.00 12.58 ? 106 GLY A CA   1 
ATOM   1007 C C    . GLY A 1 110 ? 6.638   -2.723  -6.652  1.00 13.79 ? 106 GLY A C    1 
ATOM   1008 O O    . GLY A 1 110 ? 6.585   -3.080  -7.837  1.00 14.22 ? 106 GLY A O    1 
ATOM   1009 H H    . GLY A 1 110 ? 5.296   -5.237  -5.919  1.00 0.00  ? 106 GLY A H    1 
ATOM   1010 N N    . THR A 1 111 ? 6.549   -1.451  -6.283  1.00 10.39 ? 107 THR A N    1 
ATOM   1011 C CA   . THR A 1 111 ? 6.472   -0.385  -7.266  1.00 10.96 ? 107 THR A CA   1 
ATOM   1012 C C    . THR A 1 111 ? 7.292   0.781   -6.715  1.00 11.41 ? 107 THR A C    1 
ATOM   1013 O O    . THR A 1 111 ? 7.288   1.037   -5.512  1.00 11.31 ? 107 THR A O    1 
ATOM   1014 C CB   . THR A 1 111 ? 4.987   0.005   -7.576  1.00 15.19 ? 107 THR A CB   1 
ATOM   1015 O OG1  . THR A 1 111 ? 4.941   0.923   -8.681  1.00 18.72 ? 107 THR A OG1  1 
ATOM   1016 C CG2  . THR A 1 111 ? 4.307   0.618   -6.371  1.00 10.92 ? 107 THR A CG2  1 
ATOM   1017 H H    . THR A 1 111 ? 6.518   -1.211  -5.326  1.00 0.00  ? 107 THR A H    1 
ATOM   1018 H HG1  . THR A 1 111 ? 5.378   0.450   -9.400  1.00 0.00  ? 107 THR A HG1  1 
ATOM   1019 N N    . GLN A 1 112 ? 8.066   1.429   -7.582  1.00 10.82 ? 108 GLN A N    1 
ATOM   1020 C CA   . GLN A 1 112 ? 8.917   2.541   -7.165  1.00 9.19  ? 108 GLN A CA   1 
ATOM   1021 C C    . GLN A 1 112 ? 8.235   3.907   -7.204  1.00 8.73  ? 108 GLN A C    1 
ATOM   1022 O O    . GLN A 1 112 ? 7.614   4.284   -8.205  1.00 8.51  ? 108 GLN A O    1 
ATOM   1023 C CB   . GLN A 1 112 ? 10.185  2.580   -8.023  1.00 12.20 ? 108 GLN A CB   1 
ATOM   1024 C CG   . GLN A 1 112 ? 11.121  3.758   -7.732  1.00 11.16 ? 108 GLN A CG   1 
ATOM   1025 C CD   . GLN A 1 112 ? 11.809  3.666   -6.380  1.00 14.95 ? 108 GLN A CD   1 
ATOM   1026 O OE1  . GLN A 1 112 ? 11.952  4.663   -5.668  1.00 19.85 ? 108 GLN A OE1  1 
ATOM   1027 N NE2  . GLN A 1 112 ? 12.274  2.481   -6.038  1.00 18.68 ? 108 GLN A NE2  1 
ATOM   1028 H H    . GLN A 1 112 ? 8.032   1.195   -8.540  1.00 0.00  ? 108 GLN A H    1 
ATOM   1029 H HE21 . GLN A 1 112 ? 12.679  2.463   -5.144  1.00 0.00  ? 108 GLN A HE21 1 
ATOM   1030 H HE22 . GLN A 1 112 ? 12.227  1.709   -6.624  1.00 0.00  ? 108 GLN A HE22 1 
ATOM   1031 N N    . VAL A 1 113 ? 8.366   4.641   -6.106  1.00 8.10  ? 109 VAL A N    1 
ATOM   1032 C CA   . VAL A 1 113 ? 7.807   5.986   -5.984  1.00 7.04  ? 109 VAL A CA   1 
ATOM   1033 C C    . VAL A 1 113 ? 9.009   6.886   -5.695  1.00 6.89  ? 109 VAL A C    1 
ATOM   1034 O O    . VAL A 1 113 ? 9.686   6.720   -4.676  1.00 6.59  ? 109 VAL A O    1 
ATOM   1035 C CB   . VAL A 1 113 ? 6.799   6.087   -4.804  1.00 7.56  ? 109 VAL A CB   1 
ATOM   1036 C CG1  . VAL A 1 113 ? 6.315   7.511   -4.643  1.00 9.33  ? 109 VAL A CG1  1 
ATOM   1037 C CG2  . VAL A 1 113 ? 5.606   5.156   -5.041  1.00 7.81  ? 109 VAL A CG2  1 
ATOM   1038 H H    . VAL A 1 113 ? 8.882   4.294   -5.341  1.00 0.00  ? 109 VAL A H    1 
ATOM   1039 N N    . THR A 1 114 ? 9.307   7.798   -6.614  1.00 6.49  ? 110 THR A N    1 
ATOM   1040 C CA   . THR A 1 114 ? 10.430  8.703   -6.434  1.00 6.63  ? 110 THR A CA   1 
ATOM   1041 C C    . THR A 1 114 ? 9.908   10.116  -6.341  1.00 5.46  ? 110 THR A C    1 
ATOM   1042 O O    . THR A 1 114 ? 9.281   10.614  -7.280  1.00 6.51  ? 110 THR A O    1 
ATOM   1043 C CB   . THR A 1 114 ? 11.437  8.619   -7.604  1.00 9.02  ? 110 THR A CB   1 
ATOM   1044 O OG1  . THR A 1 114 ? 11.847  7.258   -7.797  1.00 12.00 ? 110 THR A OG1  1 
ATOM   1045 C CG2  . THR A 1 114 ? 12.663  9.466   -7.297  1.00 7.64  ? 110 THR A CG2  1 
ATOM   1046 H H    . THR A 1 114 ? 8.766   7.886   -7.429  1.00 0.00  ? 110 THR A H    1 
ATOM   1047 H HG1  . THR A 1 114 ? 11.156  6.858   -8.351  1.00 0.00  ? 110 THR A HG1  1 
ATOM   1048 N N    . VAL A 1 115 ? 10.123  10.737  -5.185  1.00 6.62  ? 111 VAL A N    1 
ATOM   1049 C CA   . VAL A 1 115 ? 9.680   12.103  -4.957  1.00 7.48  ? 111 VAL A CA   1 
ATOM   1050 C C    . VAL A 1 115 ? 10.916  12.994  -4.956  1.00 11.54 ? 111 VAL A C    1 
ATOM   1051 O O    . VAL A 1 115 ? 11.825  12.800  -4.152  1.00 8.80  ? 111 VAL A O    1 
ATOM   1052 C CB   . VAL A 1 115 ? 8.950   12.258  -3.599  1.00 3.93  ? 111 VAL A CB   1 
ATOM   1053 C CG1  . VAL A 1 115 ? 8.350   13.652  -3.476  1.00 4.48  ? 111 VAL A CG1  1 
ATOM   1054 C CG2  . VAL A 1 115 ? 7.869   11.198  -3.447  1.00 2.97  ? 111 VAL A CG2  1 
ATOM   1055 H H    . VAL A 1 115 ? 10.621  10.293  -4.458  1.00 0.00  ? 111 VAL A H    1 
ATOM   1056 N N    . SER A 1 116 ? 10.961  13.958  -5.866  1.00 10.62 ? 112 SER A N    1 
ATOM   1057 C CA   . SER A 1 116 ? 12.104  14.856  -5.937  1.00 13.94 ? 112 SER A CA   1 
ATOM   1058 C C    . SER A 1 116 ? 11.669  16.257  -5.552  1.00 13.56 ? 112 SER A C    1 
ATOM   1059 O O    . SER A 1 116 ? 10.470  16.529  -5.423  1.00 13.14 ? 112 SER A O    1 
ATOM   1060 C CB   . SER A 1 116 ? 12.661  14.881  -7.357  1.00 16.94 ? 112 SER A CB   1 
ATOM   1061 O OG   . SER A 1 116 ? 11.737  15.501  -8.240  1.00 23.04 ? 112 SER A OG   1 
ATOM   1062 H H    . SER A 1 116 ? 10.216  14.115  -6.483  1.00 0.00  ? 112 SER A H    1 
ATOM   1063 H HG   . SER A 1 116 ? 11.653  16.461  -8.063  1.00 0.00  ? 112 SER A HG   1 
ATOM   1064 N N    . SER A 1 117 ? 12.645  17.134  -5.341  1.00 15.41 ? 113 SER A N    1 
ATOM   1065 C CA   . SER A 1 117 ? 12.363  18.524  -5.008  1.00 19.94 ? 113 SER A CA   1 
ATOM   1066 C C    . SER A 1 117 ? 11.802  19.217  -6.256  1.00 21.50 ? 113 SER A C    1 
ATOM   1067 O O    . SER A 1 117 ? 11.177  20.284  -6.101  1.00 25.17 ? 113 SER A O    1 
ATOM   1068 C CB   . SER A 1 117 ? 13.642  19.229  -4.545  1.00 22.19 ? 113 SER A CB   1 
ATOM   1069 O OG   . SER A 1 117 ? 14.221  18.552  -3.439  1.00 28.00 ? 113 SER A OG   1 
ATOM   1070 O OXT  . SER A 1 117 ? 11.968  18.674  -7.375  1.00 21.67 ? 113 SER A OXT  1 
ATOM   1071 H H    . SER A 1 117 ? 13.595  16.865  -5.379  1.00 0.00  ? 113 SER A H    1 
ATOM   1072 H HG   . SER A 1 117 ? 13.539  18.505  -2.764  1.00 0.00  ? 113 SER A HG   1 
HETATM 1073 O O    . HOH B 2 .   ? 10.362  6.194   2.590   1.00 18.96 ? 114 HOH A O    1 
HETATM 1074 H H1   . HOH B 2 .   ? 10.924  6.472   1.860   1.00 0.00  ? 114 HOH A H1   1 
HETATM 1075 H H2   . HOH B 2 .   ? 10.332  6.985   3.136   1.00 0.00  ? 114 HOH A H2   1 
HETATM 1076 O O    . HOH B 2 .   ? 7.770   6.671   12.509  1.00 22.62 ? 115 HOH A O    1 
HETATM 1077 H H1   . HOH B 2 .   ? 8.471   6.579   11.844  1.00 0.00  ? 115 HOH A H1   1 
HETATM 1078 H H2   . HOH B 2 .   ? 7.002   6.306   12.032  1.00 0.00  ? 115 HOH A H2   1 
HETATM 1079 O O    . HOH B 2 .   ? 14.391  11.766  -4.172  1.00 34.12 ? 116 HOH A O    1 
HETATM 1080 H H1   . HOH B 2 .   ? 15.348  11.690  -4.234  1.00 0.00  ? 116 HOH A H1   1 
HETATM 1081 H H2   . HOH B 2 .   ? 14.135  10.993  -3.663  1.00 0.00  ? 116 HOH A H2   1 
HETATM 1082 O O    . HOH B 2 .   ? 7.875   9.665   5.765   1.00 20.61 ? 117 HOH A O    1 
HETATM 1083 H H1   . HOH B 2 .   ? 8.705   9.599   6.253   1.00 0.00  ? 117 HOH A H1   1 
HETATM 1084 H H2   . HOH B 2 .   ? 8.131   9.534   4.856   1.00 0.00  ? 117 HOH A H2   1 
HETATM 1085 O O    . HOH B 2 .   ? -3.583  -10.213 9.121   1.00 38.96 ? 118 HOH A O    1 
HETATM 1086 H H1   . HOH B 2 .   ? -3.530  -10.476 8.189   1.00 0.00  ? 118 HOH A H1   1 
HETATM 1087 H H2   . HOH B 2 .   ? -4.338  -9.622  9.131   1.00 0.00  ? 118 HOH A H2   1 
HETATM 1088 O O    . HOH B 2 .   ? -9.933  7.643   10.005  1.00 36.24 ? 119 HOH A O    1 
HETATM 1089 H H1   . HOH B 2 .   ? -10.546 7.938   10.688  1.00 0.00  ? 119 HOH A H1   1 
HETATM 1090 H H2   . HOH B 2 .   ? -9.831  8.437   9.470   1.00 0.00  ? 119 HOH A H2   1 
HETATM 1091 O O    . HOH B 2 .   ? -12.703 0.948   1.635   1.00 7.24  ? 120 HOH A O    1 
HETATM 1092 H H1   . HOH B 2 .   ? -13.282 0.877   2.401   1.00 0.00  ? 120 HOH A H1   1 
HETATM 1093 H H2   . HOH B 2 .   ? -11.946 1.446   2.010   1.00 0.00  ? 120 HOH A H2   1 
HETATM 1094 O O    . HOH B 2 .   ? -12.449 -5.519  14.291  1.00 8.77  ? 121 HOH A O    1 
HETATM 1095 H H1   . HOH B 2 .   ? -12.986 -4.872  14.746  1.00 0.00  ? 121 HOH A H1   1 
HETATM 1096 H H2   . HOH B 2 .   ? -11.827 -5.890  14.922  1.00 0.00  ? 121 HOH A H2   1 
HETATM 1097 O O    . HOH B 2 .   ? -6.677  -2.635  9.271   1.00 35.46 ? 122 HOH A O    1 
HETATM 1098 H H1   . HOH B 2 .   ? -6.109  -1.982  8.827   1.00 0.00  ? 122 HOH A H1   1 
HETATM 1099 H H2   . HOH B 2 .   ? -7.562  -2.278  9.103   1.00 0.00  ? 122 HOH A H2   1 
HETATM 1100 O O    . HOH B 2 .   ? -9.352  6.134   6.325   1.00 21.67 ? 123 HOH A O    1 
HETATM 1101 H H1   . HOH B 2 .   ? -10.129 6.693   6.368   1.00 0.00  ? 123 HOH A H1   1 
HETATM 1102 H H2   . HOH B 2 .   ? -9.530  5.440   6.969   1.00 0.00  ? 123 HOH A H2   1 
HETATM 1103 O O    . HOH B 2 .   ? -2.491  -3.299  -10.050 1.00 22.41 ? 124 HOH A O    1 
HETATM 1104 H H1   . HOH B 2 .   ? -2.342  -4.106  -9.552  1.00 0.00  ? 124 HOH A H1   1 
HETATM 1105 H H2   . HOH B 2 .   ? -3.334  -3.450  -10.484 1.00 0.00  ? 124 HOH A H2   1 
HETATM 1106 O O    . HOH B 2 .   ? 2.680   3.666   -13.404 1.00 30.54 ? 125 HOH A O    1 
HETATM 1107 H H1   . HOH B 2 .   ? 1.763   3.899   -13.160 1.00 0.00  ? 125 HOH A H1   1 
HETATM 1108 H H2   . HOH B 2 .   ? 3.199   4.219   -12.799 1.00 0.00  ? 125 HOH A H2   1 
HETATM 1109 O O    . HOH B 2 .   ? -2.281  2.908   -12.180 1.00 49.94 ? 126 HOH A O    1 
HETATM 1110 H H1   . HOH B 2 .   ? -2.363  1.948   -12.123 1.00 0.00  ? 126 HOH A H1   1 
HETATM 1111 H H2   . HOH B 2 .   ? -2.780  3.144   -12.968 1.00 0.00  ? 126 HOH A H2   1 
HETATM 1112 O O    . HOH B 2 .   ? 6.962   8.676   -13.683 1.00 18.70 ? 127 HOH A O    1 
HETATM 1113 H H1   . HOH B 2 .   ? 6.503   8.869   -14.529 1.00 0.00  ? 127 HOH A H1   1 
HETATM 1114 H H2   . HOH B 2 .   ? 7.181   7.749   -13.771 1.00 0.00  ? 127 HOH A H2   1 
HETATM 1115 O O    . HOH B 2 .   ? 4.289   15.233  -9.661  1.00 13.76 ? 128 HOH A O    1 
HETATM 1116 H H1   . HOH B 2 .   ? 3.450   15.482  -9.232  1.00 0.00  ? 128 HOH A H1   1 
HETATM 1117 H H2   . HOH B 2 .   ? 4.170   14.276  -9.775  1.00 0.00  ? 128 HOH A H2   1 
HETATM 1118 O O    . HOH B 2 .   ? -4.489  15.635  -7.845  1.00 18.96 ? 129 HOH A O    1 
HETATM 1119 H H1   . HOH B 2 .   ? -4.098  15.530  -6.974  1.00 0.00  ? 129 HOH A H1   1 
HETATM 1120 H H2   . HOH B 2 .   ? -5.184  16.287  -7.715  1.00 0.00  ? 129 HOH A H2   1 
HETATM 1121 O O    . HOH B 2 .   ? -0.575  16.609  -7.007  1.00 18.48 ? 130 HOH A O    1 
HETATM 1122 H H1   . HOH B 2 .   ? -0.501  17.451  -7.466  1.00 0.00  ? 130 HOH A H1   1 
HETATM 1123 H H2   . HOH B 2 .   ? -0.198  15.977  -7.629  1.00 0.00  ? 130 HOH A H2   1 
HETATM 1124 O O    . HOH B 2 .   ? 1.550   14.278  -8.786  1.00 15.23 ? 131 HOH A O    1 
HETATM 1125 H H1   . HOH B 2 .   ? 1.106   13.513  -8.389  1.00 0.00  ? 131 HOH A H1   1 
HETATM 1126 H H2   . HOH B 2 .   ? 1.510   14.078  -9.726  1.00 0.00  ? 131 HOH A H2   1 
HETATM 1127 O O    . HOH B 2 .   ? -7.681  -3.547  -10.704 1.00 29.59 ? 132 HOH A O    1 
HETATM 1128 H H1   . HOH B 2 .   ? -7.395  -3.980  -11.517 1.00 0.00  ? 132 HOH A H1   1 
HETATM 1129 H H2   . HOH B 2 .   ? -8.238  -4.236  -10.297 1.00 0.00  ? 132 HOH A H2   1 
HETATM 1130 O O    . HOH B 2 .   ? -12.992 -6.780  10.673  1.00 22.86 ? 133 HOH A O    1 
HETATM 1131 H H1   . HOH B 2 .   ? -13.200 -6.805  11.613  1.00 0.00  ? 133 HOH A H1   1 
HETATM 1132 H H2   . HOH B 2 .   ? -12.183 -7.332  10.670  1.00 0.00  ? 133 HOH A H2   1 
HETATM 1133 O O    . HOH B 2 .   ? 10.829  -4.266  -0.067  1.00 29.94 ? 134 HOH A O    1 
HETATM 1134 H H1   . HOH B 2 .   ? 10.883  -3.309  -0.141  1.00 0.00  ? 134 HOH A H1   1 
HETATM 1135 H H2   . HOH B 2 .   ? 11.619  -4.497  0.433   1.00 0.00  ? 134 HOH A H2   1 
HETATM 1136 O O    . HOH B 2 .   ? -7.711  -7.172  10.990  1.00 13.73 ? 135 HOH A O    1 
HETATM 1137 H H1   . HOH B 2 .   ? -7.052  -7.852  10.820  1.00 0.00  ? 135 HOH A H1   1 
HETATM 1138 H H2   . HOH B 2 .   ? -7.801  -6.737  10.136  1.00 0.00  ? 135 HOH A H2   1 
HETATM 1139 O O    . HOH B 2 .   ? -17.710 -2.318  4.737   1.00 38.34 ? 136 HOH A O    1 
HETATM 1140 H H1   . HOH B 2 .   ? -17.223 -3.009  5.182   1.00 0.00  ? 136 HOH A H1   1 
HETATM 1141 H H2   . HOH B 2 .   ? -18.292 -2.793  4.133   1.00 0.00  ? 136 HOH A H2   1 
HETATM 1142 O O    . HOH B 2 .   ? -18.687 -5.140  3.477   1.00 51.11 ? 137 HOH A O    1 
HETATM 1143 H H1   . HOH B 2 .   ? -19.304 -5.845  3.263   1.00 0.00  ? 137 HOH A H1   1 
HETATM 1144 H H2   . HOH B 2 .   ? -18.065 -5.550  4.094   1.00 0.00  ? 137 HOH A H2   1 
HETATM 1145 O O    . HOH B 2 .   ? -17.676 -9.441  -4.288  1.00 53.06 ? 138 HOH A O    1 
HETATM 1146 H H1   . HOH B 2 .   ? -17.840 -9.444  -3.343  1.00 0.00  ? 138 HOH A H1   1 
HETATM 1147 H H2   . HOH B 2 .   ? -18.315 -10.044 -4.658  1.00 0.00  ? 138 HOH A H2   1 
HETATM 1148 O O    . HOH B 2 .   ? 6.685   -1.953  10.461  1.00 51.23 ? 139 HOH A O    1 
HETATM 1149 H H1   . HOH B 2 .   ? 6.237   -2.403  11.205  1.00 0.00  ? 139 HOH A H1   1 
HETATM 1150 H H2   . HOH B 2 .   ? 7.516   -1.685  10.905  1.00 0.00  ? 139 HOH A H2   1 
HETATM 1151 O O    . HOH B 2 .   ? -4.373  8.838   7.354   1.00 10.13 ? 140 HOH A O    1 
HETATM 1152 H H1   . HOH B 2 .   ? -4.282  8.538   6.433   1.00 0.00  ? 140 HOH A H1   1 
HETATM 1153 H H2   . HOH B 2 .   ? -5.305  8.691   7.529   1.00 0.00  ? 140 HOH A H2   1 
HETATM 1154 O O    . HOH B 2 .   ? -19.611 -1.869  -6.985  1.00 79.39 ? 141 HOH A O    1 
HETATM 1155 H H1   . HOH B 2 .   ? -20.236 -1.383  -7.547  1.00 0.00  ? 141 HOH A H1   1 
HETATM 1156 H H2   . HOH B 2 .   ? -18.763 -1.485  -7.344  1.00 0.00  ? 141 HOH A H2   1 
HETATM 1157 O O    . HOH B 2 .   ? 15.898  15.840  -6.275  1.00 34.68 ? 142 HOH A O    1 
HETATM 1158 H H1   . HOH B 2 .   ? 16.778  16.175  -6.042  1.00 0.00  ? 142 HOH A H1   1 
HETATM 1159 H H2   . HOH B 2 .   ? 16.019  15.485  -7.163  1.00 0.00  ? 142 HOH A H2   1 
HETATM 1160 O O    . HOH B 2 .   ? 14.002  22.466  -6.627  1.00 17.70 ? 143 HOH A O    1 
HETATM 1161 H H1   . HOH B 2 .   ? 14.242  21.617  -7.026  1.00 0.00  ? 143 HOH A H1   1 
HETATM 1162 H H2   . HOH B 2 .   ? 13.165  22.254  -6.171  1.00 0.00  ? 143 HOH A H2   1 
HETATM 1163 O O    . HOH B 2 .   ? -0.804  16.515  -2.174  1.00 8.90  ? 144 HOH A O    1 
HETATM 1164 H H1   . HOH B 2 .   ? -0.902  17.115  -1.427  1.00 0.00  ? 144 HOH A H1   1 
HETATM 1165 H H2   . HOH B 2 .   ? -0.011  16.853  -2.615  1.00 0.00  ? 144 HOH A H2   1 
HETATM 1166 O O    . HOH B 2 .   ? 16.606  10.592  -5.402  1.00 54.82 ? 145 HOH A O    1 
HETATM 1167 H H1   . HOH B 2 .   ? 16.477  11.446  -5.832  1.00 0.00  ? 145 HOH A H1   1 
HETATM 1168 H H2   . HOH B 2 .   ? 17.401  10.241  -5.811  1.00 0.00  ? 145 HOH A H2   1 
HETATM 1169 O O    . HOH B 2 .   ? 10.723  8.560   6.023   1.00 25.55 ? 146 HOH A O    1 
HETATM 1170 H H1   . HOH B 2 .   ? 11.502  8.587   5.460   1.00 0.00  ? 146 HOH A H1   1 
HETATM 1171 H H2   . HOH B 2 .   ? 11.080  8.467   6.915   1.00 0.00  ? 146 HOH A H2   1 
HETATM 1172 O O    . HOH B 2 .   ? 15.456  12.218  1.109   1.00 24.50 ? 147 HOH A O    1 
HETATM 1173 H H1   . HOH B 2 .   ? 15.370  12.946  1.722   1.00 0.00  ? 147 HOH A H1   1 
HETATM 1174 H H2   . HOH B 2 .   ? 14.546  12.055  0.828   1.00 0.00  ? 147 HOH A H2   1 
HETATM 1175 O O    . HOH B 2 .   ? 15.757  10.495  3.619   1.00 17.36 ? 148 HOH A O    1 
HETATM 1176 H H1   . HOH B 2 .   ? 14.830  10.718  3.579   1.00 0.00  ? 148 HOH A H1   1 
HETATM 1177 H H2   . HOH B 2 .   ? 16.220  11.296  3.843   1.00 0.00  ? 148 HOH A H2   1 
HETATM 1178 O O    . HOH B 2 .   ? 11.879  1.780   4.687   1.00 18.26 ? 149 HOH A O    1 
HETATM 1179 H H1   . HOH B 2 .   ? 10.965  1.642   4.402   1.00 0.00  ? 149 HOH A H1   1 
HETATM 1180 H H2   . HOH B 2 .   ? 12.037  1.001   5.240   1.00 0.00  ? 149 HOH A H2   1 
HETATM 1181 O O    . HOH B 2 .   ? 8.912   6.400   9.711   1.00 44.21 ? 150 HOH A O    1 
HETATM 1182 H H1   . HOH B 2 .   ? 9.823   6.716   9.832   1.00 0.00  ? 150 HOH A H1   1 
HETATM 1183 H H2   . HOH B 2 .   ? 8.988   5.847   8.929   1.00 0.00  ? 150 HOH A H2   1 
HETATM 1184 O O    . HOH B 2 .   ? 3.172   -1.484  13.620  1.00 66.47 ? 151 HOH A O    1 
HETATM 1185 H H1   . HOH B 2 .   ? 2.506   -1.207  14.266  1.00 0.00  ? 151 HOH A H1   1 
HETATM 1186 H H2   . HOH B 2 .   ? 3.456   -2.360  13.957  1.00 0.00  ? 151 HOH A H2   1 
HETATM 1187 O O    . HOH B 2 .   ? -4.264  6.994   16.046  1.00 45.31 ? 152 HOH A O    1 
HETATM 1188 H H1   . HOH B 2 .   ? -3.626  6.352   15.669  1.00 0.00  ? 152 HOH A H1   1 
HETATM 1189 H H2   . HOH B 2 .   ? -5.047  6.427   16.229  1.00 0.00  ? 152 HOH A H2   1 
HETATM 1190 O O    . HOH B 2 .   ? -7.633  5.263   -1.186  1.00 18.27 ? 153 HOH A O    1 
HETATM 1191 H H1   . HOH B 2 .   ? -7.832  5.711   -2.018  1.00 0.00  ? 153 HOH A H1   1 
HETATM 1192 H H2   . HOH B 2 .   ? -6.786  5.614   -0.915  1.00 0.00  ? 153 HOH A H2   1 
HETATM 1193 O O    . HOH B 2 .   ? -10.834 13.636  0.934   1.00 34.00 ? 154 HOH A O    1 
HETATM 1194 H H1   . HOH B 2 .   ? -10.131 13.064  1.252   1.00 0.00  ? 154 HOH A H1   1 
HETATM 1195 H H2   . HOH B 2 .   ? -10.377 14.456  0.702   1.00 0.00  ? 154 HOH A H2   1 
HETATM 1196 O O    . HOH B 2 .   ? -8.253  8.161   -4.172  1.00 26.00 ? 155 HOH A O    1 
HETATM 1197 H H1   . HOH B 2 .   ? -7.298  8.243   -4.302  1.00 0.00  ? 155 HOH A H1   1 
HETATM 1198 H H2   . HOH B 2 .   ? -8.598  8.982   -4.540  1.00 0.00  ? 155 HOH A H2   1 
HETATM 1199 O O    . HOH B 2 .   ? -13.790 6.472   -0.463  1.00 39.01 ? 156 HOH A O    1 
HETATM 1200 H H1   . HOH B 2 .   ? -14.397 7.026   -0.989  1.00 0.00  ? 156 HOH A H1   1 
HETATM 1201 H H2   . HOH B 2 .   ? -13.923 6.793   0.436   1.00 0.00  ? 156 HOH A H2   1 
HETATM 1202 O O    . HOH B 2 .   ? -2.898  3.352   -9.472  1.00 27.33 ? 157 HOH A O    1 
HETATM 1203 H H1   . HOH B 2 .   ? -2.998  3.366   -10.440 1.00 0.00  ? 157 HOH A H1   1 
HETATM 1204 H H2   . HOH B 2 .   ? -2.437  4.183   -9.295  1.00 0.00  ? 157 HOH A H2   1 
HETATM 1205 O O    . HOH B 2 .   ? 0.249   7.952   -12.080 1.00 20.97 ? 158 HOH A O    1 
HETATM 1206 H H1   . HOH B 2 .   ? 1.167   7.894   -12.420 1.00 0.00  ? 158 HOH A H1   1 
HETATM 1207 H H2   . HOH B 2 .   ? 0.359   7.470   -11.251 1.00 0.00  ? 158 HOH A H2   1 
HETATM 1208 O O    . HOH B 2 .   ? -6.921  7.075   -12.332 1.00 17.71 ? 159 HOH A O    1 
HETATM 1209 H H1   . HOH B 2 .   ? -7.660  6.827   -12.906 1.00 0.00  ? 159 HOH A H1   1 
HETATM 1210 H H2   . HOH B 2 .   ? -6.691  7.950   -12.654 1.00 0.00  ? 159 HOH A H2   1 
HETATM 1211 O O    . HOH B 2 .   ? -13.083 4.718   -12.457 1.00 30.93 ? 160 HOH A O    1 
HETATM 1212 H H1   . HOH B 2 .   ? -12.742 4.053   -11.854 1.00 0.00  ? 160 HOH A H1   1 
HETATM 1213 H H2   . HOH B 2 .   ? -13.849 5.069   -11.989 1.00 0.00  ? 160 HOH A H2   1 
HETATM 1214 O O    . HOH B 2 .   ? -17.480 -7.514  1.793   1.00 55.10 ? 161 HOH A O    1 
HETATM 1215 H H1   . HOH B 2 .   ? -17.673 -6.578  2.010   1.00 0.00  ? 161 HOH A H1   1 
HETATM 1216 H H2   . HOH B 2 .   ? -17.176 -7.850  2.646   1.00 0.00  ? 161 HOH A H2   1 
HETATM 1217 O O    . HOH B 2 .   ? 3.894   22.042  -11.490 1.00 42.33 ? 162 HOH A O    1 
HETATM 1218 H H1   . HOH B 2 .   ? 4.372   21.217  -11.622 1.00 0.00  ? 162 HOH A H1   1 
HETATM 1219 H H2   . HOH B 2 .   ? 3.638   22.286  -12.383 1.00 0.00  ? 162 HOH A H2   1 
HETATM 1220 O O    . HOH B 2 .   ? 10.374  21.013  -1.122  1.00 63.29 ? 163 HOH A O    1 
HETATM 1221 H H1   . HOH B 2 .   ? 10.419  21.178  -2.097  1.00 0.00  ? 163 HOH A H1   1 
HETATM 1222 H H2   . HOH B 2 .   ? 10.000  21.883  -0.850  1.00 0.00  ? 163 HOH A H2   1 
HETATM 1223 O O    . HOH B 2 .   ? 9.025   18.142  1.341   1.00 48.23 ? 164 HOH A O    1 
HETATM 1224 H H1   . HOH B 2 .   ? 8.915   19.070  1.108   1.00 0.00  ? 164 HOH A H1   1 
HETATM 1225 H H2   . HOH B 2 .   ? 9.927   18.123  1.699   1.00 0.00  ? 164 HOH A H2   1 
HETATM 1226 O O    . HOH B 2 .   ? -9.665  -7.535  -12.053 1.00 76.63 ? 165 HOH A O    1 
HETATM 1227 H H1   . HOH B 2 .   ? -9.389  -6.911  -11.358 1.00 0.00  ? 165 HOH A H1   1 
HETATM 1228 H H2   . HOH B 2 .   ? -10.502 -7.914  -11.757 1.00 0.00  ? 165 HOH A H2   1 
HETATM 1229 O O    . HOH B 2 .   ? 10.823  -4.394  -5.406  1.00 59.38 ? 166 HOH A O    1 
HETATM 1230 H H1   . HOH B 2 .   ? 10.527  -5.303  -5.551  1.00 0.00  ? 166 HOH A H1   1 
HETATM 1231 H H2   . HOH B 2 .   ? 11.734  -4.498  -5.106  1.00 0.00  ? 166 HOH A H2   1 
HETATM 1232 O O    . HOH B 2 .   ? -16.467 -2.497  -2.187  1.00 29.38 ? 167 HOH A O    1 
HETATM 1233 H H1   . HOH B 2 .   ? -17.254 -2.382  -1.616  1.00 0.00  ? 167 HOH A H1   1 
HETATM 1234 H H2   . HOH B 2 .   ? -16.873 -2.379  -3.068  1.00 0.00  ? 167 HOH A H2   1 
HETATM 1235 O O    . HOH B 2 .   ? 11.030  24.402  -8.880  1.00 53.61 ? 168 HOH A O    1 
HETATM 1236 H H1   . HOH B 2 .   ? 11.636  24.165  -9.613  1.00 0.00  ? 168 HOH A H1   1 
HETATM 1237 H H2   . HOH B 2 .   ? 11.212  23.690  -8.242  1.00 0.00  ? 168 HOH A H2   1 
HETATM 1238 O O    . HOH B 2 .   ? 2.107   -14.268 15.906  1.00 41.38 ? 169 HOH A O    1 
HETATM 1239 H H1   . HOH B 2 .   ? 1.170   -14.310 16.163  1.00 0.00  ? 169 HOH A H1   1 
HETATM 1240 H H2   . HOH B 2 .   ? 2.073   -14.551 14.983  1.00 0.00  ? 169 HOH A H2   1 
HETATM 1241 O O    . HOH B 2 .   ? 1.425   -12.474 -4.718  1.00 23.05 ? 170 HOH A O    1 
HETATM 1242 H H1   . HOH B 2 .   ? 1.145   -12.579 -3.786  1.00 0.00  ? 170 HOH A H1   1 
HETATM 1243 H H2   . HOH B 2 .   ? 2.191   -11.880 -4.661  1.00 0.00  ? 170 HOH A H2   1 
HETATM 1244 O O    . HOH B 2 .   ? 16.301  7.996   -2.743  1.00 60.75 ? 171 HOH A O    1 
HETATM 1245 H H1   . HOH B 2 .   ? 15.469  8.239   -2.288  1.00 0.00  ? 171 HOH A H1   1 
HETATM 1246 H H2   . HOH B 2 .   ? 16.648  8.893   -2.939  1.00 0.00  ? 171 HOH A H2   1 
HETATM 1247 O O    . HOH B 2 .   ? 13.821  2.939   -3.783  1.00 35.53 ? 172 HOH A O    1 
HETATM 1248 H H1   . HOH B 2 .   ? 14.261  3.710   -4.244  1.00 0.00  ? 172 HOH A H1   1 
HETATM 1249 H H2   . HOH B 2 .   ? 14.407  2.825   -3.010  1.00 0.00  ? 172 HOH A H2   1 
HETATM 1250 O O    . HOH B 2 .   ? 14.244  15.043  -12.085 1.00 38.76 ? 173 HOH A O    1 
HETATM 1251 H H1   . HOH B 2 .   ? 13.764  15.313  -11.301 1.00 0.00  ? 173 HOH A H1   1 
HETATM 1252 H H2   . HOH B 2 .   ? 14.026  14.105  -12.165 1.00 0.00  ? 173 HOH A H2   1 
HETATM 1253 O O    . HOH B 2 .   ? -2.886  -9.924  -9.482  1.00 48.11 ? 174 HOH A O    1 
HETATM 1254 H H1   . HOH B 2 .   ? -2.710  -10.796 -9.137  1.00 0.00  ? 174 HOH A H1   1 
HETATM 1255 H H2   . HOH B 2 .   ? -3.180  -9.417  -8.715  1.00 0.00  ? 174 HOH A H2   1 
HETATM 1256 O O    . HOH B 2 .   ? 7.030   19.683  11.443  1.00 59.27 ? 175 HOH A O    1 
HETATM 1257 H H1   . HOH B 2 .   ? 6.061   19.518  11.399  1.00 0.00  ? 175 HOH A H1   1 
HETATM 1258 H H2   . HOH B 2 .   ? 7.055   20.246  12.233  1.00 0.00  ? 175 HOH A H2   1 
HETATM 1259 O O    . HOH B 2 .   ? -8.033  0.296   -10.652 1.00 30.22 ? 176 HOH A O    1 
HETATM 1260 H H1   . HOH B 2 .   ? -8.550  -0.050  -11.389 1.00 0.00  ? 176 HOH A H1   1 
HETATM 1261 H H2   . HOH B 2 .   ? -7.134  0.314   -10.996 1.00 0.00  ? 176 HOH A H2   1 
HETATM 1262 O O    . HOH B 2 .   ? 8.452   -2.373  0.047   1.00 12.45 ? 177 HOH A O    1 
HETATM 1263 H H1   . HOH B 2 .   ? 8.706   -1.446  0.045   1.00 0.00  ? 177 HOH A H1   1 
HETATM 1264 H H2   . HOH B 2 .   ? 8.847   -2.741  0.842   1.00 0.00  ? 177 HOH A H2   1 
HETATM 1265 O O    . HOH B 2 .   ? -11.485 3.701   8.868   1.00 63.04 ? 178 HOH A O    1 
HETATM 1266 H H1   . HOH B 2 .   ? -10.958 4.375   9.328   1.00 0.00  ? 178 HOH A H1   1 
HETATM 1267 H H2   . HOH B 2 .   ? -12.393 3.938   9.105   1.00 0.00  ? 178 HOH A H2   1 
HETATM 1268 O O    . HOH B 2 .   ? -11.420 1.543   10.571  1.00 43.31 ? 179 HOH A O    1 
HETATM 1269 H H1   . HOH B 2 .   ? -11.268 2.342   10.026  1.00 0.00  ? 179 HOH A H1   1 
HETATM 1270 H H2   . HOH B 2 .   ? -12.273 1.749   10.991  1.00 0.00  ? 179 HOH A H2   1 
HETATM 1271 O O    . HOH B 2 .   ? 5.688   4.839   11.762  1.00 22.07 ? 180 HOH A O    1 
HETATM 1272 H H1   . HOH B 2 .   ? 6.032   4.349   12.523  1.00 0.00  ? 180 HOH A H1   1 
HETATM 1273 H H2   . HOH B 2 .   ? 6.051   4.358   10.996  1.00 0.00  ? 180 HOH A H2   1 
HETATM 1274 O O    . HOH B 2 .   ? -8.828  17.475  -0.243  1.00 53.24 ? 181 HOH A O    1 
HETATM 1275 H H1   . HOH B 2 .   ? -8.356  16.779  -0.734  1.00 0.00  ? 181 HOH A H1   1 
HETATM 1276 H H2   . HOH B 2 .   ? -8.903  18.150  -0.961  1.00 0.00  ? 181 HOH A H2   1 
HETATM 1277 O O    . HOH B 2 .   ? -11.030 5.872   -1.550  1.00 64.93 ? 182 HOH A O    1 
HETATM 1278 H H1   . HOH B 2 .   ? -11.630 5.767   -2.326  1.00 0.00  ? 182 HOH A H1   1 
HETATM 1279 H H2   . HOH B 2 .   ? -11.619 6.411   -0.998  1.00 0.00  ? 182 HOH A H2   1 
HETATM 1280 O O    . HOH B 2 .   ? -8.259  -13.577 10.572  1.00 28.61 ? 183 HOH A O    1 
HETATM 1281 H H1   . HOH B 2 .   ? -8.144  -14.279 9.925   1.00 0.00  ? 183 HOH A H1   1 
HETATM 1282 H H2   . HOH B 2 .   ? -8.340  -12.777 10.011  1.00 0.00  ? 183 HOH A H2   1 
HETATM 1283 O O    . HOH B 2 .   ? -4.807  6.014   -10.269 1.00 21.57 ? 184 HOH A O    1 
HETATM 1284 H H1   . HOH B 2 .   ? -4.118  6.662   -10.202 1.00 0.00  ? 184 HOH A H1   1 
HETATM 1285 H H2   . HOH B 2 .   ? -5.385  6.353   -10.964 1.00 0.00  ? 184 HOH A H2   1 
HETATM 1286 O O    . HOH B 2 .   ? -10.293 -4.766  -11.872 1.00 56.15 ? 185 HOH A O    1 
HETATM 1287 H H1   . HOH B 2 .   ? -10.969 -5.450  -11.981 1.00 0.00  ? 185 HOH A H1   1 
HETATM 1288 H H2   . HOH B 2 .   ? -10.138 -4.466  -12.769 1.00 0.00  ? 185 HOH A H2   1 
HETATM 1289 O O    . HOH B 2 .   ? -9.930  -2.492  -13.693 1.00 75.38 ? 186 HOH A O    1 
HETATM 1290 H H1   . HOH B 2 .   ? -9.698  -2.835  -12.822 1.00 0.00  ? 186 HOH A H1   1 
HETATM 1291 H H2   . HOH B 2 .   ? -9.833  -3.235  -14.290 1.00 0.00  ? 186 HOH A H2   1 
HETATM 1292 O O    . HOH B 2 .   ? 1.843   -1.747  -20.852 1.00 74.80 ? 187 HOH A O    1 
HETATM 1293 H H1   . HOH B 2 .   ? 1.040   -1.604  -21.367 1.00 0.00  ? 187 HOH A H1   1 
HETATM 1294 H H2   . HOH B 2 .   ? 2.035   -0.892  -20.466 1.00 0.00  ? 187 HOH A H2   1 
HETATM 1295 O O    . HOH B 2 .   ? 10.238  21.772  -3.644  1.00 47.17 ? 188 HOH A O    1 
HETATM 1296 H H1   . HOH B 2 .   ? 10.501  21.331  -4.488  1.00 0.00  ? 188 HOH A H1   1 
HETATM 1297 H H2   . HOH B 2 .   ? 10.953  22.414  -3.523  1.00 0.00  ? 188 HOH A H2   1 
HETATM 1298 O O    . HOH B 2 .   ? 0.980   19.419  -0.328  1.00 31.04 ? 189 HOH A O    1 
HETATM 1299 H H1   . HOH B 2 .   ? 1.384   19.199  -1.179  1.00 0.00  ? 189 HOH A H1   1 
HETATM 1300 H H2   . HOH B 2 .   ? 1.197   20.349  -0.195  1.00 0.00  ? 189 HOH A H2   1 
HETATM 1301 O O    . HOH B 2 .   ? 6.087   17.997  0.783   1.00 35.75 ? 190 HOH A O    1 
HETATM 1302 H H1   . HOH B 2 .   ? 6.821   17.964  0.163   1.00 0.00  ? 190 HOH A H1   1 
HETATM 1303 H H2   . HOH B 2 .   ? 6.260   18.806  1.266   1.00 0.00  ? 190 HOH A H2   1 
HETATM 1304 O O    . HOH B 2 .   ? 6.690   21.402  3.642   1.00 64.31 ? 191 HOH A O    1 
HETATM 1305 H H1   . HOH B 2 .   ? 6.461   20.658  3.081   1.00 0.00  ? 191 HOH A H1   1 
HETATM 1306 H H2   . HOH B 2 .   ? 5.846   21.846  3.802   1.00 0.00  ? 191 HOH A H2   1 
HETATM 1307 O O    . HOH B 2 .   ? 4.243   24.049  5.176   1.00 49.60 ? 192 HOH A O    1 
HETATM 1308 H H1   . HOH B 2 .   ? 3.365   24.257  4.853   1.00 0.00  ? 192 HOH A H1   1 
HETATM 1309 H H2   . HOH B 2 .   ? 4.486   24.818  5.705   1.00 0.00  ? 192 HOH A H2   1 
HETATM 1310 O O    . HOH B 2 .   ? -8.966  -10.408 -9.451  1.00 36.68 ? 193 HOH A O    1 
HETATM 1311 H H1   . HOH B 2 .   ? -8.855  -9.852  -8.667  1.00 0.00  ? 193 HOH A H1   1 
HETATM 1312 H H2   . HOH B 2 .   ? -9.705  -10.012 -9.912  1.00 0.00  ? 193 HOH A H2   1 
HETATM 1313 O O    . HOH B 2 .   ? 15.265  5.199   -4.853  1.00 35.80 ? 194 HOH A O    1 
HETATM 1314 H H1   . HOH B 2 .   ? 16.028  4.663   -4.563  1.00 0.00  ? 194 HOH A H1   1 
HETATM 1315 H H2   . HOH B 2 .   ? 15.701  5.901   -5.342  1.00 0.00  ? 194 HOH A H2   1 
HETATM 1316 O O    . HOH B 2 .   ? 17.392  3.366   -4.981  1.00 54.24 ? 195 HOH A O    1 
HETATM 1317 H H1   . HOH B 2 .   ? 18.077  2.748   -4.706  1.00 0.00  ? 195 HOH A H1   1 
HETATM 1318 H H2   . HOH B 2 .   ? 17.839  3.889   -5.656  1.00 0.00  ? 195 HOH A H2   1 
HETATM 1319 O O    . HOH B 2 .   ? 18.430  -1.794  7.398   1.00 37.65 ? 196 HOH A O    1 
HETATM 1320 H H1   . HOH B 2 .   ? 19.102  -1.104  7.256   1.00 0.00  ? 196 HOH A H1   1 
HETATM 1321 H H2   . HOH B 2 .   ? 18.744  -2.217  8.200   1.00 0.00  ? 196 HOH A H2   1 
HETATM 1322 O O    . HOH B 2 .   ? 6.628   3.660   8.971   1.00 46.97 ? 197 HOH A O    1 
HETATM 1323 H H1   . HOH B 2 .   ? 6.173   2.762   8.991   1.00 0.00  ? 197 HOH A H1   1 
HETATM 1324 H H2   . HOH B 2 .   ? 6.819   3.627   7.991   1.00 0.00  ? 197 HOH A H2   1 
HETATM 1325 O O    . HOH B 2 .   ? 6.159   -6.620  8.257   1.00 61.28 ? 198 HOH A O    1 
HETATM 1326 H H1   . HOH B 2 .   ? 5.303   -6.431  8.642   1.00 0.00  ? 198 HOH A H1   1 
HETATM 1327 H H2   . HOH B 2 .   ? 6.620   -5.774  8.291   1.00 0.00  ? 198 HOH A H2   1 
HETATM 1328 O O    . HOH B 2 .   ? -5.776  -5.172  8.282   1.00 43.49 ? 199 HOH A O    1 
HETATM 1329 H H1   . HOH B 2 .   ? -5.822  -4.172  8.214   1.00 0.00  ? 199 HOH A H1   1 
HETATM 1330 H H2   . HOH B 2 .   ? -6.614  -5.392  7.826   1.00 0.00  ? 199 HOH A H2   1 
HETATM 1331 O O    . HOH B 2 .   ? 2.075   12.129  8.060   1.00 30.44 ? 200 HOH A O    1 
HETATM 1332 H H1   . HOH B 2 .   ? 1.303   12.055  8.639   1.00 0.00  ? 200 HOH A H1   1 
HETATM 1333 H H2   . HOH B 2 .   ? 2.659   11.388  8.323   1.00 0.00  ? 200 HOH A H2   1 
HETATM 1334 O O    . HOH B 2 .   ? -13.261 1.726   -5.295  1.00 38.27 ? 201 HOH A O    1 
HETATM 1335 H H1   . HOH B 2 .   ? -13.362 0.929   -4.765  1.00 0.00  ? 201 HOH A H1   1 
HETATM 1336 H H2   . HOH B 2 .   ? -13.793 1.591   -6.084  1.00 0.00  ? 201 HOH A H2   1 
HETATM 1337 O O    . HOH B 2 .   ? -17.949 -2.719  -4.731  1.00 53.54 ? 202 HOH A O    1 
HETATM 1338 H H1   . HOH B 2 .   ? -18.545 -2.102  -4.268  1.00 0.00  ? 202 HOH A H1   1 
HETATM 1339 H H2   . HOH B 2 .   ? -17.296 -2.100  -5.101  1.00 0.00  ? 202 HOH A H2   1 
HETATM 1340 O O    . HOH B 2 .   ? -20.240 -3.191  -1.427  1.00 82.51 ? 203 HOH A O    1 
HETATM 1341 H H1   . HOH B 2 .   ? -20.487 -3.974  -0.854  1.00 0.00  ? 203 HOH A H1   1 
HETATM 1342 H H2   . HOH B 2 .   ? -20.701 -2.502  -0.848  1.00 0.00  ? 203 HOH A H2   1 
HETATM 1343 O O    . HOH B 2 .   ? -17.090 -1.453  -7.989  1.00 71.95 ? 204 HOH A O    1 
HETATM 1344 H H1   . HOH B 2 .   ? -16.116 -1.564  -7.857  1.00 0.00  ? 204 HOH A H1   1 
HETATM 1345 H H2   . HOH B 2 .   ? -17.193 -2.261  -8.599  1.00 0.00  ? 204 HOH A H2   1 
HETATM 1346 O O    . HOH B 2 .   ? 15.198  10.136  -0.945  1.00 34.58 ? 205 HOH A O    1 
HETATM 1347 H H1   . HOH B 2 .   ? 15.372  10.589  -0.107  1.00 0.00  ? 205 HOH A H1   1 
HETATM 1348 H H2   . HOH B 2 .   ? 16.058  9.754   -1.156  1.00 0.00  ? 205 HOH A H2   1 
HETATM 1349 O O    . HOH B 2 .   ? 12.711  -4.240  -3.079  1.00 55.33 ? 206 HOH A O    1 
HETATM 1350 H H1   . HOH B 2 .   ? 11.787  -3.979  -2.918  1.00 0.00  ? 206 HOH A H1   1 
HETATM 1351 H H2   . HOH B 2 .   ? 13.172  -3.842  -2.322  1.00 0.00  ? 206 HOH A H2   1 
HETATM 1352 O O    . HOH B 2 .   ? 14.411  1.051   -1.913  1.00 26.30 ? 207 HOH A O    1 
HETATM 1353 H H1   . HOH B 2 .   ? 13.480  0.970   -1.674  1.00 0.00  ? 207 HOH A H1   1 
HETATM 1354 H H2   . HOH B 2 .   ? 14.412  0.801   -2.849  1.00 0.00  ? 207 HOH A H2   1 
HETATM 1355 O O    . HOH B 2 .   ? 3.641   -11.806 9.228   1.00 33.79 ? 208 HOH A O    1 
HETATM 1356 H H1   . HOH B 2 .   ? 4.185   -12.121 8.492   1.00 0.00  ? 208 HOH A H1   1 
HETATM 1357 H H2   . HOH B 2 .   ? 4.299   -11.572 9.887   1.00 0.00  ? 208 HOH A H2   1 
HETATM 1358 O O    . HOH B 2 .   ? 1.126   -17.154 -1.346  1.00 66.19 ? 209 HOH A O    1 
HETATM 1359 H H1   . HOH B 2 .   ? 1.337   -16.772 -0.475  1.00 0.00  ? 209 HOH A H1   1 
HETATM 1360 H H2   . HOH B 2 .   ? 1.040   -18.095 -1.123  1.00 0.00  ? 209 HOH A H2   1 
HETATM 1361 O O    . HOH B 2 .   ? 8.321   -8.377  -2.595  1.00 43.28 ? 210 HOH A O    1 
HETATM 1362 H H1   . HOH B 2 .   ? 8.328   -7.449  -2.351  1.00 0.00  ? 210 HOH A H1   1 
HETATM 1363 H H2   . HOH B 2 .   ? 7.545   -8.479  -3.158  1.00 0.00  ? 210 HOH A H2   1 
HETATM 1364 O O    . HOH B 2 .   ? 2.090   -9.353  -14.588 1.00 72.33 ? 211 HOH A O    1 
HETATM 1365 H H1   . HOH B 2 .   ? 1.165   -9.109  -14.523 1.00 0.00  ? 211 HOH A H1   1 
HETATM 1366 H H2   . HOH B 2 .   ? 2.179   -9.681  -15.484 1.00 0.00  ? 211 HOH A H2   1 
HETATM 1367 O O    . HOH B 2 .   ? 10.321  6.507   -10.240 1.00 46.43 ? 212 HOH A O    1 
HETATM 1368 H H1   . HOH B 2 .   ? 11.156  6.071   -10.449 1.00 0.00  ? 212 HOH A H1   1 
HETATM 1369 H H2   . HOH B 2 .   ? 9.753   6.231   -10.964 1.00 0.00  ? 212 HOH A H2   1 
HETATM 1370 O O    . HOH B 2 .   ? 5.615   -9.760  7.400   1.00 54.19 ? 213 HOH A O    1 
HETATM 1371 H H1   . HOH B 2 .   ? 6.072   -8.931  7.589   1.00 0.00  ? 213 HOH A H1   1 
HETATM 1372 H H2   . HOH B 2 .   ? 4.845   -9.721  7.964   1.00 0.00  ? 213 HOH A H2   1 
HETATM 1373 O O    . HOH B 2 .   ? 10.032  -7.624  7.017   1.00 46.92 ? 214 HOH A O    1 
HETATM 1374 H H1   . HOH B 2 .   ? 10.525  -8.204  7.591   1.00 0.00  ? 214 HOH A H1   1 
HETATM 1375 H H2   . HOH B 2 .   ? 10.144  -6.756  7.398   1.00 0.00  ? 214 HOH A H2   1 
HETATM 1376 O O    . HOH B 2 .   ? 13.465  -5.511  5.293   1.00 40.57 ? 215 HOH A O    1 
HETATM 1377 H H1   . HOH B 2 .   ? 13.964  -6.312  5.042   1.00 0.00  ? 215 HOH A H1   1 
HETATM 1378 H H2   . HOH B 2 .   ? 13.070  -5.787  6.134   1.00 0.00  ? 215 HOH A H2   1 
HETATM 1379 O O    . HOH B 2 .   ? 18.373  -1.873  2.183   1.00 53.74 ? 216 HOH A O    1 
HETATM 1380 H H1   . HOH B 2 .   ? 18.183  -1.530  3.067   1.00 0.00  ? 216 HOH A H1   1 
HETATM 1381 H H2   . HOH B 2 .   ? 17.656  -2.507  2.052   1.00 0.00  ? 216 HOH A H2   1 
# 
